data_1HK6
#
_entry.id   1HK6
#
_cell.length_a   1.000
_cell.length_b   1.000
_cell.length_c   1.000
_cell.angle_alpha   90.00
_cell.angle_beta   90.00
_cell.angle_gamma   90.00
#
_symmetry.space_group_name_H-M   'P 1'
#
_entity_poly.entity_id   1
_entity_poly.type   'polypeptide(L)'
_entity_poly.pdbx_seq_one_letter_code
;HMRQPPLVTGISPNEGIPWTKVTIRGENLGTGPTDLIGLTICGHNCLLTAEWMSASKIVCRVGQAKNDKGDIIVTTKSGG
KGTSTVSFKLLKPEK
;
_entity_poly.pdbx_strand_id   A
#
# COMPACT_ATOMS: atom_id res chain seq x y z
N HIS A 1 15.03 8.64 17.87
CA HIS A 1 14.26 9.91 17.82
C HIS A 1 13.72 10.15 16.41
N MET A 2 14.56 9.94 15.41
CA MET A 2 14.16 10.13 14.02
C MET A 2 12.96 9.24 13.67
N ARG A 3 11.97 9.83 13.02
CA ARG A 3 10.78 9.10 12.63
C ARG A 3 11.12 8.00 11.63
N GLN A 4 10.76 6.77 11.98
CA GLN A 4 11.04 5.61 11.14
C GLN A 4 10.06 5.55 9.97
N PRO A 5 10.55 5.18 8.76
CA PRO A 5 9.71 5.07 7.57
C PRO A 5 8.59 4.06 7.74
N PRO A 6 7.40 4.32 7.16
CA PRO A 6 6.24 3.42 7.28
C PRO A 6 6.60 1.99 6.91
N LEU A 7 6.44 1.09 7.88
CA LEU A 7 6.74 -0.32 7.67
C LEU A 7 5.46 -1.12 7.40
N VAL A 8 5.47 -1.92 6.36
CA VAL A 8 4.30 -2.74 6.00
C VAL A 8 4.64 -4.22 6.11
N THR A 9 3.73 -4.98 6.70
CA THR A 9 3.93 -6.41 6.86
C THR A 9 2.63 -7.11 7.31
N GLY A 10 1.55 -6.87 6.57
CA GLY A 10 0.28 -7.47 6.90
C GLY A 10 -0.75 -7.32 5.79
N ILE A 11 -1.57 -8.35 5.61
CA ILE A 11 -2.59 -8.34 4.58
C ILE A 11 -3.67 -9.38 4.87
N SER A 12 -4.93 -8.98 4.79
CA SER A 12 -6.03 -9.90 5.05
C SER A 12 -6.01 -11.05 4.03
N PRO A 13 -6.13 -10.75 2.72
CA PRO A 13 -6.09 -11.78 1.68
C PRO A 13 -4.66 -12.22 1.36
N ASN A 14 -4.47 -12.83 0.19
CA ASN A 14 -3.14 -13.27 -0.23
C ASN A 14 -3.17 -13.79 -1.67
N GLU A 15 -4.19 -13.36 -2.41
CA GLU A 15 -4.35 -13.75 -3.81
C GLU A 15 -5.63 -13.15 -4.39
N GLY A 16 -5.51 -12.46 -5.52
CA GLY A 16 -6.67 -11.85 -6.14
C GLY A 16 -6.30 -10.81 -7.18
N ILE A 17 -7.19 -10.62 -8.15
CA ILE A 17 -6.97 -9.64 -9.21
C ILE A 17 -6.67 -8.26 -8.63
N PRO A 18 -6.05 -7.36 -9.42
CA PRO A 18 -5.70 -6.01 -8.97
C PRO A 18 -6.88 -5.26 -8.33
N TRP A 19 -8.05 -5.38 -8.91
CA TRP A 19 -9.23 -4.69 -8.40
C TRP A 19 -9.69 -5.26 -7.05
N THR A 20 -9.06 -6.35 -6.62
CA THR A 20 -9.42 -6.98 -5.36
C THR A 20 -9.09 -6.08 -4.17
N LYS A 21 -10.05 -5.93 -3.26
CA LYS A 21 -9.87 -5.10 -2.07
C LYS A 21 -8.89 -5.75 -1.11
N VAL A 22 -8.01 -4.95 -0.52
CA VAL A 22 -7.01 -5.45 0.42
C VAL A 22 -6.74 -4.43 1.52
N THR A 23 -6.82 -4.86 2.77
CA THR A 23 -6.57 -3.97 3.90
C THR A 23 -5.09 -3.95 4.24
N ILE A 24 -4.49 -2.75 4.20
CA ILE A 24 -3.08 -2.59 4.51
C ILE A 24 -2.85 -2.56 6.01
N ARG A 25 -1.78 -3.22 6.45
CA ARG A 25 -1.44 -3.27 7.87
C ARG A 25 0.07 -3.08 8.06
N GLY A 26 0.44 -2.24 9.02
CA GLY A 26 1.85 -1.99 9.26
C GLY A 26 2.09 -1.10 10.47
N GLU A 27 2.99 -0.15 10.33
CA GLU A 27 3.33 0.78 11.42
C GLU A 27 3.82 2.11 10.88
N ASN A 28 3.30 3.20 11.46
CA ASN A 28 3.68 4.56 11.08
C ASN A 28 3.38 4.87 9.62
N LEU A 29 2.21 4.44 9.14
CA LEU A 29 1.81 4.71 7.76
C LEU A 29 1.19 6.10 7.66
N GLY A 30 1.88 7.10 8.19
CA GLY A 30 1.38 8.47 8.16
C GLY A 30 0.25 8.69 9.15
N THR A 31 0.40 9.70 10.00
CA THR A 31 -0.61 10.01 11.00
C THR A 31 -1.56 11.09 10.49
N GLY A 32 -2.00 10.96 9.25
CA GLY A 32 -2.91 11.94 8.67
C GLY A 32 -3.17 11.71 7.20
N PRO A 33 -4.42 11.93 6.73
CA PRO A 33 -4.78 11.75 5.33
C PRO A 33 -3.93 12.60 4.39
N THR A 34 -3.70 13.84 4.78
CA THR A 34 -2.89 14.77 3.99
C THR A 34 -1.46 14.25 3.86
N ASP A 35 -0.94 13.69 4.94
CA ASP A 35 0.42 13.16 4.96
C ASP A 35 0.62 12.12 3.86
N LEU A 36 -0.41 11.32 3.61
CA LEU A 36 -0.36 10.28 2.58
C LEU A 36 -0.49 10.91 1.19
N ILE A 37 0.47 11.74 0.83
CA ILE A 37 0.47 12.41 -0.47
C ILE A 37 0.71 11.42 -1.60
N GLY A 38 1.64 10.50 -1.39
CA GLY A 38 1.95 9.51 -2.41
C GLY A 38 1.50 8.11 -2.05
N LEU A 39 0.94 7.41 -3.02
CA LEU A 39 0.46 6.04 -2.81
C LEU A 39 0.60 5.25 -4.11
N THR A 40 1.22 4.09 -4.03
CA THR A 40 1.42 3.24 -5.20
C THR A 40 1.51 1.76 -4.83
N ILE A 41 0.86 0.93 -5.64
CA ILE A 41 0.86 -0.51 -5.43
C ILE A 41 1.29 -1.19 -6.72
N CYS A 42 2.30 -2.06 -6.62
CA CYS A 42 2.81 -2.75 -7.79
C CYS A 42 3.28 -1.74 -8.82
N GLY A 43 3.85 -0.64 -8.33
CA GLY A 43 4.34 0.40 -9.20
C GLY A 43 3.22 1.29 -9.75
N HIS A 44 2.02 0.71 -9.86
CA HIS A 44 0.86 1.44 -10.38
C HIS A 44 0.31 2.42 -9.34
N ASN A 45 0.01 3.64 -9.78
CA ASN A 45 -0.53 4.67 -8.90
C ASN A 45 -1.99 4.37 -8.55
N CYS A 46 -2.35 4.53 -7.28
CA CYS A 46 -3.71 4.26 -6.83
C CYS A 46 -4.07 5.11 -5.61
N LEU A 47 -3.66 6.38 -5.63
CA LEU A 47 -3.93 7.28 -4.52
C LEU A 47 -5.41 7.65 -4.47
N LEU A 48 -5.98 7.94 -5.63
CA LEU A 48 -7.39 8.33 -5.74
C LEU A 48 -8.30 7.35 -5.00
N THR A 49 -8.01 6.06 -5.14
CA THR A 49 -8.81 5.01 -4.49
C THR A 49 -8.42 4.85 -3.03
N ALA A 50 -7.13 5.00 -2.74
CA ALA A 50 -6.62 4.85 -1.38
C ALA A 50 -7.30 5.83 -0.42
N GLU A 51 -7.72 5.32 0.73
CA GLU A 51 -8.38 6.15 1.75
C GLU A 51 -7.68 5.99 3.09
N TRP A 52 -7.38 7.11 3.74
CA TRP A 52 -6.71 7.10 5.03
C TRP A 52 -7.65 6.59 6.13
N MET A 53 -7.09 5.90 7.11
CA MET A 53 -7.87 5.37 8.23
C MET A 53 -7.15 5.62 9.55
N SER A 54 -5.90 5.19 9.61
CA SER A 54 -5.09 5.36 10.82
C SER A 54 -3.61 5.25 10.49
N ALA A 55 -2.77 5.24 11.52
CA ALA A 55 -1.34 5.13 11.34
C ALA A 55 -0.91 3.69 11.09
N SER A 56 -1.69 2.96 10.29
CA SER A 56 -1.40 1.57 9.97
C SER A 56 -2.36 1.00 8.93
N LYS A 57 -3.66 1.23 9.13
CA LYS A 57 -4.67 0.72 8.21
C LYS A 57 -4.92 1.69 7.06
N ILE A 58 -5.01 1.15 5.85
CA ILE A 58 -5.27 1.94 4.66
C ILE A 58 -6.02 1.12 3.61
N VAL A 59 -7.23 1.55 3.29
CA VAL A 59 -8.06 0.85 2.30
C VAL A 59 -7.70 1.31 0.88
N CYS A 60 -7.35 0.35 0.02
CA CYS A 60 -7.00 0.68 -1.35
C CYS A 60 -6.85 -0.59 -2.19
N ARG A 61 -7.26 -0.51 -3.45
CA ARG A 61 -7.16 -1.65 -4.35
C ARG A 61 -5.77 -1.71 -4.98
N VAL A 62 -5.17 -2.89 -4.97
CA VAL A 62 -3.84 -3.08 -5.52
C VAL A 62 -3.79 -2.71 -7.00
N GLY A 63 -2.83 -1.86 -7.34
CA GLY A 63 -2.68 -1.42 -8.72
C GLY A 63 -2.14 -2.52 -9.62
N GLN A 64 -2.44 -2.40 -10.92
CA GLN A 64 -1.99 -3.37 -11.90
C GLN A 64 -0.49 -3.62 -11.77
N ALA A 65 -0.09 -4.86 -11.99
CA ALA A 65 1.33 -5.24 -11.90
C ALA A 65 2.19 -4.46 -12.90
N LYS A 66 3.41 -4.15 -12.47
CA LYS A 66 4.36 -3.42 -13.30
C LYS A 66 5.77 -3.87 -12.96
N ASN A 67 6.04 -3.99 -11.67
CA ASN A 67 7.33 -4.42 -11.17
C ASN A 67 7.49 -5.93 -11.36
N ASP A 68 7.77 -6.65 -10.26
CA ASP A 68 7.93 -8.10 -10.32
C ASP A 68 8.00 -8.70 -8.92
N LYS A 69 7.13 -8.24 -8.03
CA LYS A 69 7.10 -8.73 -6.67
C LYS A 69 5.80 -8.31 -5.97
N GLY A 70 5.43 -7.04 -6.12
CA GLY A 70 4.21 -6.54 -5.51
C GLY A 70 4.44 -5.86 -4.18
N ASP A 71 5.47 -5.00 -4.12
CA ASP A 71 5.79 -4.27 -2.89
C ASP A 71 4.80 -3.12 -2.67
N ILE A 72 4.24 -3.06 -1.46
CA ILE A 72 3.28 -2.02 -1.12
C ILE A 72 4.00 -0.76 -0.61
N ILE A 73 4.28 0.17 -1.54
CA ILE A 73 4.96 1.41 -1.19
C ILE A 73 3.96 2.47 -0.74
N VAL A 74 4.34 3.23 0.29
CA VAL A 74 3.48 4.30 0.82
C VAL A 74 4.31 5.52 1.17
N THR A 75 4.09 6.61 0.43
CA THR A 75 4.82 7.85 0.67
C THR A 75 4.21 8.66 1.81
N THR A 76 5.07 9.31 2.58
CA THR A 76 4.62 10.12 3.70
C THR A 76 5.45 11.40 3.80
N LYS A 77 4.77 12.53 4.02
CA LYS A 77 5.44 13.81 4.13
C LYS A 77 6.44 13.82 5.27
N SER A 78 6.03 13.29 6.42
CA SER A 78 6.91 13.22 7.59
C SER A 78 8.13 12.37 7.27
N GLY A 79 7.89 11.24 6.60
CA GLY A 79 8.97 10.34 6.23
C GLY A 79 9.15 10.26 4.72
N GLY A 80 8.96 9.07 4.18
CA GLY A 80 9.10 8.87 2.74
C GLY A 80 8.38 7.63 2.25
N LYS A 81 8.98 6.94 1.29
CA LYS A 81 8.37 5.72 0.74
C LYS A 81 8.41 4.59 1.76
N GLY A 82 7.27 3.93 1.94
CA GLY A 82 7.19 2.83 2.87
C GLY A 82 7.68 1.52 2.29
N THR A 83 8.45 0.77 3.07
CA THR A 83 8.97 -0.52 2.62
C THR A 83 8.11 -1.66 3.16
N SER A 84 7.88 -2.67 2.33
CA SER A 84 7.07 -3.81 2.75
C SER A 84 7.77 -5.13 2.47
N THR A 85 7.85 -5.98 3.49
CA THR A 85 8.46 -7.28 3.35
C THR A 85 7.53 -8.22 2.60
N VAL A 86 6.23 -8.07 2.84
CA VAL A 86 5.21 -8.89 2.20
C VAL A 86 4.82 -8.32 0.85
N SER A 87 4.25 -9.16 -0.01
CA SER A 87 3.83 -8.74 -1.34
C SER A 87 2.57 -9.49 -1.77
N PHE A 88 1.64 -8.75 -2.37
CA PHE A 88 0.37 -9.33 -2.83
C PHE A 88 0.50 -9.92 -4.22
N LYS A 89 0.08 -11.17 -4.38
CA LYS A 89 0.12 -11.84 -5.67
C LYS A 89 -1.09 -11.46 -6.51
N LEU A 90 -0.84 -10.82 -7.65
CA LEU A 90 -1.92 -10.40 -8.54
C LEU A 90 -2.38 -11.55 -9.45
N LEU A 91 -3.68 -11.80 -9.45
CA LEU A 91 -4.26 -12.86 -10.27
C LEU A 91 -4.85 -12.30 -11.56
N LYS A 92 -4.73 -13.05 -12.65
CA LYS A 92 -5.26 -12.63 -13.94
C LYS A 92 -6.76 -12.37 -13.86
N PRO A 93 -7.24 -11.29 -14.51
CA PRO A 93 -8.67 -10.93 -14.49
C PRO A 93 -9.58 -12.09 -14.86
N GLU A 94 -10.65 -12.25 -14.09
CA GLU A 94 -11.60 -13.33 -14.32
C GLU A 94 -12.48 -13.00 -15.53
N LYS A 95 -12.40 -13.83 -16.55
CA LYS A 95 -13.18 -13.64 -17.78
C LYS A 95 -13.05 -14.84 -18.70
N HIS A 1 14.78 9.22 17.87
CA HIS A 1 15.66 9.91 16.90
C HIS A 1 14.91 10.21 15.60
N MET A 2 15.59 10.02 14.47
CA MET A 2 14.98 10.27 13.17
C MET A 2 13.79 9.35 12.94
N ARG A 3 12.71 9.91 12.38
CA ARG A 3 11.50 9.15 12.10
C ARG A 3 11.78 8.03 11.10
N GLN A 4 11.44 6.80 11.49
CA GLN A 4 11.66 5.64 10.64
C GLN A 4 10.61 5.58 9.52
N PRO A 5 11.02 5.16 8.30
CA PRO A 5 10.11 5.05 7.16
C PRO A 5 8.99 4.05 7.42
N PRO A 6 7.77 4.30 6.89
CA PRO A 6 6.63 3.41 7.08
C PRO A 6 6.97 1.96 6.77
N LEU A 7 6.84 1.10 7.77
CA LEU A 7 7.13 -0.31 7.60
C LEU A 7 5.85 -1.11 7.38
N VAL A 8 5.74 -1.74 6.21
CA VAL A 8 4.56 -2.54 5.88
C VAL A 8 4.80 -4.01 6.19
N THR A 9 3.78 -4.67 6.74
CA THR A 9 3.89 -6.09 7.08
C THR A 9 2.53 -6.65 7.49
N GLY A 10 1.51 -6.39 6.67
CA GLY A 10 0.18 -6.89 6.96
C GLY A 10 -0.78 -6.73 5.79
N ILE A 11 -1.60 -7.75 5.58
CA ILE A 11 -2.58 -7.74 4.51
C ILE A 11 -3.62 -8.84 4.71
N SER A 12 -4.89 -8.49 4.57
CA SER A 12 -5.97 -9.46 4.76
C SER A 12 -5.95 -10.50 3.64
N PRO A 13 -6.10 -10.09 2.35
CA PRO A 13 -6.12 -11.02 1.23
C PRO A 13 -4.74 -11.21 0.60
N ASN A 14 -4.27 -12.45 0.59
CA ASN A 14 -2.97 -12.76 0.00
C ASN A 14 -3.13 -13.25 -1.44
N GLU A 15 -4.18 -12.75 -2.10
CA GLU A 15 -4.47 -13.11 -3.49
C GLU A 15 -5.73 -12.40 -3.96
N GLY A 16 -5.66 -11.80 -5.15
CA GLY A 16 -6.81 -11.09 -5.68
C GLY A 16 -6.50 -10.29 -6.94
N ILE A 17 -7.45 -10.27 -7.86
CA ILE A 17 -7.29 -9.54 -9.12
C ILE A 17 -7.03 -8.05 -8.86
N PRO A 18 -6.55 -7.31 -9.89
CA PRO A 18 -6.25 -5.88 -9.76
C PRO A 18 -7.34 -5.08 -9.05
N TRP A 19 -8.59 -5.36 -9.38
CA TRP A 19 -9.71 -4.65 -8.77
C TRP A 19 -10.01 -5.11 -7.34
N THR A 20 -9.50 -6.29 -6.97
CA THR A 20 -9.74 -6.83 -5.64
C THR A 20 -9.26 -5.88 -4.55
N LYS A 21 -10.12 -5.65 -3.57
CA LYS A 21 -9.80 -4.77 -2.44
C LYS A 21 -8.81 -5.43 -1.50
N VAL A 22 -7.86 -4.66 -1.00
CA VAL A 22 -6.86 -5.19 -0.09
C VAL A 22 -6.56 -4.20 1.04
N THR A 23 -6.63 -4.68 2.27
CA THR A 23 -6.38 -3.84 3.43
C THR A 23 -4.90 -3.85 3.81
N ILE A 24 -4.27 -2.68 3.75
CA ILE A 24 -2.86 -2.55 4.10
C ILE A 24 -2.69 -2.36 5.60
N ARG A 25 -1.67 -3.02 6.16
CA ARG A 25 -1.40 -2.91 7.59
C ARG A 25 0.10 -2.92 7.85
N GLY A 26 0.55 -2.05 8.75
CA GLY A 26 1.96 -1.98 9.07
C GLY A 26 2.26 -1.06 10.23
N GLU A 27 3.20 -0.14 10.03
CA GLU A 27 3.59 0.81 11.07
C GLU A 27 4.00 2.15 10.44
N ASN A 28 3.53 3.23 11.05
CA ASN A 28 3.84 4.59 10.58
C ASN A 28 3.34 4.82 9.16
N LEU A 29 2.13 4.32 8.87
CA LEU A 29 1.53 4.51 7.55
C LEU A 29 0.85 5.86 7.45
N GLY A 30 1.57 6.91 7.82
CA GLY A 30 1.01 8.25 7.78
C GLY A 30 0.01 8.51 8.90
N THR A 31 0.16 9.64 9.57
CA THR A 31 -0.74 9.99 10.66
C THR A 31 -2.18 10.11 10.17
N GLY A 32 -2.34 10.57 8.94
CA GLY A 32 -3.68 10.71 8.38
C GLY A 32 -3.68 10.75 6.87
N PRO A 33 -4.77 11.25 6.25
CA PRO A 33 -4.88 11.33 4.79
C PRO A 33 -3.96 12.39 4.18
N THR A 34 -3.91 13.56 4.81
CA THR A 34 -3.08 14.65 4.33
C THR A 34 -1.62 14.23 4.24
N ASP A 35 -1.15 13.48 5.23
CA ASP A 35 0.23 13.01 5.25
C ASP A 35 0.51 12.07 4.07
N LEU A 36 -0.49 11.27 3.72
CA LEU A 36 -0.37 10.32 2.61
C LEU A 36 -0.46 11.04 1.26
N ILE A 37 0.48 11.94 1.00
CA ILE A 37 0.51 12.68 -0.25
C ILE A 37 0.84 11.77 -1.43
N GLY A 38 1.73 10.81 -1.19
CA GLY A 38 2.13 9.89 -2.23
C GLY A 38 1.97 8.44 -1.82
N LEU A 39 1.51 7.61 -2.76
CA LEU A 39 1.31 6.20 -2.50
C LEU A 39 1.50 5.38 -3.78
N THR A 40 1.92 4.13 -3.62
CA THR A 40 2.15 3.25 -4.76
C THR A 40 1.90 1.79 -4.42
N ILE A 41 1.30 1.07 -5.37
CA ILE A 41 1.00 -0.34 -5.21
C ILE A 41 1.34 -1.07 -6.50
N CYS A 42 2.08 -2.16 -6.38
CA CYS A 42 2.48 -2.93 -7.55
C CYS A 42 3.15 -2.01 -8.57
N GLY A 43 3.81 -0.97 -8.07
CA GLY A 43 4.50 -0.04 -8.94
C GLY A 43 3.63 1.12 -9.42
N HIS A 44 2.37 0.85 -9.73
CA HIS A 44 1.47 1.89 -10.21
C HIS A 44 0.81 2.64 -9.06
N ASN A 45 0.67 3.95 -9.23
CA ASN A 45 0.05 4.81 -8.22
C ASN A 45 -1.40 4.40 -7.97
N CYS A 46 -1.83 4.54 -6.71
CA CYS A 46 -3.20 4.19 -6.33
C CYS A 46 -3.66 5.07 -5.17
N LEU A 47 -3.28 6.34 -5.20
CA LEU A 47 -3.65 7.28 -4.15
C LEU A 47 -5.13 7.64 -4.22
N LEU A 48 -5.61 7.96 -5.42
CA LEU A 48 -7.01 8.34 -5.61
C LEU A 48 -7.96 7.23 -5.15
N THR A 49 -7.55 5.97 -5.34
CA THR A 49 -8.37 4.83 -4.92
C THR A 49 -8.20 4.58 -3.42
N ALA A 50 -6.98 4.73 -2.94
CA ALA A 50 -6.68 4.50 -1.53
C ALA A 50 -7.31 5.55 -0.62
N GLU A 51 -7.90 5.08 0.47
CA GLU A 51 -8.54 5.95 1.46
C GLU A 51 -7.99 5.67 2.85
N TRP A 52 -7.55 6.73 3.54
CA TRP A 52 -7.00 6.58 4.88
C TRP A 52 -8.03 6.01 5.83
N MET A 53 -7.57 5.27 6.84
CA MET A 53 -8.45 4.68 7.83
C MET A 53 -7.83 4.70 9.23
N SER A 54 -6.55 4.35 9.30
CA SER A 54 -5.85 4.32 10.58
C SER A 54 -4.34 4.35 10.37
N ALA A 55 -3.61 4.72 11.42
CA ALA A 55 -2.15 4.80 11.37
C ALA A 55 -1.54 3.49 10.86
N SER A 56 -2.21 2.38 11.14
CA SER A 56 -1.72 1.07 10.71
C SER A 56 -2.78 0.32 9.91
N LYS A 57 -3.54 1.05 9.10
CA LYS A 57 -4.59 0.45 8.29
C LYS A 57 -5.05 1.41 7.20
N ILE A 58 -5.15 0.92 5.97
CA ILE A 58 -5.60 1.73 4.84
C ILE A 58 -6.30 0.87 3.79
N VAL A 59 -7.54 1.22 3.49
CA VAL A 59 -8.32 0.50 2.48
C VAL A 59 -7.96 1.00 1.09
N CYS A 60 -7.66 0.07 0.18
CA CYS A 60 -7.30 0.44 -1.18
C CYS A 60 -7.22 -0.78 -2.09
N ARG A 61 -7.76 -0.65 -3.30
CA ARG A 61 -7.74 -1.73 -4.27
C ARG A 61 -6.44 -1.72 -5.06
N VAL A 62 -5.87 -2.90 -5.29
CA VAL A 62 -4.62 -3.00 -6.05
C VAL A 62 -4.83 -2.59 -7.51
N GLY A 63 -4.16 -3.26 -8.44
CA GLY A 63 -4.31 -2.93 -9.84
C GLY A 63 -3.39 -3.73 -10.74
N GLN A 64 -2.86 -3.08 -11.76
CA GLN A 64 -1.95 -3.73 -12.70
C GLN A 64 -0.64 -4.12 -12.03
N ALA A 65 -0.17 -5.34 -12.33
CA ALA A 65 1.07 -5.84 -11.76
C ALA A 65 2.29 -5.26 -12.48
N LYS A 66 2.37 -3.93 -12.53
CA LYS A 66 3.49 -3.26 -13.19
C LYS A 66 4.83 -3.78 -12.66
N ASN A 67 4.91 -3.98 -11.35
CA ASN A 67 6.13 -4.48 -10.74
C ASN A 67 6.35 -5.96 -11.09
N ASP A 68 6.55 -6.80 -10.08
CA ASP A 68 6.75 -8.23 -10.31
C ASP A 68 6.21 -9.04 -9.13
N LYS A 69 6.65 -8.71 -7.93
CA LYS A 69 6.20 -9.41 -6.73
C LYS A 69 4.98 -8.72 -6.12
N GLY A 70 5.06 -7.40 -5.98
CA GLY A 70 3.96 -6.65 -5.40
C GLY A 70 4.37 -5.91 -4.15
N ASP A 71 5.54 -5.27 -4.20
CA ASP A 71 6.05 -4.52 -3.06
C ASP A 71 5.15 -3.33 -2.74
N ILE A 72 4.77 -3.20 -1.47
CA ILE A 72 3.92 -2.10 -1.02
C ILE A 72 4.77 -0.99 -0.42
N ILE A 73 4.56 0.23 -0.90
CA ILE A 73 5.33 1.38 -0.42
C ILE A 73 4.42 2.57 -0.14
N VAL A 74 4.67 3.26 0.97
CA VAL A 74 3.88 4.42 1.36
C VAL A 74 4.74 5.66 1.57
N THR A 75 4.36 6.75 0.92
CA THR A 75 5.08 8.01 1.06
C THR A 75 4.40 8.91 2.09
N THR A 76 5.21 9.57 2.91
CA THR A 76 4.68 10.45 3.94
C THR A 76 5.46 11.76 3.99
N LYS A 77 4.74 12.86 4.19
CA LYS A 77 5.35 14.18 4.26
C LYS A 77 6.42 14.23 5.34
N SER A 78 6.09 13.71 6.52
CA SER A 78 7.03 13.68 7.62
C SER A 78 8.21 12.76 7.29
N GLY A 79 7.89 11.53 6.92
CA GLY A 79 8.91 10.57 6.55
C GLY A 79 9.27 10.64 5.07
N GLY A 80 9.16 9.51 4.39
CA GLY A 80 9.46 9.47 2.97
C GLY A 80 9.02 8.16 2.33
N LYS A 81 9.81 7.67 1.39
CA LYS A 81 9.48 6.41 0.72
C LYS A 81 9.66 5.23 1.66
N GLY A 82 8.60 4.45 1.84
CA GLY A 82 8.66 3.30 2.72
C GLY A 82 9.07 2.03 2.00
N THR A 83 8.77 0.89 2.61
CA THR A 83 9.09 -0.41 2.03
C THR A 83 8.15 -1.49 2.58
N SER A 84 8.46 -2.74 2.29
CA SER A 84 7.66 -3.85 2.77
C SER A 84 8.33 -5.20 2.51
N THR A 85 8.46 -6.00 3.55
CA THR A 85 9.06 -7.31 3.43
C THR A 85 8.13 -8.26 2.68
N VAL A 86 6.83 -8.07 2.90
CA VAL A 86 5.81 -8.88 2.26
C VAL A 86 5.46 -8.36 0.87
N SER A 87 4.63 -9.12 0.15
CA SER A 87 4.21 -8.73 -1.19
C SER A 87 2.91 -9.41 -1.57
N PHE A 88 1.99 -8.64 -2.14
CA PHE A 88 0.68 -9.17 -2.54
C PHE A 88 0.75 -9.81 -3.93
N LYS A 89 0.30 -11.06 -4.03
CA LYS A 89 0.29 -11.76 -5.31
C LYS A 89 -0.96 -11.39 -6.09
N LEU A 90 -0.76 -10.82 -7.28
CA LEU A 90 -1.89 -10.42 -8.11
C LEU A 90 -2.39 -11.58 -8.96
N LEU A 91 -3.70 -11.79 -8.95
CA LEU A 91 -4.32 -12.87 -9.72
C LEU A 91 -4.80 -12.35 -11.07
N LYS A 92 -4.54 -13.12 -12.12
CA LYS A 92 -4.95 -12.74 -13.47
C LYS A 92 -6.48 -12.67 -13.57
N PRO A 93 -7.02 -11.65 -14.25
CA PRO A 93 -8.47 -11.48 -14.43
C PRO A 93 -9.10 -12.66 -15.14
N GLU A 94 -10.22 -13.14 -14.61
CA GLU A 94 -10.94 -14.27 -15.19
C GLU A 94 -11.61 -13.85 -16.51
N LYS A 95 -10.82 -13.74 -17.57
CA LYS A 95 -11.33 -13.34 -18.87
C LYS A 95 -12.34 -14.36 -19.40
N HIS A 1 13.63 13.30 17.61
CA HIS A 1 13.47 12.31 18.72
C HIS A 1 13.26 10.90 18.18
N MET A 2 12.36 10.78 17.19
CA MET A 2 12.06 9.49 16.58
C MET A 2 11.10 9.66 15.41
N ARG A 3 11.35 8.92 14.34
CA ARG A 3 10.51 9.00 13.15
C ARG A 3 10.87 7.90 12.15
N GLN A 4 10.80 6.65 12.61
CA GLN A 4 11.13 5.51 11.77
C GLN A 4 10.20 5.44 10.56
N PRO A 5 10.77 5.26 9.35
CA PRO A 5 9.99 5.18 8.11
C PRO A 5 8.91 4.09 8.16
N PRO A 6 7.74 4.33 7.55
CA PRO A 6 6.63 3.37 7.52
C PRO A 6 7.06 2.03 6.91
N LEU A 7 6.56 0.95 7.48
CA LEU A 7 6.89 -0.39 6.98
C LEU A 7 5.67 -1.30 7.04
N VAL A 8 5.28 -1.84 5.88
CA VAL A 8 4.12 -2.72 5.79
C VAL A 8 4.48 -4.17 6.12
N THR A 9 3.64 -4.80 6.93
CA THR A 9 3.85 -6.19 7.33
C THR A 9 2.53 -6.86 7.69
N GLY A 10 1.52 -6.69 6.83
CA GLY A 10 0.23 -7.27 7.09
C GLY A 10 -0.75 -7.05 5.95
N ILE A 11 -1.58 -8.06 5.68
CA ILE A 11 -2.58 -7.98 4.63
C ILE A 11 -3.68 -9.02 4.85
N SER A 12 -4.93 -8.58 4.79
CA SER A 12 -6.05 -9.48 5.01
C SER A 12 -6.11 -10.57 3.92
N PRO A 13 -6.23 -10.19 2.62
CA PRO A 13 -6.29 -11.15 1.53
C PRO A 13 -4.91 -11.48 0.98
N ASN A 14 -4.61 -12.78 0.90
CA ASN A 14 -3.33 -13.23 0.37
C ASN A 14 -3.50 -13.80 -1.04
N GLU A 15 -4.55 -13.35 -1.72
CA GLU A 15 -4.85 -13.79 -3.08
C GLU A 15 -6.14 -13.14 -3.59
N GLY A 16 -6.09 -12.58 -4.79
CA GLY A 16 -7.27 -11.94 -5.36
C GLY A 16 -6.94 -11.05 -6.54
N ILE A 17 -7.89 -10.92 -7.47
CA ILE A 17 -7.69 -10.09 -8.65
C ILE A 17 -7.37 -8.65 -8.25
N PRO A 18 -6.73 -7.87 -9.15
CA PRO A 18 -6.35 -6.48 -8.88
C PRO A 18 -7.49 -5.64 -8.30
N TRP A 19 -8.70 -5.83 -8.81
CA TRP A 19 -9.84 -5.06 -8.33
C TRP A 19 -10.29 -5.48 -6.93
N THR A 20 -9.89 -6.68 -6.52
CA THR A 20 -10.26 -7.18 -5.19
C THR A 20 -9.79 -6.22 -4.10
N LYS A 21 -10.69 -5.89 -3.18
CA LYS A 21 -10.36 -5.00 -2.08
C LYS A 21 -9.34 -5.64 -1.16
N VAL A 22 -8.33 -4.87 -0.75
CA VAL A 22 -7.29 -5.37 0.13
C VAL A 22 -7.00 -4.39 1.26
N THR A 23 -6.99 -4.90 2.49
CA THR A 23 -6.73 -4.06 3.65
C THR A 23 -5.23 -3.95 3.91
N ILE A 24 -4.74 -2.72 3.94
CA ILE A 24 -3.32 -2.47 4.18
C ILE A 24 -3.01 -2.47 5.67
N ARG A 25 -1.90 -3.11 6.05
CA ARG A 25 -1.49 -3.17 7.45
C ARG A 25 0.03 -3.10 7.57
N GLY A 26 0.51 -2.26 8.48
CA GLY A 26 1.94 -2.12 8.67
C GLY A 26 2.28 -1.34 9.92
N GLU A 27 3.23 -0.39 9.79
CA GLU A 27 3.64 0.43 10.92
C GLU A 27 3.93 1.86 10.48
N ASN A 28 3.32 2.81 11.19
CA ASN A 28 3.52 4.23 10.92
C ASN A 28 3.27 4.57 9.45
N LEU A 29 2.23 4.00 8.87
CA LEU A 29 1.89 4.27 7.47
C LEU A 29 1.61 5.74 7.25
N GLY A 30 0.91 6.35 8.21
CA GLY A 30 0.58 7.76 8.10
C GLY A 30 -0.13 8.29 9.32
N THR A 31 0.32 9.43 9.83
CA THR A 31 -0.28 10.05 11.00
C THR A 31 -1.72 10.49 10.72
N GLY A 32 -1.96 10.96 9.50
CA GLY A 32 -3.28 11.41 9.13
C GLY A 32 -3.47 11.49 7.62
N PRO A 33 -4.69 11.78 7.15
CA PRO A 33 -4.98 11.87 5.71
C PRO A 33 -4.08 12.88 5.01
N THR A 34 -3.89 14.04 5.64
CA THR A 34 -3.05 15.09 5.09
C THR A 34 -1.61 14.59 4.92
N ASP A 35 -1.13 13.86 5.90
CA ASP A 35 0.24 13.32 5.86
C ASP A 35 0.43 12.44 4.63
N LEU A 36 -0.50 11.52 4.42
CA LEU A 36 -0.42 10.62 3.28
C LEU A 36 -0.71 11.38 1.99
N ILE A 37 0.18 11.25 1.01
CA ILE A 37 0.03 11.92 -0.27
C ILE A 37 0.52 11.04 -1.40
N GLY A 38 1.62 10.35 -1.17
CA GLY A 38 2.18 9.48 -2.18
C GLY A 38 1.95 8.00 -1.88
N LEU A 39 1.50 7.26 -2.87
CA LEU A 39 1.24 5.83 -2.70
C LEU A 39 1.47 5.09 -4.02
N THR A 40 1.88 3.83 -3.92
CA THR A 40 2.14 3.02 -5.12
C THR A 40 2.10 1.53 -4.80
N ILE A 41 1.52 0.75 -5.71
CA ILE A 41 1.42 -0.69 -5.55
C ILE A 41 1.75 -1.40 -6.86
N CYS A 42 2.70 -2.34 -6.81
CA CYS A 42 3.11 -3.08 -7.99
C CYS A 42 3.53 -2.11 -9.11
N GLY A 43 4.21 -1.04 -8.72
CA GLY A 43 4.66 -0.06 -9.69
C GLY A 43 3.51 0.63 -10.40
N HIS A 44 2.37 0.71 -9.71
CA HIS A 44 1.18 1.36 -10.28
C HIS A 44 0.59 2.36 -9.28
N ASN A 45 0.28 3.56 -9.77
CA ASN A 45 -0.29 4.59 -8.92
C ASN A 45 -1.70 4.21 -8.46
N CYS A 46 -1.97 4.36 -7.17
CA CYS A 46 -3.27 4.03 -6.61
C CYS A 46 -3.57 4.89 -5.38
N LEU A 47 -3.22 6.17 -5.46
CA LEU A 47 -3.45 7.11 -4.36
C LEU A 47 -4.89 7.62 -4.37
N LEU A 48 -5.38 7.95 -5.56
CA LEU A 48 -6.74 8.47 -5.71
C LEU A 48 -7.77 7.55 -5.08
N THR A 49 -7.57 6.24 -5.22
CA THR A 49 -8.50 5.26 -4.67
C THR A 49 -8.28 5.05 -3.17
N ALA A 50 -7.02 5.08 -2.75
CA ALA A 50 -6.68 4.88 -1.34
C ALA A 50 -7.34 5.91 -0.44
N GLU A 51 -7.89 5.43 0.68
CA GLU A 51 -8.55 6.30 1.65
C GLU A 51 -7.95 6.08 3.05
N TRP A 52 -7.64 7.18 3.72
CA TRP A 52 -7.05 7.12 5.06
C TRP A 52 -8.04 6.55 6.07
N MET A 53 -7.50 5.92 7.11
CA MET A 53 -8.32 5.33 8.18
C MET A 53 -7.58 5.35 9.51
N SER A 54 -6.30 5.00 9.47
CA SER A 54 -5.47 4.97 10.66
C SER A 54 -4.00 4.81 10.30
N ALA A 55 -3.12 4.99 11.28
CA ALA A 55 -1.68 4.85 11.06
C ALA A 55 -1.27 3.38 10.92
N SER A 56 -2.15 2.58 10.33
CA SER A 56 -1.88 1.16 10.12
C SER A 56 -3.04 0.49 9.38
N LYS A 57 -3.71 1.25 8.52
CA LYS A 57 -4.83 0.72 7.75
C LYS A 57 -5.20 1.67 6.62
N ILE A 58 -5.32 1.13 5.41
CA ILE A 58 -5.66 1.93 4.24
C ILE A 58 -6.41 1.09 3.21
N VAL A 59 -7.62 1.53 2.85
CA VAL A 59 -8.43 0.84 1.86
C VAL A 59 -8.10 1.33 0.45
N CYS A 60 -7.90 0.39 -0.47
CA CYS A 60 -7.58 0.75 -1.84
C CYS A 60 -7.62 -0.47 -2.76
N ARG A 61 -7.82 -0.21 -4.05
CA ARG A 61 -7.88 -1.29 -5.04
C ARG A 61 -6.46 -1.65 -5.49
N VAL A 62 -6.19 -2.95 -5.55
CA VAL A 62 -4.87 -3.42 -5.96
C VAL A 62 -4.50 -2.94 -7.35
N GLY A 63 -3.28 -2.44 -7.49
CA GLY A 63 -2.82 -1.95 -8.77
C GLY A 63 -2.61 -3.06 -9.77
N GLN A 64 -1.40 -3.16 -10.30
CA GLN A 64 -1.05 -4.17 -11.28
C GLN A 64 0.46 -4.27 -11.45
N ALA A 65 0.97 -5.48 -11.50
CA ALA A 65 2.40 -5.73 -11.64
C ALA A 65 3.00 -4.92 -12.79
N LYS A 66 4.12 -4.25 -12.50
CA LYS A 66 4.81 -3.43 -13.50
C LYS A 66 6.30 -3.75 -13.50
N ASN A 67 6.90 -3.73 -12.32
CA ASN A 67 8.33 -4.01 -12.19
C ASN A 67 8.59 -5.51 -12.27
N ASP A 68 8.05 -6.24 -11.31
CA ASP A 68 8.20 -7.70 -11.25
C ASP A 68 7.45 -8.28 -10.05
N LYS A 69 7.64 -7.67 -8.89
CA LYS A 69 6.98 -8.13 -7.67
C LYS A 69 5.73 -7.29 -7.39
N GLY A 70 5.63 -6.73 -6.19
CA GLY A 70 4.47 -5.92 -5.83
C GLY A 70 4.56 -5.37 -4.43
N ASP A 71 5.73 -4.85 -4.07
CA ASP A 71 5.94 -4.28 -2.75
C ASP A 71 5.02 -3.09 -2.52
N ILE A 72 4.36 -3.07 -1.37
CA ILE A 72 3.45 -1.98 -1.02
C ILE A 72 4.19 -0.82 -0.38
N ILE A 73 4.61 0.14 -1.22
CA ILE A 73 5.33 1.31 -0.76
C ILE A 73 4.38 2.46 -0.42
N VAL A 74 4.73 3.24 0.60
CA VAL A 74 3.90 4.37 1.02
C VAL A 74 4.77 5.57 1.39
N THR A 75 4.45 6.71 0.81
CA THR A 75 5.19 7.95 1.07
C THR A 75 4.44 8.84 2.06
N THR A 76 5.20 9.52 2.92
CA THR A 76 4.63 10.42 3.91
C THR A 76 5.31 11.77 3.89
N LYS A 77 4.53 12.84 4.05
CA LYS A 77 5.07 14.20 4.04
C LYS A 77 6.15 14.37 5.10
N SER A 78 5.86 13.93 6.32
CA SER A 78 6.81 14.03 7.42
C SER A 78 8.05 13.17 7.14
N GLY A 79 7.82 11.90 6.88
CA GLY A 79 8.92 10.99 6.58
C GLY A 79 9.29 11.00 5.12
N GLY A 80 9.28 9.81 4.50
CA GLY A 80 9.61 9.70 3.10
C GLY A 80 9.26 8.33 2.55
N LYS A 81 10.13 7.80 1.68
CA LYS A 81 9.88 6.49 1.09
C LYS A 81 9.96 5.41 2.17
N GLY A 82 8.84 4.71 2.38
CA GLY A 82 8.81 3.66 3.38
C GLY A 82 9.52 2.40 2.95
N THR A 83 9.03 1.26 3.43
CA THR A 83 9.60 -0.05 3.11
C THR A 83 8.55 -1.14 3.29
N SER A 84 8.68 -2.22 2.52
CA SER A 84 7.73 -3.32 2.61
C SER A 84 8.35 -4.62 2.09
N THR A 85 8.28 -5.67 2.90
CA THR A 85 8.82 -6.97 2.53
C THR A 85 7.70 -7.95 2.23
N VAL A 86 6.66 -7.48 1.54
CA VAL A 86 5.52 -8.31 1.20
C VAL A 86 4.89 -7.88 -0.12
N SER A 87 4.33 -8.83 -0.84
CA SER A 87 3.69 -8.55 -2.12
C SER A 87 2.40 -9.37 -2.27
N PHE A 88 1.36 -8.72 -2.78
CA PHE A 88 0.07 -9.37 -2.97
C PHE A 88 0.02 -10.10 -4.30
N LYS A 89 -0.40 -11.36 -4.27
CA LYS A 89 -0.50 -12.18 -5.47
C LYS A 89 -1.76 -11.81 -6.26
N LEU A 90 -1.58 -11.46 -7.53
CA LEU A 90 -2.70 -11.08 -8.38
C LEU A 90 -3.25 -12.29 -9.14
N LEU A 91 -4.55 -12.54 -8.98
CA LEU A 91 -5.19 -13.66 -9.66
C LEU A 91 -5.71 -13.22 -11.02
N LYS A 92 -5.47 -14.06 -12.03
CA LYS A 92 -5.93 -13.76 -13.39
C LYS A 92 -7.44 -13.72 -13.47
N PRO A 93 -8.02 -12.68 -14.11
CA PRO A 93 -9.47 -12.55 -14.26
C PRO A 93 -10.09 -13.72 -14.99
N GLU A 94 -11.15 -14.29 -14.42
CA GLU A 94 -11.83 -15.42 -15.05
C GLU A 94 -12.65 -14.93 -16.24
N LYS A 95 -12.27 -15.38 -17.43
CA LYS A 95 -12.97 -15.00 -18.66
C LYS A 95 -14.44 -15.39 -18.59
N HIS A 1 13.01 13.51 16.35
CA HIS A 1 12.20 13.17 15.15
C HIS A 1 12.90 12.10 14.31
N MET A 2 12.85 12.26 12.99
CA MET A 2 13.47 11.31 12.08
C MET A 2 12.94 9.90 12.30
N ARG A 3 11.62 9.78 12.39
CA ARG A 3 10.99 8.48 12.62
C ARG A 3 11.29 7.53 11.46
N GLN A 4 11.44 6.25 11.78
CA GLN A 4 11.74 5.23 10.79
C GLN A 4 10.62 5.18 9.73
N PRO A 5 10.99 5.08 8.44
CA PRO A 5 10.02 5.02 7.34
C PRO A 5 9.00 3.90 7.53
N PRO A 6 7.75 4.14 7.07
CA PRO A 6 6.66 3.15 7.19
C PRO A 6 7.07 1.78 6.68
N LEU A 7 6.57 0.73 7.33
CA LEU A 7 6.88 -0.64 6.95
C LEU A 7 5.64 -1.53 7.09
N VAL A 8 5.22 -2.12 5.99
CA VAL A 8 4.03 -2.99 5.97
C VAL A 8 4.35 -4.36 6.55
N THR A 9 3.47 -4.85 7.41
CA THR A 9 3.62 -6.16 8.04
C THR A 9 2.28 -6.81 8.31
N GLY A 10 1.38 -6.75 7.33
CA GLY A 10 0.07 -7.35 7.50
C GLY A 10 -0.84 -7.14 6.30
N ILE A 11 -1.67 -8.13 6.01
CA ILE A 11 -2.61 -8.05 4.90
C ILE A 11 -3.69 -9.14 5.03
N SER A 12 -4.95 -8.74 4.93
CA SER A 12 -6.05 -9.68 5.04
C SER A 12 -6.05 -10.66 3.85
N PRO A 13 -6.18 -10.15 2.60
CA PRO A 13 -6.18 -11.00 1.43
C PRO A 13 -4.78 -11.16 0.84
N ASN A 14 -4.25 -12.38 0.88
CA ASN A 14 -2.93 -12.64 0.34
C ASN A 14 -3.03 -13.10 -1.12
N GLU A 15 -4.06 -12.63 -1.81
CA GLU A 15 -4.29 -12.98 -3.21
C GLU A 15 -5.57 -12.31 -3.72
N GLY A 16 -5.48 -11.67 -4.88
CA GLY A 16 -6.64 -11.00 -5.45
C GLY A 16 -6.30 -10.10 -6.61
N ILE A 17 -7.21 -10.05 -7.59
CA ILE A 17 -7.02 -9.21 -8.77
C ILE A 17 -6.87 -7.74 -8.38
N PRO A 18 -6.32 -6.90 -9.29
CA PRO A 18 -6.11 -5.48 -9.03
C PRO A 18 -7.35 -4.79 -8.44
N TRP A 19 -8.53 -5.19 -8.91
CA TRP A 19 -9.77 -4.60 -8.42
C TRP A 19 -10.09 -5.05 -7.00
N THR A 20 -9.62 -6.24 -6.64
CA THR A 20 -9.88 -6.78 -5.30
C THR A 20 -9.39 -5.84 -4.21
N LYS A 21 -10.27 -5.54 -3.27
CA LYS A 21 -9.93 -4.66 -2.15
C LYS A 21 -8.95 -5.34 -1.20
N VAL A 22 -7.94 -4.59 -0.77
CA VAL A 22 -6.94 -5.13 0.14
C VAL A 22 -6.63 -4.13 1.26
N THR A 23 -6.85 -4.57 2.49
CA THR A 23 -6.59 -3.72 3.65
C THR A 23 -5.11 -3.71 3.99
N ILE A 24 -4.49 -2.55 3.90
CA ILE A 24 -3.08 -2.40 4.21
C ILE A 24 -2.85 -2.38 5.72
N ARG A 25 -1.79 -3.02 6.17
CA ARG A 25 -1.45 -3.07 7.58
C ARG A 25 0.06 -3.09 7.78
N GLY A 26 0.56 -2.24 8.65
CA GLY A 26 1.99 -2.17 8.90
C GLY A 26 2.35 -1.30 10.09
N GLU A 27 3.30 -0.40 9.90
CA GLU A 27 3.73 0.50 10.97
C GLU A 27 4.14 1.86 10.42
N ASN A 28 3.69 2.91 11.10
CA ASN A 28 4.02 4.28 10.71
C ASN A 28 3.49 4.64 9.32
N LEU A 29 2.29 4.15 8.99
CA LEU A 29 1.68 4.44 7.69
C LEU A 29 0.94 5.78 7.75
N GLY A 30 1.63 6.80 8.23
CA GLY A 30 1.04 8.12 8.35
C GLY A 30 0.00 8.20 9.44
N THR A 31 0.24 9.05 10.43
CA THR A 31 -0.68 9.21 11.55
C THR A 31 -1.72 10.28 11.27
N GLY A 32 -2.23 10.30 10.04
CA GLY A 32 -3.23 11.28 9.68
C GLY A 32 -3.53 11.30 8.19
N PRO A 33 -4.75 11.69 7.79
CA PRO A 33 -5.14 11.73 6.37
C PRO A 33 -4.17 12.59 5.56
N THR A 34 -3.80 13.73 6.13
CA THR A 34 -2.89 14.66 5.48
C THR A 34 -1.52 14.02 5.24
N ASP A 35 -1.09 13.18 6.18
CA ASP A 35 0.20 12.50 6.08
C ASP A 35 0.37 11.81 4.73
N LEU A 36 -0.64 11.03 4.33
CA LEU A 36 -0.60 10.32 3.07
C LEU A 36 -0.66 11.31 1.90
N ILE A 37 0.30 11.19 0.99
CA ILE A 37 0.36 12.08 -0.17
C ILE A 37 0.92 11.35 -1.39
N GLY A 38 0.85 10.03 -1.34
CA GLY A 38 1.34 9.21 -2.44
C GLY A 38 1.22 7.74 -2.14
N LEU A 39 0.84 6.96 -3.14
CA LEU A 39 0.69 5.52 -2.96
C LEU A 39 0.98 4.77 -4.26
N THR A 40 1.54 3.59 -4.13
CA THR A 40 1.86 2.76 -5.28
C THR A 40 1.83 1.28 -4.94
N ILE A 41 1.19 0.49 -5.80
CA ILE A 41 1.08 -0.94 -5.60
C ILE A 41 1.40 -1.67 -6.90
N CYS A 42 2.36 -2.59 -6.84
CA CYS A 42 2.76 -3.34 -8.03
C CYS A 42 3.21 -2.38 -9.12
N GLY A 43 3.86 -1.28 -8.71
CA GLY A 43 4.33 -0.29 -9.66
C GLY A 43 3.21 0.38 -10.41
N HIS A 44 2.06 0.56 -9.77
CA HIS A 44 0.91 1.19 -10.38
C HIS A 44 0.34 2.28 -9.48
N ASN A 45 0.11 3.46 -10.05
CA ASN A 45 -0.43 4.59 -9.29
C ASN A 45 -1.87 4.31 -8.88
N CYS A 46 -2.17 4.55 -7.60
CA CYS A 46 -3.51 4.32 -7.06
C CYS A 46 -3.78 5.23 -5.86
N LEU A 47 -3.30 6.47 -5.95
CA LEU A 47 -3.50 7.44 -4.86
C LEU A 47 -4.93 7.95 -4.83
N LEU A 48 -5.45 8.32 -6.00
CA LEU A 48 -6.81 8.84 -6.10
C LEU A 48 -7.83 7.90 -5.45
N THR A 49 -7.65 6.60 -5.64
CA THR A 49 -8.55 5.61 -5.07
C THR A 49 -8.24 5.35 -3.61
N ALA A 50 -6.96 5.43 -3.25
CA ALA A 50 -6.52 5.20 -1.88
C ALA A 50 -7.31 6.06 -0.88
N GLU A 51 -7.74 5.42 0.21
CA GLU A 51 -8.49 6.11 1.25
C GLU A 51 -7.85 5.90 2.61
N TRP A 52 -7.64 6.99 3.35
CA TRP A 52 -7.03 6.91 4.67
C TRP A 52 -7.99 6.30 5.69
N MET A 53 -7.45 5.58 6.66
CA MET A 53 -8.26 4.97 7.70
C MET A 53 -7.60 5.11 9.07
N SER A 54 -6.31 4.78 9.14
CA SER A 54 -5.55 4.87 10.38
C SER A 54 -4.06 4.91 10.10
N ALA A 55 -3.27 4.89 11.18
CA ALA A 55 -1.81 4.92 11.05
C ALA A 55 -1.27 3.54 10.68
N SER A 56 -2.02 2.81 9.85
CA SER A 56 -1.63 1.48 9.42
C SER A 56 -2.64 0.91 8.43
N LYS A 57 -3.93 1.10 8.73
CA LYS A 57 -4.99 0.61 7.86
C LYS A 57 -5.29 1.60 6.74
N ILE A 58 -5.35 1.10 5.51
CA ILE A 58 -5.64 1.94 4.35
C ILE A 58 -6.36 1.14 3.27
N VAL A 59 -7.62 1.47 3.03
CA VAL A 59 -8.41 0.80 2.00
C VAL A 59 -8.12 1.37 0.62
N CYS A 60 -7.84 0.51 -0.33
CA CYS A 60 -7.53 0.94 -1.69
C CYS A 60 -7.49 -0.24 -2.65
N ARG A 61 -7.62 0.06 -3.94
CA ARG A 61 -7.59 -0.97 -4.96
C ARG A 61 -6.14 -1.29 -5.33
N VAL A 62 -5.78 -2.57 -5.25
CA VAL A 62 -4.42 -2.99 -5.58
C VAL A 62 -4.09 -2.69 -7.04
N GLY A 63 -2.94 -2.07 -7.27
CA GLY A 63 -2.53 -1.71 -8.62
C GLY A 63 -2.11 -2.91 -9.45
N GLN A 64 -2.41 -2.86 -10.73
CA GLN A 64 -2.06 -3.95 -11.65
C GLN A 64 -0.55 -4.17 -11.67
N ALA A 65 -0.15 -5.42 -11.83
CA ALA A 65 1.26 -5.79 -11.85
C ALA A 65 2.04 -5.01 -12.91
N LYS A 66 3.21 -4.52 -12.51
CA LYS A 66 4.08 -3.77 -13.41
C LYS A 66 5.52 -4.25 -13.24
N ASN A 67 5.95 -4.32 -11.98
CA ASN A 67 7.29 -4.77 -11.65
C ASN A 67 7.38 -6.30 -11.74
N ASP A 68 7.69 -6.95 -10.62
CA ASP A 68 7.79 -8.39 -10.56
C ASP A 68 7.48 -8.91 -9.16
N LYS A 69 8.05 -8.24 -8.16
CA LYS A 69 7.85 -8.61 -6.77
C LYS A 69 6.46 -8.20 -6.27
N GLY A 70 6.10 -6.95 -6.53
CA GLY A 70 4.81 -6.44 -6.11
C GLY A 70 4.84 -5.89 -4.69
N ASP A 71 5.91 -5.15 -4.39
CA ASP A 71 6.08 -4.56 -3.06
C ASP A 71 5.14 -3.37 -2.86
N ILE A 72 4.58 -3.27 -1.65
CA ILE A 72 3.68 -2.17 -1.32
C ILE A 72 4.47 -0.95 -0.86
N ILE A 73 4.06 0.22 -1.33
CA ILE A 73 4.74 1.46 -0.97
C ILE A 73 3.76 2.56 -0.58
N VAL A 74 4.12 3.31 0.47
CA VAL A 74 3.29 4.40 0.95
C VAL A 74 4.13 5.63 1.25
N THR A 75 3.73 6.76 0.66
CA THR A 75 4.46 8.01 0.84
C THR A 75 3.84 8.87 1.94
N THR A 76 4.69 9.49 2.75
CA THR A 76 4.25 10.36 3.84
C THR A 76 5.30 11.42 4.15
N LYS A 77 4.86 12.63 4.46
CA LYS A 77 5.79 13.71 4.77
C LYS A 77 6.77 13.31 5.87
N SER A 78 6.32 12.46 6.78
CA SER A 78 7.14 12.01 7.90
C SER A 78 8.39 11.27 7.40
N GLY A 79 8.18 10.19 6.63
CA GLY A 79 9.30 9.43 6.11
C GLY A 79 9.47 9.57 4.62
N GLY A 80 8.37 9.49 3.89
CA GLY A 80 8.40 9.62 2.44
C GLY A 80 8.94 8.39 1.75
N LYS A 81 8.13 7.80 0.88
CA LYS A 81 8.51 6.61 0.14
C LYS A 81 9.12 5.56 1.06
N GLY A 82 8.30 5.03 1.98
CA GLY A 82 8.78 4.04 2.91
C GLY A 82 9.18 2.73 2.23
N THR A 83 8.82 1.62 2.85
CA THR A 83 9.15 0.30 2.31
C THR A 83 8.10 -0.74 2.73
N SER A 84 8.41 -2.02 2.50
CA SER A 84 7.50 -3.09 2.85
C SER A 84 8.20 -4.45 2.74
N THR A 85 8.08 -5.25 3.79
CA THR A 85 8.70 -6.58 3.80
C THR A 85 7.71 -7.64 3.35
N VAL A 86 6.77 -7.25 2.49
CA VAL A 86 5.76 -8.17 1.96
C VAL A 86 5.25 -7.71 0.61
N SER A 87 5.03 -8.66 -0.29
CA SER A 87 4.52 -8.36 -1.63
C SER A 87 3.20 -9.07 -1.86
N PHE A 88 2.27 -8.37 -2.53
CA PHE A 88 0.96 -8.93 -2.82
C PHE A 88 0.94 -9.68 -4.14
N LYS A 89 0.43 -10.91 -4.12
CA LYS A 89 0.33 -11.72 -5.32
C LYS A 89 -0.98 -11.45 -6.05
N LEU A 90 -0.90 -11.06 -7.31
CA LEU A 90 -2.08 -10.75 -8.11
C LEU A 90 -2.64 -12.00 -8.80
N LEU A 91 -3.94 -12.20 -8.66
CA LEU A 91 -4.62 -13.34 -9.27
C LEU A 91 -5.09 -12.98 -10.68
N LYS A 92 -4.97 -13.94 -11.59
CA LYS A 92 -5.39 -13.72 -12.97
C LYS A 92 -6.89 -13.49 -13.04
N PRO A 93 -7.34 -12.40 -13.70
CA PRO A 93 -8.76 -12.08 -13.82
C PRO A 93 -9.57 -13.21 -14.43
N GLU A 94 -10.64 -13.60 -13.74
CA GLU A 94 -11.51 -14.67 -14.23
C GLU A 94 -12.36 -14.18 -15.39
N LYS A 95 -12.17 -14.79 -16.56
CA LYS A 95 -12.92 -14.42 -17.75
C LYS A 95 -14.41 -14.56 -17.51
N HIS A 1 18.39 12.27 14.17
CA HIS A 1 17.01 11.86 14.52
C HIS A 1 16.06 12.08 13.35
N MET A 2 15.22 11.08 13.09
CA MET A 2 14.25 11.15 11.99
C MET A 2 13.30 9.96 12.03
N ARG A 3 12.03 10.21 11.75
CA ARG A 3 11.02 9.17 11.77
C ARG A 3 11.29 8.13 10.67
N GLN A 4 11.32 6.87 11.07
CA GLN A 4 11.57 5.78 10.14
C GLN A 4 10.47 5.68 9.09
N PRO A 5 10.83 5.46 7.81
CA PRO A 5 9.85 5.36 6.72
C PRO A 5 8.83 4.25 6.97
N PRO A 6 7.60 4.42 6.45
CA PRO A 6 6.53 3.43 6.63
C PRO A 6 6.97 2.03 6.21
N LEU A 7 6.60 1.04 7.02
CA LEU A 7 6.97 -0.34 6.74
C LEU A 7 5.76 -1.26 6.92
N VAL A 8 5.35 -1.91 5.83
CA VAL A 8 4.22 -2.81 5.85
C VAL A 8 4.62 -4.19 6.38
N THR A 9 3.79 -4.75 7.25
CA THR A 9 4.05 -6.06 7.83
C THR A 9 2.74 -6.81 8.10
N GLY A 10 1.80 -6.70 7.16
CA GLY A 10 0.52 -7.36 7.31
C GLY A 10 -0.44 -7.07 6.17
N ILE A 11 -1.29 -8.04 5.86
CA ILE A 11 -2.27 -7.88 4.78
C ILE A 11 -3.41 -8.88 4.94
N SER A 12 -4.63 -8.40 4.80
CA SER A 12 -5.80 -9.26 4.93
C SER A 12 -5.86 -10.27 3.78
N PRO A 13 -5.93 -9.81 2.51
CA PRO A 13 -5.97 -10.71 1.38
C PRO A 13 -4.57 -11.04 0.84
N ASN A 14 -4.23 -12.33 0.88
CA ASN A 14 -2.93 -12.77 0.40
C ASN A 14 -2.91 -12.82 -1.13
N GLU A 15 -4.10 -12.89 -1.73
CA GLU A 15 -4.22 -12.93 -3.17
C GLU A 15 -5.60 -12.44 -3.63
N GLY A 16 -5.62 -11.68 -4.72
CA GLY A 16 -6.86 -11.15 -5.23
C GLY A 16 -6.68 -10.38 -6.53
N ILE A 17 -7.69 -10.43 -7.39
CA ILE A 17 -7.64 -9.74 -8.68
C ILE A 17 -7.35 -8.25 -8.50
N PRO A 18 -6.91 -7.56 -9.57
CA PRO A 18 -6.58 -6.13 -9.53
C PRO A 18 -7.63 -5.26 -8.85
N TRP A 19 -8.89 -5.47 -9.18
CA TRP A 19 -9.97 -4.67 -8.60
C TRP A 19 -10.25 -5.04 -7.15
N THR A 20 -9.62 -6.11 -6.66
CA THR A 20 -9.82 -6.52 -5.28
C THR A 20 -9.18 -5.55 -4.30
N LYS A 21 -9.96 -5.09 -3.33
CA LYS A 21 -9.46 -4.15 -2.33
C LYS A 21 -8.58 -4.86 -1.32
N VAL A 22 -7.35 -4.38 -1.17
CA VAL A 22 -6.41 -4.97 -0.24
C VAL A 22 -6.09 -4.01 0.91
N THR A 23 -6.37 -4.45 2.13
CA THR A 23 -6.13 -3.62 3.31
C THR A 23 -4.65 -3.64 3.69
N ILE A 24 -4.04 -2.46 3.66
CA ILE A 24 -2.63 -2.33 4.01
C ILE A 24 -2.44 -2.30 5.52
N ARG A 25 -1.44 -3.02 6.00
CA ARG A 25 -1.15 -3.06 7.43
C ARG A 25 0.35 -3.02 7.66
N GLY A 26 0.79 -2.07 8.49
CA GLY A 26 2.20 -1.94 8.78
C GLY A 26 2.47 -1.01 9.95
N GLU A 27 3.42 -0.10 9.78
CA GLU A 27 3.79 0.84 10.83
C GLU A 27 4.20 2.19 10.26
N ASN A 28 3.75 3.27 10.89
CA ASN A 28 4.08 4.63 10.47
C ASN A 28 3.54 4.95 9.08
N LEU A 29 2.31 4.53 8.79
CA LEU A 29 1.69 4.81 7.50
C LEU A 29 0.93 6.13 7.55
N GLY A 30 1.57 7.15 8.12
CA GLY A 30 0.95 8.45 8.23
C GLY A 30 -0.20 8.45 9.22
N THR A 31 -0.08 9.28 10.26
CA THR A 31 -1.11 9.38 11.28
C THR A 31 -2.12 10.47 10.95
N GLY A 32 -2.51 10.54 9.68
CA GLY A 32 -3.48 11.54 9.27
C GLY A 32 -3.69 11.56 7.76
N PRO A 33 -4.92 11.89 7.30
CA PRO A 33 -5.22 11.95 5.87
C PRO A 33 -4.27 12.87 5.12
N THR A 34 -4.03 14.04 5.69
CA THR A 34 -3.12 15.02 5.10
C THR A 34 -1.70 14.47 5.00
N ASP A 35 -1.30 13.70 6.00
CA ASP A 35 0.03 13.11 6.02
C ASP A 35 0.30 12.30 4.76
N LEU A 36 -0.67 11.48 4.38
CA LEU A 36 -0.54 10.65 3.18
C LEU A 36 -0.49 11.54 1.93
N ILE A 37 0.45 11.24 1.04
CA ILE A 37 0.60 12.02 -0.18
C ILE A 37 0.92 11.12 -1.38
N GLY A 38 1.81 10.16 -1.16
CA GLY A 38 2.19 9.24 -2.21
C GLY A 38 1.69 7.83 -1.97
N LEU A 39 1.17 7.20 -3.01
CA LEU A 39 0.66 5.84 -2.90
C LEU A 39 0.88 5.09 -4.22
N THR A 40 1.50 3.92 -4.12
CA THR A 40 1.79 3.10 -5.29
C THR A 40 1.87 1.62 -4.94
N ILE A 41 1.35 0.78 -5.82
CA ILE A 41 1.38 -0.66 -5.64
C ILE A 41 1.75 -1.36 -6.95
N CYS A 42 2.80 -2.17 -6.90
CA CYS A 42 3.26 -2.88 -8.09
C CYS A 42 3.63 -1.88 -9.17
N GLY A 43 4.24 -0.77 -8.77
CA GLY A 43 4.63 0.26 -9.71
C GLY A 43 3.46 0.87 -10.44
N HIS A 44 2.33 0.97 -9.77
CA HIS A 44 1.13 1.56 -10.37
C HIS A 44 0.50 2.59 -9.45
N ASN A 45 0.15 3.76 -10.01
CA ASN A 45 -0.46 4.83 -9.23
C ASN A 45 -1.84 4.40 -8.74
N CYS A 46 -2.10 4.60 -7.45
CA CYS A 46 -3.39 4.25 -6.87
C CYS A 46 -3.71 5.14 -5.67
N LEU A 47 -3.33 6.40 -5.77
CA LEU A 47 -3.59 7.36 -4.69
C LEU A 47 -5.05 7.78 -4.68
N LEU A 48 -5.59 8.07 -5.86
CA LEU A 48 -6.99 8.49 -5.99
C LEU A 48 -7.92 7.47 -5.37
N THR A 49 -7.61 6.19 -5.55
CA THR A 49 -8.44 5.11 -5.01
C THR A 49 -8.14 4.89 -3.53
N ALA A 50 -6.87 5.01 -3.16
CA ALA A 50 -6.45 4.82 -1.77
C ALA A 50 -7.11 5.83 -0.85
N GLU A 51 -7.65 5.34 0.27
CA GLU A 51 -8.30 6.20 1.24
C GLU A 51 -7.72 5.99 2.64
N TRP A 52 -7.44 7.09 3.33
CA TRP A 52 -6.87 7.01 4.67
C TRP A 52 -7.87 6.37 5.63
N MET A 53 -7.37 5.65 6.62
CA MET A 53 -8.23 4.99 7.59
C MET A 53 -7.60 4.97 8.98
N SER A 54 -6.30 4.68 9.03
CA SER A 54 -5.58 4.62 10.30
C SER A 54 -4.08 4.71 10.08
N ALA A 55 -3.37 5.12 11.13
CA ALA A 55 -1.91 5.26 11.08
C ALA A 55 -1.25 4.00 10.53
N SER A 56 -1.91 2.87 10.73
CA SER A 56 -1.37 1.59 10.26
C SER A 56 -2.46 0.79 9.54
N LYS A 57 -3.26 1.48 8.72
CA LYS A 57 -4.32 0.83 7.98
C LYS A 57 -4.82 1.73 6.86
N ILE A 58 -4.87 1.19 5.64
CA ILE A 58 -5.33 1.94 4.47
C ILE A 58 -5.98 1.01 3.45
N VAL A 59 -7.26 1.23 3.18
CA VAL A 59 -7.98 0.43 2.21
C VAL A 59 -7.76 0.96 0.80
N CYS A 60 -7.40 0.07 -0.12
CA CYS A 60 -7.15 0.46 -1.50
C CYS A 60 -7.00 -0.78 -2.39
N ARG A 61 -7.71 -0.78 -3.51
CA ARG A 61 -7.65 -1.90 -4.45
C ARG A 61 -6.47 -1.74 -5.41
N VAL A 62 -5.78 -2.84 -5.67
CA VAL A 62 -4.62 -2.83 -6.56
C VAL A 62 -5.06 -2.52 -8.01
N GLY A 63 -4.39 -3.10 -9.01
CA GLY A 63 -4.78 -2.81 -10.38
C GLY A 63 -3.96 -3.56 -11.41
N GLN A 64 -2.65 -3.67 -11.19
CA GLN A 64 -1.78 -4.37 -12.12
C GLN A 64 -0.37 -4.55 -11.57
N ALA A 65 0.13 -5.77 -11.66
CA ALA A 65 1.47 -6.10 -11.17
C ALA A 65 2.54 -5.76 -12.18
N LYS A 66 2.69 -4.48 -12.48
CA LYS A 66 3.70 -4.03 -13.44
C LYS A 66 5.06 -4.62 -13.13
N ASN A 67 5.45 -4.59 -11.85
CA ASN A 67 6.73 -5.15 -11.43
C ASN A 67 6.70 -6.68 -11.50
N ASP A 68 7.14 -7.33 -10.42
CA ASP A 68 7.14 -8.79 -10.37
C ASP A 68 6.84 -9.28 -8.96
N LYS A 69 7.54 -8.71 -7.99
CA LYS A 69 7.35 -9.08 -6.58
C LYS A 69 6.05 -8.51 -6.03
N GLY A 70 5.82 -7.23 -6.29
CA GLY A 70 4.61 -6.57 -5.81
C GLY A 70 4.80 -5.91 -4.46
N ASP A 71 5.91 -5.20 -4.30
CA ASP A 71 6.22 -4.52 -3.05
C ASP A 71 5.28 -3.34 -2.81
N ILE A 72 4.77 -3.23 -1.59
CA ILE A 72 3.87 -2.14 -1.23
C ILE A 72 4.66 -0.90 -0.82
N ILE A 73 4.27 0.26 -1.34
CA ILE A 73 4.95 1.51 -1.03
C ILE A 73 3.96 2.61 -0.67
N VAL A 74 4.25 3.33 0.42
CA VAL A 74 3.38 4.42 0.86
C VAL A 74 4.21 5.59 1.37
N THR A 75 4.14 6.72 0.68
CA THR A 75 4.86 7.92 1.07
C THR A 75 4.11 8.67 2.17
N THR A 76 4.85 9.22 3.12
CA THR A 76 4.25 9.95 4.23
C THR A 76 5.07 11.18 4.61
N LYS A 77 4.38 12.28 4.91
CA LYS A 77 5.04 13.52 5.29
C LYS A 77 5.95 13.32 6.50
N SER A 78 5.41 12.70 7.55
CA SER A 78 6.18 12.44 8.76
C SER A 78 7.31 11.45 8.46
N GLY A 79 6.95 10.32 7.88
CA GLY A 79 7.93 9.30 7.53
C GLY A 79 8.64 9.63 6.24
N GLY A 80 8.58 8.70 5.28
CA GLY A 80 9.22 8.91 4.00
C GLY A 80 8.81 7.86 2.98
N LYS A 81 9.77 7.42 2.17
CA LYS A 81 9.50 6.41 1.15
C LYS A 81 9.05 5.10 1.79
N GLY A 82 7.94 4.57 1.29
CA GLY A 82 7.40 3.33 1.83
C GLY A 82 8.26 2.12 1.50
N THR A 83 8.23 1.13 2.39
CA THR A 83 9.00 -0.09 2.22
C THR A 83 8.26 -1.26 2.87
N SER A 84 8.37 -2.45 2.28
CA SER A 84 7.69 -3.63 2.82
C SER A 84 8.34 -4.93 2.35
N THR A 85 8.55 -5.84 3.30
CA THR A 85 9.14 -7.13 3.01
C THR A 85 8.11 -8.05 2.37
N VAL A 86 6.85 -7.89 2.78
CA VAL A 86 5.77 -8.71 2.25
C VAL A 86 5.24 -8.15 0.93
N SER A 87 4.94 -9.04 -0.01
CA SER A 87 4.43 -8.65 -1.32
C SER A 87 3.06 -9.27 -1.57
N PHE A 88 2.16 -8.50 -2.17
CA PHE A 88 0.82 -8.99 -2.47
C PHE A 88 0.76 -9.71 -3.80
N LYS A 89 0.12 -10.88 -3.80
CA LYS A 89 -0.03 -11.68 -5.01
C LYS A 89 -1.23 -11.18 -5.81
N LEU A 90 -0.99 -10.83 -7.07
CA LEU A 90 -2.07 -10.35 -7.93
C LEU A 90 -2.57 -11.47 -8.83
N LEU A 91 -3.86 -11.77 -8.72
CA LEU A 91 -4.47 -12.82 -9.53
C LEU A 91 -5.15 -12.23 -10.76
N LYS A 92 -5.00 -12.89 -11.90
CA LYS A 92 -5.60 -12.42 -13.14
C LYS A 92 -7.12 -12.31 -13.04
N PRO A 93 -7.69 -11.19 -13.52
CA PRO A 93 -9.14 -10.96 -13.47
C PRO A 93 -9.94 -12.04 -14.18
N GLU A 94 -10.99 -12.53 -13.53
CA GLU A 94 -11.84 -13.55 -14.11
C GLU A 94 -12.80 -12.95 -15.13
N LYS A 95 -12.68 -13.38 -16.38
CA LYS A 95 -13.53 -12.88 -17.45
C LYS A 95 -14.99 -13.20 -17.17
N HIS A 1 12.61 14.11 14.43
CA HIS A 1 13.67 14.18 13.41
C HIS A 1 14.02 12.78 12.89
N MET A 2 14.16 12.67 11.57
CA MET A 2 14.50 11.39 10.93
C MET A 2 13.45 10.33 11.29
N ARG A 3 12.18 10.66 11.07
CA ARG A 3 11.08 9.75 11.36
C ARG A 3 11.24 8.44 10.59
N GLN A 4 11.01 7.32 11.26
CA GLN A 4 11.13 6.01 10.63
C GLN A 4 10.12 5.83 9.50
N PRO A 5 10.57 5.29 8.35
CA PRO A 5 9.70 5.06 7.20
C PRO A 5 8.64 4.00 7.47
N PRO A 6 7.43 4.16 6.91
CA PRO A 6 6.34 3.21 7.11
C PRO A 6 6.74 1.78 6.73
N LEU A 7 6.67 0.88 7.69
CA LEU A 7 7.03 -0.52 7.46
C LEU A 7 5.77 -1.37 7.30
N VAL A 8 5.42 -1.68 6.05
CA VAL A 8 4.25 -2.51 5.78
C VAL A 8 4.60 -3.99 5.89
N THR A 9 3.71 -4.76 6.52
CA THR A 9 3.94 -6.19 6.70
C THR A 9 2.67 -6.87 7.22
N GLY A 10 1.56 -6.64 6.52
CA GLY A 10 0.30 -7.23 6.90
C GLY A 10 -0.75 -7.13 5.82
N ILE A 11 -1.55 -8.17 5.67
CA ILE A 11 -2.60 -8.20 4.66
C ILE A 11 -3.58 -9.33 4.92
N SER A 12 -4.88 -9.01 4.91
CA SER A 12 -5.89 -10.03 5.16
C SER A 12 -5.78 -11.14 4.11
N PRO A 13 -5.97 -10.83 2.82
CA PRO A 13 -5.85 -11.83 1.76
C PRO A 13 -4.39 -12.02 1.33
N ASN A 14 -4.18 -12.58 0.15
CA ASN A 14 -2.83 -12.78 -0.36
C ASN A 14 -2.88 -13.32 -1.79
N GLU A 15 -3.98 -13.03 -2.47
CA GLU A 15 -4.18 -13.46 -3.86
C GLU A 15 -5.53 -12.97 -4.37
N GLY A 16 -5.53 -12.30 -5.51
CA GLY A 16 -6.77 -11.80 -6.06
C GLY A 16 -6.55 -10.77 -7.16
N ILE A 17 -7.49 -10.70 -8.10
CA ILE A 17 -7.41 -9.75 -9.20
C ILE A 17 -7.17 -8.33 -8.69
N PRO A 18 -6.69 -7.41 -9.55
CA PRO A 18 -6.40 -6.02 -9.16
C PRO A 18 -7.57 -5.35 -8.43
N TRP A 19 -8.79 -5.57 -8.88
CA TRP A 19 -9.95 -4.96 -8.26
C TRP A 19 -10.29 -5.59 -6.90
N THR A 20 -9.59 -6.65 -6.54
CA THR A 20 -9.83 -7.33 -5.27
C THR A 20 -9.49 -6.42 -4.09
N LYS A 21 -10.43 -6.30 -3.16
CA LYS A 21 -10.23 -5.47 -1.97
C LYS A 21 -9.20 -6.10 -1.05
N VAL A 22 -8.31 -5.26 -0.51
CA VAL A 22 -7.26 -5.74 0.39
C VAL A 22 -6.98 -4.70 1.48
N THR A 23 -6.95 -5.15 2.72
CA THR A 23 -6.68 -4.27 3.85
C THR A 23 -5.18 -4.16 4.11
N ILE A 24 -4.64 -2.96 3.97
CA ILE A 24 -3.22 -2.73 4.20
C ILE A 24 -2.93 -2.60 5.69
N ARG A 25 -1.84 -3.21 6.14
CA ARG A 25 -1.46 -3.17 7.55
C ARG A 25 0.05 -3.00 7.70
N GLY A 26 0.46 -2.14 8.64
CA GLY A 26 1.87 -1.91 8.86
C GLY A 26 2.11 -0.97 10.03
N GLU A 27 3.03 -0.02 9.84
CA GLU A 27 3.36 0.94 10.89
C GLU A 27 3.83 2.27 10.29
N ASN A 28 3.35 3.37 10.87
CA ASN A 28 3.72 4.71 10.43
C ASN A 28 3.27 4.99 8.99
N LEU A 29 2.08 4.52 8.63
CA LEU A 29 1.54 4.74 7.29
C LEU A 29 0.90 6.13 7.18
N GLY A 30 1.65 7.15 7.59
CA GLY A 30 1.14 8.51 7.53
C GLY A 30 0.15 8.82 8.63
N THR A 31 0.31 9.97 9.26
CA THR A 31 -0.57 10.41 10.34
C THR A 31 -2.01 10.52 9.87
N GLY A 32 -2.20 10.93 8.62
CA GLY A 32 -3.54 11.06 8.08
C GLY A 32 -3.56 11.28 6.58
N PRO A 33 -4.66 11.83 6.03
CA PRO A 33 -4.81 12.07 4.60
C PRO A 33 -3.76 13.04 4.05
N THR A 34 -3.56 14.15 4.76
CA THR A 34 -2.59 15.15 4.34
C THR A 34 -1.18 14.57 4.26
N ASP A 35 -0.83 13.75 5.25
CA ASP A 35 0.50 13.14 5.29
C ASP A 35 0.68 12.17 4.12
N LEU A 36 -0.31 11.30 3.93
CA LEU A 36 -0.26 10.31 2.85
C LEU A 36 -0.27 11.02 1.50
N ILE A 37 0.65 10.64 0.61
CA ILE A 37 0.73 11.26 -0.71
C ILE A 37 1.26 10.30 -1.78
N GLY A 38 2.30 9.55 -1.45
CA GLY A 38 2.88 8.63 -2.41
C GLY A 38 2.34 7.22 -2.33
N LEU A 39 1.03 7.10 -2.36
CA LEU A 39 0.40 5.78 -2.31
C LEU A 39 0.65 5.02 -3.61
N THR A 40 1.16 3.80 -3.49
CA THR A 40 1.46 2.97 -4.66
C THR A 40 1.45 1.49 -4.32
N ILE A 41 1.00 0.68 -5.28
CA ILE A 41 0.96 -0.76 -5.13
C ILE A 41 1.42 -1.42 -6.42
N CYS A 42 2.44 -2.27 -6.31
CA CYS A 42 2.99 -2.95 -7.47
C CYS A 42 3.45 -1.92 -8.51
N GLY A 43 3.99 -0.80 -8.01
CA GLY A 43 4.48 0.25 -8.90
C GLY A 43 3.40 1.21 -9.35
N HIS A 44 2.20 0.70 -9.59
CA HIS A 44 1.10 1.53 -10.05
C HIS A 44 0.57 2.42 -8.93
N ASN A 45 0.40 3.72 -9.23
CA ASN A 45 -0.10 4.68 -8.25
C ASN A 45 -1.59 4.45 -8.00
N CYS A 46 -2.00 4.61 -6.74
CA CYS A 46 -3.40 4.44 -6.35
C CYS A 46 -3.74 5.34 -5.18
N LEU A 47 -3.27 6.58 -5.24
CA LEU A 47 -3.51 7.55 -4.18
C LEU A 47 -4.98 7.98 -4.15
N LEU A 48 -5.54 8.24 -5.33
CA LEU A 48 -6.93 8.68 -5.44
C LEU A 48 -7.91 7.60 -4.97
N THR A 49 -7.57 6.33 -5.20
CA THR A 49 -8.44 5.24 -4.78
C THR A 49 -8.28 4.93 -3.29
N ALA A 50 -7.04 5.02 -2.82
CA ALA A 50 -6.74 4.76 -1.42
C ALA A 50 -7.37 5.78 -0.49
N GLU A 51 -7.93 5.30 0.62
CA GLU A 51 -8.56 6.16 1.61
C GLU A 51 -7.96 5.90 2.99
N TRP A 52 -7.53 6.97 3.65
CA TRP A 52 -6.93 6.86 4.98
C TRP A 52 -7.96 6.37 6.01
N MET A 53 -7.48 5.65 7.01
CA MET A 53 -8.34 5.13 8.07
C MET A 53 -7.65 5.20 9.43
N SER A 54 -6.37 4.81 9.47
CA SER A 54 -5.60 4.84 10.70
C SER A 54 -4.10 4.94 10.40
N ALA A 55 -3.30 5.01 11.45
CA ALA A 55 -1.85 5.11 11.29
C ALA A 55 -1.24 3.75 10.94
N SER A 56 -1.96 2.98 10.12
CA SER A 56 -1.50 1.67 9.69
C SER A 56 -2.52 1.05 8.74
N LYS A 57 -3.80 1.25 9.03
CA LYS A 57 -4.88 0.72 8.22
C LYS A 57 -5.18 1.64 7.04
N ILE A 58 -5.28 1.06 5.85
CA ILE A 58 -5.57 1.83 4.64
C ILE A 58 -6.37 0.99 3.65
N VAL A 59 -7.60 1.41 3.39
CA VAL A 59 -8.46 0.70 2.45
C VAL A 59 -8.19 1.14 1.02
N CYS A 60 -7.83 0.18 0.16
CA CYS A 60 -7.55 0.49 -1.24
C CYS A 60 -7.40 -0.79 -2.05
N ARG A 61 -7.81 -0.73 -3.31
CA ARG A 61 -7.71 -1.87 -4.21
C ARG A 61 -6.34 -1.91 -4.86
N VAL A 62 -5.73 -3.09 -4.88
CA VAL A 62 -4.40 -3.25 -5.46
C VAL A 62 -4.36 -2.78 -6.91
N GLY A 63 -3.29 -2.06 -7.25
CA GLY A 63 -3.14 -1.54 -8.59
C GLY A 63 -2.96 -2.64 -9.63
N GLN A 64 -1.88 -2.55 -10.40
CA GLN A 64 -1.59 -3.53 -11.43
C GLN A 64 -0.09 -3.79 -11.53
N ALA A 65 0.27 -5.04 -11.79
CA ALA A 65 1.68 -5.44 -11.90
C ALA A 65 2.42 -4.58 -12.91
N LYS A 66 3.61 -4.14 -12.53
CA LYS A 66 4.47 -3.32 -13.38
C LYS A 66 5.92 -3.69 -13.15
N ASN A 67 6.27 -3.88 -11.88
CA ASN A 67 7.63 -4.25 -11.49
C ASN A 67 7.70 -4.54 -10.00
N ASP A 68 8.66 -5.38 -9.62
CA ASP A 68 8.86 -5.78 -8.23
C ASP A 68 7.78 -6.76 -7.79
N LYS A 69 6.54 -6.49 -8.20
CA LYS A 69 5.42 -7.35 -7.90
C LYS A 69 5.11 -7.41 -6.40
N GLY A 70 3.88 -7.08 -6.06
CA GLY A 70 3.44 -7.12 -4.67
C GLY A 70 3.96 -5.98 -3.83
N ASP A 71 5.17 -5.51 -4.13
CA ASP A 71 5.78 -4.42 -3.37
C ASP A 71 4.79 -3.28 -3.12
N ILE A 72 4.66 -2.89 -1.86
CA ILE A 72 3.76 -1.81 -1.48
C ILE A 72 4.56 -0.64 -0.93
N ILE A 73 4.48 0.50 -1.59
CA ILE A 73 5.21 1.70 -1.17
C ILE A 73 4.27 2.86 -0.89
N VAL A 74 4.54 3.57 0.19
CA VAL A 74 3.72 4.72 0.58
C VAL A 74 4.59 5.84 1.15
N THR A 75 4.83 6.86 0.33
CA THR A 75 5.64 8.00 0.75
C THR A 75 4.85 8.92 1.67
N THR A 76 5.46 9.29 2.79
CA THR A 76 4.80 10.16 3.76
C THR A 76 5.64 11.41 4.01
N LYS A 77 4.96 12.54 4.18
CA LYS A 77 5.63 13.81 4.43
C LYS A 77 6.63 13.68 5.58
N SER A 78 6.18 13.09 6.68
CA SER A 78 7.02 12.89 7.85
C SER A 78 8.12 11.86 7.57
N GLY A 79 7.72 10.73 7.01
CA GLY A 79 8.67 9.67 6.69
C GLY A 79 9.60 10.05 5.55
N GLY A 80 9.69 9.15 4.56
CA GLY A 80 10.54 9.41 3.42
C GLY A 80 10.21 8.51 2.25
N LYS A 81 9.93 7.24 2.53
CA LYS A 81 9.58 6.28 1.49
C LYS A 81 9.08 4.98 2.11
N GLY A 82 7.90 4.54 1.65
CA GLY A 82 7.31 3.32 2.17
C GLY A 82 8.00 2.07 1.66
N THR A 83 8.07 1.05 2.53
CA THR A 83 8.69 -0.21 2.17
C THR A 83 7.94 -1.38 2.80
N SER A 84 7.77 -2.45 2.03
CA SER A 84 7.05 -3.63 2.52
C SER A 84 7.81 -4.91 2.22
N THR A 85 7.98 -5.73 3.24
CA THR A 85 8.67 -7.00 3.09
C THR A 85 7.79 -8.02 2.36
N VAL A 86 6.48 -7.89 2.57
CA VAL A 86 5.52 -8.80 1.94
C VAL A 86 5.17 -8.33 0.53
N SER A 87 4.35 -9.13 -0.16
CA SER A 87 3.94 -8.79 -1.52
C SER A 87 2.63 -9.51 -1.88
N PHE A 88 1.70 -8.76 -2.45
CA PHE A 88 0.41 -9.31 -2.85
C PHE A 88 0.49 -9.93 -4.23
N LYS A 89 0.06 -11.18 -4.36
CA LYS A 89 0.09 -11.87 -5.63
C LYS A 89 -1.17 -11.56 -6.44
N LEU A 90 -0.98 -11.02 -7.64
CA LEU A 90 -2.10 -10.67 -8.51
C LEU A 90 -2.61 -11.89 -9.26
N LEU A 91 -3.92 -12.11 -9.22
CA LEU A 91 -4.53 -13.24 -9.91
C LEU A 91 -5.17 -12.81 -11.22
N LYS A 92 -5.00 -13.63 -12.25
CA LYS A 92 -5.56 -13.34 -13.57
C LYS A 92 -7.08 -13.39 -13.53
N PRO A 93 -7.75 -12.45 -14.23
CA PRO A 93 -9.21 -12.39 -14.29
C PRO A 93 -9.80 -13.58 -15.06
N GLU A 94 -10.82 -14.20 -14.49
CA GLU A 94 -11.48 -15.34 -15.12
C GLU A 94 -12.29 -14.88 -16.33
N LYS A 95 -11.60 -14.58 -17.43
CA LYS A 95 -12.27 -14.13 -18.64
C LYS A 95 -13.00 -15.27 -19.33
N HIS A 1 15.58 10.99 16.02
CA HIS A 1 15.96 11.70 14.77
C HIS A 1 14.83 11.65 13.75
N MET A 2 15.18 11.45 12.48
CA MET A 2 14.19 11.37 11.42
C MET A 2 13.24 10.21 11.64
N ARG A 3 11.95 10.45 11.47
CA ARG A 3 10.94 9.41 11.65
C ARG A 3 11.17 8.26 10.70
N GLN A 4 11.08 7.03 11.21
CA GLN A 4 11.27 5.84 10.40
C GLN A 4 10.19 5.71 9.35
N PRO A 5 10.56 5.35 8.10
CA PRO A 5 9.61 5.19 7.00
C PRO A 5 8.60 4.08 7.27
N PRO A 6 7.34 4.27 6.83
CA PRO A 6 6.27 3.27 7.03
C PRO A 6 6.68 1.88 6.56
N LEU A 7 6.42 0.89 7.39
CA LEU A 7 6.77 -0.50 7.07
C LEU A 7 5.53 -1.38 7.13
N VAL A 8 5.17 -1.97 5.99
CA VAL A 8 4.01 -2.85 5.91
C VAL A 8 4.34 -4.25 6.42
N THR A 9 3.46 -4.78 7.27
CA THR A 9 3.65 -6.11 7.83
C THR A 9 2.30 -6.80 8.07
N GLY A 10 1.41 -6.72 7.08
CA GLY A 10 0.11 -7.34 7.21
C GLY A 10 -0.80 -7.10 6.02
N ILE A 11 -1.65 -8.08 5.73
CA ILE A 11 -2.58 -7.98 4.62
C ILE A 11 -3.72 -8.99 4.78
N SER A 12 -4.96 -8.51 4.63
CA SER A 12 -6.11 -9.38 4.78
C SER A 12 -6.18 -10.38 3.63
N PRO A 13 -6.25 -9.91 2.36
CA PRO A 13 -6.31 -10.80 1.21
C PRO A 13 -4.93 -11.09 0.62
N ASN A 14 -4.52 -12.35 0.69
CA ASN A 14 -3.22 -12.75 0.14
C ASN A 14 -3.38 -13.32 -1.26
N GLU A 15 -4.42 -12.87 -1.96
CA GLU A 15 -4.71 -13.31 -3.31
C GLU A 15 -5.96 -12.61 -3.85
N GLY A 16 -5.86 -12.06 -5.05
CA GLY A 16 -7.00 -11.36 -5.63
C GLY A 16 -6.64 -10.64 -6.92
N ILE A 17 -7.59 -10.59 -7.85
CA ILE A 17 -7.40 -9.92 -9.12
C ILE A 17 -6.94 -8.47 -8.94
N PRO A 18 -6.38 -7.84 -9.99
CA PRO A 18 -5.88 -6.46 -9.92
C PRO A 18 -6.87 -5.48 -9.29
N TRP A 19 -8.16 -5.66 -9.56
CA TRP A 19 -9.19 -4.77 -9.02
C TRP A 19 -9.50 -5.09 -7.55
N THR A 20 -9.09 -6.25 -7.08
CA THR A 20 -9.34 -6.65 -5.70
C THR A 20 -8.70 -5.68 -4.72
N LYS A 21 -9.51 -5.12 -3.82
CA LYS A 21 -9.00 -4.19 -2.82
C LYS A 21 -8.27 -4.94 -1.71
N VAL A 22 -7.03 -4.52 -1.44
CA VAL A 22 -6.23 -5.15 -0.40
C VAL A 22 -6.05 -4.24 0.80
N THR A 23 -6.40 -4.75 1.97
CA THR A 23 -6.29 -3.99 3.21
C THR A 23 -4.83 -3.84 3.61
N ILE A 24 -4.36 -2.60 3.73
CA ILE A 24 -2.99 -2.34 4.11
C ILE A 24 -2.82 -2.42 5.63
N ARG A 25 -1.71 -3.03 6.04
CA ARG A 25 -1.41 -3.19 7.46
C ARG A 25 0.10 -3.13 7.69
N GLY A 26 0.53 -2.26 8.60
CA GLY A 26 1.95 -2.12 8.87
C GLY A 26 2.24 -1.29 10.11
N GLU A 27 3.21 -0.38 9.99
CA GLU A 27 3.58 0.48 11.12
C GLU A 27 4.08 1.84 10.64
N ASN A 28 3.64 2.90 11.33
CA ASN A 28 4.05 4.26 11.02
C ASN A 28 3.64 4.69 9.61
N LEU A 29 2.44 4.31 9.18
CA LEU A 29 1.96 4.69 7.87
C LEU A 29 1.32 6.07 7.90
N GLY A 30 2.08 7.06 8.41
CA GLY A 30 1.58 8.42 8.51
C GLY A 30 0.63 8.60 9.67
N THR A 31 0.89 9.63 10.48
CA THR A 31 0.05 9.92 11.63
C THR A 31 -0.96 11.03 11.33
N GLY A 32 -1.57 10.95 10.15
CA GLY A 32 -2.55 11.94 9.76
C GLY A 32 -3.04 11.76 8.33
N PRO A 33 -4.33 12.00 8.08
CA PRO A 33 -4.91 11.85 6.73
C PRO A 33 -4.19 12.71 5.70
N THR A 34 -3.96 13.97 6.04
CA THR A 34 -3.28 14.89 5.15
C THR A 34 -1.83 14.47 4.92
N ASP A 35 -1.22 13.89 5.94
CA ASP A 35 0.17 13.44 5.84
C ASP A 35 0.38 12.57 4.61
N LEU A 36 -0.56 11.67 4.36
CA LEU A 36 -0.47 10.78 3.20
C LEU A 36 -0.59 11.60 1.91
N ILE A 37 0.38 11.42 1.02
CA ILE A 37 0.38 12.15 -0.25
C ILE A 37 0.68 11.23 -1.42
N GLY A 38 1.69 10.38 -1.26
CA GLY A 38 2.06 9.46 -2.30
C GLY A 38 1.53 8.06 -2.05
N LEU A 39 1.01 7.44 -3.10
CA LEU A 39 0.47 6.09 -2.99
C LEU A 39 0.65 5.34 -4.31
N THR A 40 1.26 4.16 -4.23
CA THR A 40 1.50 3.35 -5.41
C THR A 40 1.64 1.87 -5.07
N ILE A 41 1.10 1.03 -5.94
CA ILE A 41 1.16 -0.41 -5.77
C ILE A 41 1.65 -1.05 -7.06
N CYS A 42 2.73 -1.82 -6.96
CA CYS A 42 3.30 -2.47 -8.14
C CYS A 42 3.62 -1.42 -9.20
N GLY A 43 4.12 -0.27 -8.76
CA GLY A 43 4.44 0.81 -9.68
C GLY A 43 3.22 1.61 -10.11
N HIS A 44 2.08 0.95 -10.21
CA HIS A 44 0.85 1.62 -10.61
C HIS A 44 0.31 2.52 -9.51
N ASN A 45 0.01 3.76 -9.85
CA ASN A 45 -0.52 4.72 -8.89
C ASN A 45 -1.95 4.35 -8.47
N CYS A 46 -2.25 4.52 -7.20
CA CYS A 46 -3.58 4.20 -6.67
C CYS A 46 -3.91 5.09 -5.48
N LEU A 47 -3.54 6.36 -5.57
CA LEU A 47 -3.81 7.32 -4.50
C LEU A 47 -5.29 7.67 -4.41
N LEU A 48 -5.90 7.90 -5.57
CA LEU A 48 -7.32 8.27 -5.63
C LEU A 48 -8.19 7.22 -4.96
N THR A 49 -7.84 5.95 -5.14
CA THR A 49 -8.60 4.86 -4.54
C THR A 49 -8.25 4.66 -3.08
N ALA A 50 -6.97 4.87 -2.74
CA ALA A 50 -6.51 4.71 -1.36
C ALA A 50 -7.24 5.66 -0.42
N GLU A 51 -7.70 5.12 0.71
CA GLU A 51 -8.42 5.91 1.71
C GLU A 51 -7.77 5.74 3.08
N TRP A 52 -7.42 6.85 3.72
CA TRP A 52 -6.80 6.83 5.03
C TRP A 52 -7.77 6.36 6.11
N MET A 53 -7.23 5.79 7.18
CA MET A 53 -8.03 5.30 8.29
C MET A 53 -7.28 5.42 9.61
N SER A 54 -6.01 5.03 9.59
CA SER A 54 -5.17 5.09 10.78
C SER A 54 -3.71 4.84 10.44
N ALA A 55 -2.82 4.99 11.41
CA ALA A 55 -1.40 4.78 11.19
C ALA A 55 -1.06 3.29 11.15
N SER A 56 -1.95 2.49 10.56
CA SER A 56 -1.74 1.05 10.46
C SER A 56 -2.86 0.39 9.67
N LYS A 57 -3.53 1.16 8.81
CA LYS A 57 -4.62 0.64 8.00
C LYS A 57 -4.97 1.60 6.86
N ILE A 58 -5.01 1.07 5.64
CA ILE A 58 -5.35 1.87 4.47
C ILE A 58 -5.99 1.01 3.39
N VAL A 59 -7.23 1.33 3.03
CA VAL A 59 -7.95 0.59 1.99
C VAL A 59 -7.61 1.13 0.61
N CYS A 60 -7.32 0.23 -0.32
CA CYS A 60 -6.99 0.63 -1.68
C CYS A 60 -6.97 -0.58 -2.61
N ARG A 61 -7.37 -0.37 -3.86
CA ARG A 61 -7.38 -1.44 -4.84
C ARG A 61 -6.01 -1.63 -5.47
N VAL A 62 -5.56 -2.88 -5.52
CA VAL A 62 -4.27 -3.20 -6.09
C VAL A 62 -4.28 -2.95 -7.62
N GLY A 63 -3.71 -3.85 -8.40
CA GLY A 63 -3.71 -3.66 -9.84
C GLY A 63 -2.79 -4.63 -10.57
N GLN A 64 -2.10 -4.12 -11.58
CA GLN A 64 -1.18 -4.93 -12.38
C GLN A 64 0.22 -4.95 -11.77
N ALA A 65 0.84 -6.13 -11.77
CA ALA A 65 2.19 -6.30 -11.22
C ALA A 65 3.26 -5.79 -12.19
N LYS A 66 3.26 -4.48 -12.43
CA LYS A 66 4.23 -3.87 -13.33
C LYS A 66 5.66 -4.29 -12.97
N ASN A 67 5.96 -4.28 -11.68
CA ASN A 67 7.28 -4.67 -11.19
C ASN A 67 7.51 -6.17 -11.39
N ASP A 68 7.84 -6.87 -10.31
CA ASP A 68 8.08 -8.32 -10.39
C ASP A 68 8.02 -8.95 -8.99
N LYS A 69 7.10 -8.48 -8.17
CA LYS A 69 6.93 -8.99 -6.82
C LYS A 69 5.66 -8.43 -6.18
N GLY A 70 5.43 -7.13 -6.37
CA GLY A 70 4.24 -6.51 -5.81
C GLY A 70 4.52 -5.80 -4.50
N ASP A 71 5.59 -5.01 -4.47
CA ASP A 71 5.97 -4.27 -3.27
C ASP A 71 5.02 -3.09 -3.02
N ILE A 72 4.53 -2.99 -1.79
CA ILE A 72 3.63 -1.91 -1.42
C ILE A 72 4.42 -0.67 -1.00
N ILE A 73 4.00 0.50 -1.48
CA ILE A 73 4.71 1.74 -1.15
C ILE A 73 3.75 2.83 -0.70
N VAL A 74 4.13 3.55 0.35
CA VAL A 74 3.31 4.65 0.88
C VAL A 74 4.19 5.82 1.32
N THR A 75 3.99 6.97 0.68
CA THR A 75 4.75 8.17 0.99
C THR A 75 4.11 8.95 2.14
N THR A 76 4.94 9.61 2.94
CA THR A 76 4.47 10.39 4.08
C THR A 76 5.24 11.70 4.21
N LYS A 77 4.54 12.76 4.61
CA LYS A 77 5.16 14.08 4.77
C LYS A 77 6.39 14.01 5.68
N SER A 78 6.19 13.49 6.89
CA SER A 78 7.28 13.38 7.85
C SER A 78 8.33 12.37 7.38
N GLY A 79 7.88 11.15 7.12
CA GLY A 79 8.79 10.11 6.66
C GLY A 79 9.16 10.26 5.20
N GLY A 80 9.00 9.17 4.44
CA GLY A 80 9.32 9.19 3.02
C GLY A 80 8.72 8.02 2.29
N LYS A 81 9.49 7.41 1.40
CA LYS A 81 9.00 6.26 0.64
C LYS A 81 8.73 5.09 1.58
N GLY A 82 7.48 4.62 1.58
CA GLY A 82 7.12 3.51 2.44
C GLY A 82 7.62 2.18 1.94
N THR A 83 8.33 1.45 2.80
CA THR A 83 8.86 0.14 2.44
C THR A 83 7.96 -0.96 2.99
N SER A 84 7.82 -2.04 2.24
CA SER A 84 6.96 -3.15 2.66
C SER A 84 7.67 -4.49 2.51
N THR A 85 7.69 -5.25 3.61
CA THR A 85 8.32 -6.57 3.61
C THR A 85 7.30 -7.65 3.27
N VAL A 86 6.38 -7.30 2.37
CA VAL A 86 5.33 -8.23 1.94
C VAL A 86 4.90 -7.92 0.51
N SER A 87 4.35 -8.93 -0.16
CA SER A 87 3.90 -8.76 -1.54
C SER A 87 2.56 -9.44 -1.77
N PHE A 88 1.65 -8.74 -2.44
CA PHE A 88 0.33 -9.27 -2.74
C PHE A 88 0.32 -10.09 -4.03
N LYS A 89 -0.25 -11.29 -3.96
CA LYS A 89 -0.33 -12.16 -5.12
C LYS A 89 -1.54 -11.78 -5.99
N LEU A 90 -1.29 -11.51 -7.26
CA LEU A 90 -2.37 -11.12 -8.17
C LEU A 90 -2.98 -12.33 -8.86
N LEU A 91 -4.31 -12.44 -8.77
CA LEU A 91 -5.03 -13.54 -9.40
C LEU A 91 -5.48 -13.15 -10.80
N LYS A 92 -5.38 -14.09 -11.74
CA LYS A 92 -5.77 -13.83 -13.12
C LYS A 92 -7.23 -13.37 -13.19
N PRO A 93 -7.48 -12.22 -13.84
CA PRO A 93 -8.84 -11.66 -13.98
C PRO A 93 -9.83 -12.66 -14.57
N GLU A 94 -11.02 -12.69 -14.00
CA GLU A 94 -12.07 -13.59 -14.48
C GLU A 94 -12.57 -13.13 -15.83
N LYS A 95 -12.39 -13.97 -16.85
CA LYS A 95 -12.82 -13.65 -18.20
C LYS A 95 -12.72 -14.87 -19.11
N HIS A 1 18.17 10.84 10.50
CA HIS A 1 17.11 9.83 10.22
C HIS A 1 16.48 9.32 11.51
N MET A 2 16.18 10.25 12.42
CA MET A 2 15.57 9.89 13.70
C MET A 2 14.17 9.32 13.48
N ARG A 3 13.39 9.99 12.64
CA ARG A 3 12.03 9.54 12.34
C ARG A 3 12.04 8.17 11.67
N GLN A 4 11.25 7.24 12.21
CA GLN A 4 11.18 5.89 11.67
C GLN A 4 10.31 5.86 10.41
N PRO A 5 10.83 5.27 9.31
CA PRO A 5 10.10 5.17 8.05
C PRO A 5 8.98 4.12 8.09
N PRO A 6 7.89 4.34 7.34
CA PRO A 6 6.76 3.40 7.30
C PRO A 6 7.18 2.01 6.81
N LEU A 7 6.59 0.98 7.40
CA LEU A 7 6.92 -0.39 7.02
C LEU A 7 5.64 -1.24 7.00
N VAL A 8 5.34 -1.81 5.83
CA VAL A 8 4.16 -2.64 5.66
C VAL A 8 4.45 -4.08 6.09
N THR A 9 3.46 -4.71 6.71
CA THR A 9 3.62 -6.09 7.18
C THR A 9 2.27 -6.69 7.58
N GLY A 10 1.28 -6.55 6.71
CA GLY A 10 -0.04 -7.09 6.99
C GLY A 10 -1.01 -6.89 5.84
N ILE A 11 -1.80 -7.92 5.56
CA ILE A 11 -2.78 -7.86 4.49
C ILE A 11 -3.79 -9.01 4.62
N SER A 12 -5.08 -8.67 4.54
CA SER A 12 -6.11 -9.69 4.66
C SER A 12 -6.05 -10.67 3.48
N PRO A 13 -6.19 -10.18 2.23
CA PRO A 13 -6.13 -11.04 1.05
C PRO A 13 -4.72 -11.16 0.50
N ASN A 14 -4.14 -12.34 0.62
CA ASN A 14 -2.78 -12.58 0.12
C ASN A 14 -2.82 -13.02 -1.34
N GLU A 15 -3.87 -12.62 -2.05
CA GLU A 15 -4.06 -12.97 -3.45
C GLU A 15 -5.39 -12.45 -3.96
N GLY A 16 -5.37 -11.79 -5.11
CA GLY A 16 -6.62 -11.25 -5.66
C GLY A 16 -6.39 -10.41 -6.90
N ILE A 17 -7.32 -10.49 -7.84
CA ILE A 17 -7.24 -9.73 -9.08
C ILE A 17 -7.12 -8.23 -8.80
N PRO A 18 -6.64 -7.45 -9.78
CA PRO A 18 -6.46 -6.00 -9.63
C PRO A 18 -7.67 -5.29 -9.02
N TRP A 19 -8.87 -5.63 -9.49
CA TRP A 19 -10.09 -5.00 -8.96
C TRP A 19 -10.35 -5.39 -7.51
N THR A 20 -9.80 -6.52 -7.08
CA THR A 20 -10.00 -6.97 -5.71
C THR A 20 -9.42 -5.98 -4.71
N LYS A 21 -10.24 -5.58 -3.73
CA LYS A 21 -9.82 -4.63 -2.71
C LYS A 21 -8.88 -5.31 -1.71
N VAL A 22 -7.83 -4.60 -1.33
CA VAL A 22 -6.86 -5.13 -0.38
C VAL A 22 -6.56 -4.12 0.72
N THR A 23 -6.73 -4.54 1.97
CA THR A 23 -6.48 -3.67 3.10
C THR A 23 -5.01 -3.69 3.50
N ILE A 24 -4.36 -2.54 3.43
CA ILE A 24 -2.96 -2.43 3.80
C ILE A 24 -2.81 -2.24 5.30
N ARG A 25 -1.85 -2.94 5.90
CA ARG A 25 -1.62 -2.84 7.33
C ARG A 25 -0.15 -3.03 7.65
N GLY A 26 0.37 -2.18 8.54
CA GLY A 26 1.77 -2.24 8.92
C GLY A 26 2.07 -1.39 10.14
N GLU A 27 3.06 -0.51 10.01
CA GLU A 27 3.45 0.36 11.11
C GLU A 27 3.91 1.73 10.60
N ASN A 28 3.42 2.78 11.26
CA ASN A 28 3.77 4.15 10.90
C ASN A 28 3.35 4.49 9.46
N LEU A 29 2.15 4.07 9.08
CA LEU A 29 1.63 4.35 7.74
C LEU A 29 0.99 5.74 7.69
N GLY A 30 1.74 6.76 8.09
CA GLY A 30 1.23 8.12 8.09
C GLY A 30 0.40 8.44 9.32
N THR A 31 0.66 9.61 9.91
CA THR A 31 -0.06 10.03 11.10
C THR A 31 -1.53 10.33 10.80
N GLY A 32 -1.79 10.96 9.66
CA GLY A 32 -3.15 11.28 9.28
C GLY A 32 -3.32 11.46 7.79
N PRO A 33 -4.54 11.81 7.34
CA PRO A 33 -4.81 12.01 5.91
C PRO A 33 -3.93 13.08 5.30
N THR A 34 -3.70 14.16 6.05
CA THR A 34 -2.87 15.25 5.58
C THR A 34 -1.45 14.77 5.28
N ASP A 35 -0.93 13.91 6.15
CA ASP A 35 0.42 13.37 5.98
C ASP A 35 0.48 12.47 4.75
N LEU A 36 -0.49 11.57 4.62
CA LEU A 36 -0.52 10.67 3.48
C LEU A 36 -0.85 11.42 2.21
N ILE A 37 -0.03 11.21 1.18
CA ILE A 37 -0.21 11.87 -0.11
C ILE A 37 0.26 10.97 -1.24
N GLY A 38 1.16 10.04 -0.90
CA GLY A 38 1.69 9.13 -1.89
C GLY A 38 1.48 7.67 -1.52
N LEU A 39 0.93 6.90 -2.46
CA LEU A 39 0.69 5.48 -2.22
C LEU A 39 0.74 4.71 -3.53
N THR A 40 1.21 3.46 -3.47
CA THR A 40 1.32 2.62 -4.66
C THR A 40 1.44 1.15 -4.29
N ILE A 41 0.61 0.31 -4.90
CA ILE A 41 0.64 -1.12 -4.65
C ILE A 41 1.29 -1.86 -5.82
N CYS A 42 2.24 -2.74 -5.51
CA CYS A 42 2.96 -3.51 -6.52
C CYS A 42 3.87 -2.61 -7.36
N GLY A 43 3.27 -1.71 -8.14
CA GLY A 43 4.04 -0.81 -8.96
C GLY A 43 3.16 0.10 -9.81
N HIS A 44 1.93 0.34 -9.34
CA HIS A 44 0.99 1.19 -10.05
C HIS A 44 0.36 2.21 -9.11
N ASN A 45 0.26 3.45 -9.56
CA ASN A 45 -0.33 4.52 -8.74
C ASN A 45 -1.77 4.18 -8.38
N CYS A 46 -2.15 4.42 -7.13
CA CYS A 46 -3.50 4.14 -6.67
C CYS A 46 -3.90 5.07 -5.53
N LEU A 47 -3.45 6.33 -5.61
CA LEU A 47 -3.76 7.32 -4.58
C LEU A 47 -5.23 7.71 -4.65
N LEU A 48 -5.73 7.95 -5.86
CA LEU A 48 -7.13 8.34 -6.05
C LEU A 48 -8.07 7.35 -5.39
N THR A 49 -7.76 6.07 -5.51
CA THR A 49 -8.59 5.01 -4.92
C THR A 49 -8.29 4.85 -3.44
N ALA A 50 -7.04 5.09 -3.06
CA ALA A 50 -6.61 4.97 -1.68
C ALA A 50 -7.42 5.87 -0.74
N GLU A 51 -7.86 5.31 0.37
CA GLU A 51 -8.63 6.05 1.37
C GLU A 51 -7.99 5.87 2.75
N TRP A 52 -7.71 6.99 3.42
CA TRP A 52 -7.10 6.95 4.74
C TRP A 52 -8.06 6.36 5.76
N MET A 53 -7.52 5.69 6.77
CA MET A 53 -8.33 5.06 7.81
C MET A 53 -7.65 5.18 9.18
N SER A 54 -6.35 4.93 9.21
CA SER A 54 -5.59 4.99 10.46
C SER A 54 -4.09 4.99 10.18
N ALA A 55 -3.30 5.20 11.23
CA ALA A 55 -1.85 5.22 11.09
C ALA A 55 -1.27 3.82 11.01
N SER A 56 -2.08 2.86 10.54
CA SER A 56 -1.65 1.47 10.40
C SER A 56 -2.65 0.68 9.57
N LYS A 57 -3.44 1.39 8.78
CA LYS A 57 -4.44 0.74 7.93
C LYS A 57 -4.95 1.71 6.86
N ILE A 58 -5.05 1.22 5.63
CA ILE A 58 -5.53 2.04 4.52
C ILE A 58 -6.30 1.19 3.52
N VAL A 59 -7.55 1.55 3.28
CA VAL A 59 -8.39 0.83 2.33
C VAL A 59 -8.09 1.27 0.90
N CYS A 60 -7.78 0.32 0.03
CA CYS A 60 -7.46 0.62 -1.35
C CYS A 60 -7.36 -0.65 -2.18
N ARG A 61 -7.87 -0.59 -3.41
CA ARG A 61 -7.84 -1.75 -4.30
C ARG A 61 -6.51 -1.81 -5.03
N VAL A 62 -5.96 -3.02 -5.13
CA VAL A 62 -4.67 -3.23 -5.80
C VAL A 62 -4.69 -2.68 -7.22
N GLY A 63 -3.61 -2.01 -7.61
CA GLY A 63 -3.52 -1.43 -8.93
C GLY A 63 -3.40 -2.48 -10.03
N GLN A 64 -2.32 -3.26 -9.98
CA GLN A 64 -2.09 -4.31 -10.96
C GLN A 64 -0.81 -5.07 -10.63
N ALA A 65 -0.02 -5.39 -11.67
CA ALA A 65 1.23 -6.10 -11.47
C ALA A 65 2.33 -5.56 -12.37
N LYS A 66 2.46 -4.24 -12.38
CA LYS A 66 3.47 -3.58 -13.20
C LYS A 66 4.84 -4.20 -12.93
N ASN A 67 5.15 -4.37 -11.65
CA ASN A 67 6.40 -4.98 -11.24
C ASN A 67 6.28 -6.50 -11.18
N ASP A 68 7.39 -7.20 -11.39
CA ASP A 68 7.39 -8.65 -11.35
C ASP A 68 6.85 -9.17 -10.02
N LYS A 69 7.31 -8.57 -8.93
CA LYS A 69 6.87 -8.96 -7.60
C LYS A 69 5.59 -8.21 -7.22
N GLY A 70 5.61 -7.54 -6.07
CA GLY A 70 4.44 -6.79 -5.63
C GLY A 70 4.69 -6.08 -4.31
N ASP A 71 5.87 -5.51 -4.15
CA ASP A 71 6.23 -4.80 -2.93
C ASP A 71 5.32 -3.59 -2.72
N ILE A 72 4.78 -3.47 -1.51
CA ILE A 72 3.91 -2.36 -1.18
C ILE A 72 4.72 -1.14 -0.73
N ILE A 73 4.41 0.02 -1.30
CA ILE A 73 5.14 1.24 -0.97
C ILE A 73 4.18 2.36 -0.61
N VAL A 74 4.54 3.13 0.42
CA VAL A 74 3.72 4.25 0.88
C VAL A 74 4.58 5.44 1.25
N THR A 75 4.34 6.57 0.60
CA THR A 75 5.10 7.79 0.86
C THR A 75 4.35 8.72 1.80
N THR A 76 5.07 9.25 2.79
CA THR A 76 4.49 10.16 3.76
C THR A 76 5.19 11.51 3.70
N LYS A 77 4.43 12.59 3.85
CA LYS A 77 5.01 13.93 3.79
C LYS A 77 6.17 14.07 4.77
N SER A 78 5.98 13.58 6.00
CA SER A 78 7.02 13.63 7.01
C SER A 78 8.19 12.74 6.60
N GLY A 79 7.87 11.53 6.19
CA GLY A 79 8.89 10.58 5.76
C GLY A 79 9.33 10.80 4.33
N GLY A 80 9.39 9.72 3.56
CA GLY A 80 9.79 9.80 2.17
C GLY A 80 9.96 8.44 1.53
N LYS A 81 8.84 7.72 1.38
CA LYS A 81 8.86 6.38 0.80
C LYS A 81 9.57 5.40 1.73
N GLY A 82 8.79 4.51 2.33
CA GLY A 82 9.34 3.53 3.25
C GLY A 82 9.72 2.23 2.57
N THR A 83 9.34 1.12 3.19
CA THR A 83 9.63 -0.21 2.65
C THR A 83 8.51 -1.18 2.97
N SER A 84 8.75 -2.47 2.75
CA SER A 84 7.74 -3.49 3.02
C SER A 84 8.35 -4.90 2.93
N THR A 85 8.18 -5.67 4.00
CA THR A 85 8.70 -7.03 4.05
C THR A 85 7.66 -8.02 3.54
N VAL A 86 6.80 -7.55 2.64
CA VAL A 86 5.74 -8.37 2.07
C VAL A 86 5.33 -7.87 0.70
N SER A 87 4.89 -8.78 -0.16
CA SER A 87 4.47 -8.43 -1.52
C SER A 87 3.15 -9.12 -1.87
N PHE A 88 2.24 -8.36 -2.45
CA PHE A 88 0.94 -8.89 -2.85
C PHE A 88 1.01 -9.54 -4.22
N LYS A 89 0.55 -10.78 -4.30
CA LYS A 89 0.55 -11.51 -5.56
C LYS A 89 -0.65 -11.11 -6.42
N LEU A 90 -0.37 -10.53 -7.59
CA LEU A 90 -1.43 -10.09 -8.50
C LEU A 90 -1.95 -11.27 -9.31
N LEU A 91 -3.26 -11.44 -9.31
CA LEU A 91 -3.89 -12.52 -10.06
C LEU A 91 -4.44 -12.02 -11.39
N LYS A 92 -4.17 -12.75 -12.47
CA LYS A 92 -4.65 -12.39 -13.79
C LYS A 92 -6.16 -12.52 -13.88
N PRO A 93 -6.86 -11.51 -14.44
CA PRO A 93 -8.31 -11.54 -14.58
C PRO A 93 -8.80 -12.79 -15.29
N GLU A 94 -9.78 -13.47 -14.70
CA GLU A 94 -10.33 -14.68 -15.30
C GLU A 94 -11.34 -14.32 -16.38
N LYS A 95 -11.05 -14.76 -17.61
CA LYS A 95 -11.93 -14.50 -18.75
C LYS A 95 -11.42 -15.22 -19.99
N HIS A 1 12.37 14.48 13.26
CA HIS A 1 12.76 14.62 11.83
C HIS A 1 13.21 13.28 11.26
N MET A 2 14.04 12.57 12.02
CA MET A 2 14.57 11.29 11.59
C MET A 2 13.55 10.17 11.80
N ARG A 3 12.29 10.44 11.42
CA ARG A 3 11.24 9.46 11.56
C ARG A 3 11.44 8.29 10.60
N GLN A 4 11.38 7.07 11.14
CA GLN A 4 11.57 5.88 10.33
C GLN A 4 10.43 5.69 9.34
N PRO A 5 10.75 5.41 8.06
CA PRO A 5 9.75 5.20 7.01
C PRO A 5 8.74 4.12 7.38
N PRO A 6 7.47 4.27 6.95
CA PRO A 6 6.42 3.30 7.24
C PRO A 6 6.75 1.90 6.72
N LEU A 7 6.62 0.91 7.59
CA LEU A 7 6.92 -0.47 7.23
C LEU A 7 5.65 -1.32 7.25
N VAL A 8 5.32 -1.89 6.09
CA VAL A 8 4.14 -2.74 5.96
C VAL A 8 4.45 -4.18 6.37
N THR A 9 3.58 -4.75 7.19
CA THR A 9 3.75 -6.12 7.67
C THR A 9 2.40 -6.78 7.98
N GLY A 10 1.45 -6.65 7.05
CA GLY A 10 0.14 -7.23 7.25
C GLY A 10 -0.79 -7.00 6.07
N ILE A 11 -1.63 -8.00 5.80
CA ILE A 11 -2.59 -7.93 4.71
C ILE A 11 -3.73 -8.91 4.93
N SER A 12 -4.97 -8.42 4.79
CA SER A 12 -6.14 -9.28 4.99
C SER A 12 -6.13 -10.44 4.00
N PRO A 13 -6.16 -10.18 2.68
CA PRO A 13 -6.13 -11.24 1.67
C PRO A 13 -4.75 -11.84 1.51
N ASN A 14 -4.45 -12.33 0.31
CA ASN A 14 -3.15 -12.94 0.01
C ASN A 14 -3.05 -13.28 -1.48
N GLU A 15 -4.19 -13.43 -2.13
CA GLU A 15 -4.21 -13.75 -3.56
C GLU A 15 -5.57 -13.38 -4.17
N GLY A 16 -5.53 -12.65 -5.27
CA GLY A 16 -6.76 -12.22 -5.92
C GLY A 16 -6.52 -11.19 -7.00
N ILE A 17 -7.48 -11.06 -7.92
CA ILE A 17 -7.36 -10.09 -9.01
C ILE A 17 -7.03 -8.69 -8.48
N PRO A 18 -6.43 -7.84 -9.34
CA PRO A 18 -6.03 -6.48 -8.94
C PRO A 18 -7.16 -5.68 -8.29
N TRP A 19 -8.37 -5.80 -8.83
CA TRP A 19 -9.51 -5.06 -8.29
C TRP A 19 -9.96 -5.58 -6.93
N THR A 20 -9.36 -6.68 -6.48
CA THR A 20 -9.71 -7.26 -5.19
C THR A 20 -9.37 -6.30 -4.05
N LYS A 21 -10.34 -6.09 -3.15
CA LYS A 21 -10.14 -5.20 -2.01
C LYS A 21 -9.09 -5.78 -1.08
N VAL A 22 -8.20 -4.93 -0.58
CA VAL A 22 -7.14 -5.37 0.33
C VAL A 22 -6.87 -4.34 1.41
N THR A 23 -6.83 -4.80 2.66
CA THR A 23 -6.59 -3.92 3.79
C THR A 23 -5.10 -3.81 4.09
N ILE A 24 -4.59 -2.59 4.08
CA ILE A 24 -3.17 -2.34 4.36
C ILE A 24 -2.91 -2.36 5.86
N ARG A 25 -1.77 -2.94 6.24
CA ARG A 25 -1.40 -3.02 7.65
C ARG A 25 0.12 -2.93 7.80
N GLY A 26 0.58 -2.08 8.71
CA GLY A 26 2.00 -1.92 8.92
C GLY A 26 2.31 -1.06 10.13
N GLU A 27 3.27 -0.15 9.98
CA GLU A 27 3.68 0.73 11.08
C GLU A 27 4.08 2.11 10.56
N ASN A 28 3.61 3.14 11.27
CA ASN A 28 3.91 4.54 10.91
C ASN A 28 3.40 4.91 9.53
N LEU A 29 2.20 4.45 9.18
CA LEU A 29 1.61 4.77 7.88
C LEU A 29 0.92 6.14 7.92
N GLY A 30 1.63 7.14 8.44
CA GLY A 30 1.07 8.47 8.53
C GLY A 30 -0.03 8.57 9.56
N THR A 31 0.12 9.49 10.51
CA THR A 31 -0.87 9.68 11.57
C THR A 31 -1.94 10.68 11.14
N GLY A 32 -2.35 10.60 9.88
CA GLY A 32 -3.37 11.51 9.37
C GLY A 32 -3.41 11.55 7.85
N PRO A 33 -4.60 11.76 7.26
CA PRO A 33 -4.75 11.82 5.81
C PRO A 33 -3.77 12.81 5.18
N THR A 34 -3.61 13.96 5.83
CA THR A 34 -2.70 14.99 5.35
C THR A 34 -1.27 14.47 5.31
N ASP A 35 -0.93 13.62 6.27
CA ASP A 35 0.41 13.03 6.34
C ASP A 35 0.57 11.91 5.32
N LEU A 36 0.13 12.18 4.09
CA LEU A 36 0.23 11.21 3.01
C LEU A 36 0.19 11.93 1.67
N ILE A 37 1.23 11.73 0.86
CA ILE A 37 1.32 12.39 -0.44
C ILE A 37 1.97 11.48 -1.47
N GLY A 38 1.74 10.18 -1.34
CA GLY A 38 2.30 9.22 -2.27
C GLY A 38 1.79 7.82 -2.01
N LEU A 39 1.29 7.17 -3.07
CA LEU A 39 0.77 5.82 -2.96
C LEU A 39 0.96 5.08 -4.29
N THR A 40 1.45 3.85 -4.23
CA THR A 40 1.68 3.07 -5.44
C THR A 40 1.73 1.58 -5.15
N ILE A 41 0.92 0.81 -5.89
CA ILE A 41 0.87 -0.63 -5.74
C ILE A 41 1.36 -1.32 -7.00
N CYS A 42 2.35 -2.21 -6.85
CA CYS A 42 2.91 -2.93 -7.99
C CYS A 42 3.46 -1.96 -9.03
N GLY A 43 4.20 -0.95 -8.57
CA GLY A 43 4.77 0.03 -9.48
C GLY A 43 3.73 0.82 -10.24
N HIS A 44 2.46 0.68 -9.83
CA HIS A 44 1.38 1.40 -10.48
C HIS A 44 0.71 2.39 -9.53
N ASN A 45 0.50 3.61 -10.00
CA ASN A 45 -0.12 4.66 -9.20
C ASN A 45 -1.55 4.27 -8.81
N CYS A 46 -1.88 4.45 -7.54
CA CYS A 46 -3.21 4.13 -7.03
C CYS A 46 -3.53 4.97 -5.80
N LEU A 47 -3.13 6.25 -5.85
CA LEU A 47 -3.38 7.16 -4.74
C LEU A 47 -4.85 7.56 -4.66
N LEU A 48 -5.46 7.81 -5.81
CA LEU A 48 -6.86 8.22 -5.86
C LEU A 48 -7.77 7.16 -5.22
N THR A 49 -7.40 5.89 -5.35
CA THR A 49 -8.18 4.80 -4.76
C THR A 49 -7.89 4.67 -3.27
N ALA A 50 -6.62 4.86 -2.90
CA ALA A 50 -6.21 4.75 -1.50
C ALA A 50 -6.94 5.74 -0.61
N GLU A 51 -7.47 5.23 0.49
CA GLU A 51 -8.19 6.05 1.45
C GLU A 51 -7.63 5.86 2.85
N TRP A 52 -7.28 6.96 3.51
CA TRP A 52 -6.72 6.91 4.85
C TRP A 52 -7.75 6.38 5.84
N MET A 53 -7.29 5.58 6.79
CA MET A 53 -8.18 5.00 7.80
C MET A 53 -7.61 5.16 9.20
N SER A 54 -6.30 4.91 9.32
CA SER A 54 -5.63 5.02 10.62
C SER A 54 -4.12 5.15 10.43
N ALA A 55 -3.38 4.98 11.52
CA ALA A 55 -1.93 5.08 11.50
C ALA A 55 -1.30 3.83 10.88
N SER A 56 -2.12 2.82 10.62
CA SER A 56 -1.64 1.58 10.03
C SER A 56 -2.75 0.84 9.30
N LYS A 57 -3.50 1.56 8.48
CA LYS A 57 -4.60 0.98 7.72
C LYS A 57 -5.03 1.91 6.59
N ILE A 58 -5.12 1.37 5.38
CA ILE A 58 -5.52 2.14 4.21
C ILE A 58 -6.23 1.25 3.19
N VAL A 59 -7.43 1.66 2.78
CA VAL A 59 -8.20 0.92 1.79
C VAL A 59 -7.78 1.30 0.38
N CYS A 60 -7.45 0.30 -0.43
CA CYS A 60 -7.03 0.55 -1.80
C CYS A 60 -6.95 -0.75 -2.60
N ARG A 61 -7.28 -0.68 -3.88
CA ARG A 61 -7.23 -1.85 -4.74
C ARG A 61 -5.82 -2.03 -5.29
N VAL A 62 -5.31 -3.25 -5.20
CA VAL A 62 -3.97 -3.58 -5.68
C VAL A 62 -3.86 -3.33 -7.18
N GLY A 63 -2.87 -2.51 -7.56
CA GLY A 63 -2.66 -2.20 -8.96
C GLY A 63 -2.03 -3.34 -9.72
N GLN A 64 -2.31 -3.42 -11.03
CA GLN A 64 -1.76 -4.47 -11.87
C GLN A 64 -0.25 -4.54 -11.73
N ALA A 65 0.30 -5.74 -11.72
CA ALA A 65 1.73 -5.95 -11.58
C ALA A 65 2.49 -5.27 -12.72
N LYS A 66 3.39 -4.35 -12.36
CA LYS A 66 4.18 -3.63 -13.36
C LYS A 66 5.45 -4.41 -13.67
N ASN A 67 6.21 -4.74 -12.63
CA ASN A 67 7.45 -5.49 -12.80
C ASN A 67 7.20 -6.99 -12.66
N ASP A 68 6.99 -7.45 -11.43
CA ASP A 68 6.74 -8.86 -11.16
C ASP A 68 6.06 -9.04 -9.81
N LYS A 69 6.67 -8.50 -8.76
CA LYS A 69 6.13 -8.62 -7.41
C LYS A 69 4.96 -7.64 -7.20
N GLY A 70 5.06 -6.83 -6.14
CA GLY A 70 4.02 -5.87 -5.86
C GLY A 70 4.22 -5.19 -4.51
N ASP A 71 5.44 -4.70 -4.26
CA ASP A 71 5.75 -4.03 -3.01
C ASP A 71 4.83 -2.84 -2.78
N ILE A 72 4.28 -2.74 -1.58
CA ILE A 72 3.38 -1.65 -1.24
C ILE A 72 4.17 -0.44 -0.73
N ILE A 73 4.02 0.69 -1.41
CA ILE A 73 4.71 1.90 -1.03
C ILE A 73 3.75 2.96 -0.50
N VAL A 74 4.15 3.66 0.56
CA VAL A 74 3.33 4.70 1.16
C VAL A 74 4.17 5.88 1.61
N THR A 75 4.01 7.01 0.91
CA THR A 75 4.75 8.22 1.23
C THR A 75 4.12 8.94 2.41
N THR A 76 4.95 9.54 3.26
CA THR A 76 4.46 10.27 4.43
C THR A 76 5.20 11.59 4.61
N LYS A 77 4.46 12.63 4.99
CA LYS A 77 5.03 13.95 5.20
C LYS A 77 6.15 13.90 6.24
N SER A 78 5.88 13.24 7.37
CA SER A 78 6.87 13.12 8.43
C SER A 78 8.04 12.26 7.98
N GLY A 79 7.73 11.07 7.49
CA GLY A 79 8.76 10.16 7.03
C GLY A 79 9.12 10.38 5.57
N GLY A 80 9.04 9.31 4.78
CA GLY A 80 9.34 9.41 3.36
C GLY A 80 8.81 8.21 2.59
N LYS A 81 9.64 7.67 1.70
CA LYS A 81 9.24 6.52 0.90
C LYS A 81 8.90 5.33 1.79
N GLY A 82 7.69 4.79 1.61
CA GLY A 82 7.25 3.67 2.42
C GLY A 82 7.94 2.36 2.05
N THR A 83 8.45 1.67 3.07
CA THR A 83 9.12 0.39 2.86
C THR A 83 8.19 -0.78 3.20
N SER A 84 8.35 -1.89 2.49
CA SER A 84 7.52 -3.06 2.72
C SER A 84 8.17 -4.33 2.18
N THR A 85 8.31 -5.33 3.04
CA THR A 85 8.91 -6.60 2.65
C THR A 85 7.83 -7.63 2.36
N VAL A 86 6.77 -7.18 1.69
CA VAL A 86 5.65 -8.05 1.34
C VAL A 86 5.02 -7.62 0.02
N SER A 87 4.33 -8.55 -0.63
CA SER A 87 3.69 -8.26 -1.89
C SER A 87 2.44 -9.13 -2.10
N PHE A 88 1.39 -8.52 -2.62
CA PHE A 88 0.15 -9.23 -2.86
C PHE A 88 0.16 -9.97 -4.19
N LYS A 89 -0.14 -11.26 -4.17
CA LYS A 89 -0.16 -12.07 -5.38
C LYS A 89 -1.38 -11.71 -6.22
N LEU A 90 -1.14 -11.25 -7.45
CA LEU A 90 -2.22 -10.88 -8.35
C LEU A 90 -2.67 -12.06 -9.19
N LEU A 91 -3.98 -12.31 -9.21
CA LEU A 91 -4.55 -13.41 -9.97
C LEU A 91 -5.26 -12.88 -11.21
N LYS A 92 -5.11 -13.60 -12.33
CA LYS A 92 -5.73 -13.20 -13.59
C LYS A 92 -7.25 -13.10 -13.44
N PRO A 93 -7.87 -12.09 -14.06
CA PRO A 93 -9.33 -11.89 -13.98
C PRO A 93 -10.11 -13.13 -14.40
N GLU A 94 -11.05 -13.53 -13.55
CA GLU A 94 -11.88 -14.70 -13.84
C GLU A 94 -13.04 -14.32 -14.75
N LYS A 95 -13.09 -14.93 -15.92
CA LYS A 95 -14.15 -14.67 -16.89
C LYS A 95 -14.01 -15.56 -18.12
N HIS A 1 17.24 12.13 14.39
CA HIS A 1 16.36 13.18 13.82
C HIS A 1 15.58 12.66 12.62
N MET A 2 16.25 11.87 11.77
CA MET A 2 15.62 11.31 10.59
C MET A 2 14.41 10.46 10.96
N ARG A 3 13.29 10.71 10.28
CA ARG A 3 12.05 9.98 10.54
C ARG A 3 12.12 8.57 9.94
N GLN A 4 11.68 7.59 10.71
CA GLN A 4 11.69 6.20 10.24
C GLN A 4 10.61 5.97 9.19
N PRO A 5 10.97 5.31 8.07
CA PRO A 5 10.03 5.02 6.99
C PRO A 5 9.01 3.95 7.38
N PRO A 6 7.74 4.11 6.94
CA PRO A 6 6.67 3.15 7.24
C PRO A 6 7.00 1.74 6.75
N LEU A 7 6.59 0.74 7.52
CA LEU A 7 6.85 -0.65 7.17
C LEU A 7 5.57 -1.48 7.30
N VAL A 8 5.17 -2.11 6.20
CA VAL A 8 3.96 -2.94 6.19
C VAL A 8 4.23 -4.34 6.73
N THR A 9 3.30 -4.84 7.55
CA THR A 9 3.42 -6.18 8.12
C THR A 9 2.05 -6.81 8.35
N GLY A 10 1.18 -6.72 7.35
CA GLY A 10 -0.15 -7.29 7.48
C GLY A 10 -1.02 -7.10 6.26
N ILE A 11 -1.87 -8.08 5.99
CA ILE A 11 -2.78 -8.04 4.85
C ILE A 11 -3.89 -9.07 5.02
N SER A 12 -5.14 -8.64 4.88
CA SER A 12 -6.27 -9.55 5.03
C SER A 12 -6.31 -10.55 3.87
N PRO A 13 -6.43 -10.08 2.60
CA PRO A 13 -6.47 -10.96 1.45
C PRO A 13 -5.09 -11.13 0.81
N ASN A 14 -4.48 -12.29 1.00
CA ASN A 14 -3.17 -12.56 0.44
C ASN A 14 -3.31 -13.20 -0.95
N GLU A 15 -4.36 -12.82 -1.66
CA GLU A 15 -4.63 -13.33 -3.00
C GLU A 15 -5.92 -12.72 -3.55
N GLY A 16 -5.85 -12.17 -4.76
CA GLY A 16 -7.02 -11.56 -5.36
C GLY A 16 -6.68 -10.77 -6.62
N ILE A 17 -7.62 -10.72 -7.55
CA ILE A 17 -7.42 -9.99 -8.80
C ILE A 17 -7.00 -8.54 -8.52
N PRO A 18 -6.39 -7.87 -9.51
CA PRO A 18 -5.92 -6.48 -9.38
C PRO A 18 -6.98 -5.53 -8.79
N TRP A 19 -8.23 -5.70 -9.19
CA TRP A 19 -9.30 -4.83 -8.69
C TRP A 19 -9.70 -5.17 -7.26
N THR A 20 -9.28 -6.34 -6.77
CA THR A 20 -9.61 -6.76 -5.42
C THR A 20 -9.01 -5.82 -4.38
N LYS A 21 -9.86 -5.34 -3.47
CA LYS A 21 -9.41 -4.45 -2.40
C LYS A 21 -8.64 -5.23 -1.34
N VAL A 22 -7.51 -4.70 -0.91
CA VAL A 22 -6.70 -5.36 0.09
C VAL A 22 -6.46 -4.44 1.30
N THR A 23 -6.73 -4.97 2.50
CA THR A 23 -6.55 -4.21 3.72
C THR A 23 -5.07 -4.08 4.06
N ILE A 24 -4.57 -2.84 4.07
CA ILE A 24 -3.17 -2.58 4.37
C ILE A 24 -2.95 -2.44 5.88
N ARG A 25 -1.90 -3.07 6.39
CA ARG A 25 -1.58 -3.00 7.81
C ARG A 25 -0.07 -3.03 8.02
N GLY A 26 0.42 -2.16 8.89
CA GLY A 26 1.85 -2.10 9.17
C GLY A 26 2.17 -1.21 10.35
N GLU A 27 3.14 -0.31 10.18
CA GLU A 27 3.54 0.60 11.24
C GLU A 27 3.96 1.96 10.69
N ASN A 28 3.45 3.03 11.30
CA ASN A 28 3.78 4.39 10.90
C ASN A 28 3.36 4.68 9.46
N LEU A 29 2.18 4.21 9.07
CA LEU A 29 1.67 4.45 7.72
C LEU A 29 1.03 5.82 7.61
N GLY A 30 1.78 6.85 7.99
CA GLY A 30 1.28 8.21 7.94
C GLY A 30 0.37 8.54 9.10
N THR A 31 0.58 9.71 9.69
CA THR A 31 -0.21 10.17 10.83
C THR A 31 -1.66 10.43 10.43
N GLY A 32 -1.85 10.97 9.23
CA GLY A 32 -3.20 11.25 8.76
C GLY A 32 -3.32 11.27 7.25
N PRO A 33 -4.49 11.64 6.72
CA PRO A 33 -4.72 11.70 5.26
C PRO A 33 -3.84 12.73 4.57
N THR A 34 -3.74 13.91 5.17
CA THR A 34 -2.93 14.99 4.61
C THR A 34 -1.48 14.53 4.40
N ASP A 35 -0.97 13.77 5.37
CA ASP A 35 0.39 13.25 5.30
C ASP A 35 0.52 12.24 4.16
N LEU A 36 -0.52 11.44 3.96
CA LEU A 36 -0.53 10.44 2.90
C LEU A 36 -0.71 11.07 1.53
N ILE A 37 0.26 11.89 1.13
CA ILE A 37 0.21 12.57 -0.16
C ILE A 37 0.48 11.60 -1.30
N GLY A 38 1.39 10.66 -1.06
CA GLY A 38 1.73 9.68 -2.09
C GLY A 38 1.31 8.27 -1.72
N LEU A 39 0.85 7.53 -2.72
CA LEU A 39 0.43 6.15 -2.53
C LEU A 39 0.67 5.33 -3.80
N THR A 40 1.23 4.14 -3.64
CA THR A 40 1.52 3.28 -4.78
C THR A 40 1.46 1.80 -4.41
N ILE A 41 1.12 0.99 -5.40
CA ILE A 41 1.03 -0.46 -5.20
C ILE A 41 1.69 -1.16 -6.38
N CYS A 42 2.76 -1.91 -6.09
CA CYS A 42 3.51 -2.62 -7.12
C CYS A 42 4.35 -1.65 -7.95
N GLY A 43 3.80 -0.46 -8.21
CA GLY A 43 4.52 0.54 -8.98
C GLY A 43 3.63 1.69 -9.43
N HIS A 44 2.41 1.37 -9.84
CA HIS A 44 1.47 2.37 -10.31
C HIS A 44 0.80 3.09 -9.15
N ASN A 45 0.60 4.40 -9.30
CA ASN A 45 -0.04 5.21 -8.28
C ASN A 45 -1.46 4.72 -8.00
N CYS A 46 -1.88 4.81 -6.75
CA CYS A 46 -3.22 4.37 -6.35
C CYS A 46 -3.74 5.18 -5.17
N LEU A 47 -3.44 6.48 -5.16
CA LEU A 47 -3.88 7.36 -4.09
C LEU A 47 -5.37 7.66 -4.19
N LEU A 48 -5.81 8.01 -5.40
CA LEU A 48 -7.22 8.34 -5.63
C LEU A 48 -8.16 7.29 -5.05
N THR A 49 -7.83 6.02 -5.25
CA THR A 49 -8.66 4.93 -4.74
C THR A 49 -8.38 4.68 -3.26
N ALA A 50 -7.12 4.80 -2.86
CA ALA A 50 -6.73 4.58 -1.47
C ALA A 50 -7.43 5.55 -0.54
N GLU A 51 -7.90 5.03 0.60
CA GLU A 51 -8.59 5.84 1.59
C GLU A 51 -7.95 5.67 2.96
N TRP A 52 -7.66 6.78 3.62
CA TRP A 52 -7.04 6.76 4.94
C TRP A 52 -7.98 6.17 5.98
N MET A 53 -7.39 5.55 7.00
CA MET A 53 -8.17 4.93 8.08
C MET A 53 -7.49 5.16 9.43
N SER A 54 -6.19 4.89 9.48
CA SER A 54 -5.43 5.07 10.71
C SER A 54 -3.93 5.02 10.41
N ALA A 55 -3.12 5.06 11.47
CA ALA A 55 -1.67 5.03 11.32
C ALA A 55 -1.18 3.61 11.03
N SER A 56 -1.95 2.87 10.23
CA SER A 56 -1.59 1.50 9.88
C SER A 56 -2.60 0.93 8.88
N LYS A 57 -3.88 1.17 9.12
CA LYS A 57 -4.93 0.68 8.24
C LYS A 57 -5.12 1.59 7.03
N ILE A 58 -5.17 1.00 5.84
CA ILE A 58 -5.36 1.75 4.61
C ILE A 58 -6.05 0.89 3.55
N VAL A 59 -7.33 1.16 3.31
CA VAL A 59 -8.09 0.41 2.32
C VAL A 59 -7.79 0.91 0.90
N CYS A 60 -7.49 -0.01 0.01
CA CYS A 60 -7.18 0.34 -1.37
C CYS A 60 -7.10 -0.90 -2.25
N ARG A 61 -7.61 -0.77 -3.46
CA ARG A 61 -7.58 -1.86 -4.42
C ARG A 61 -6.26 -1.88 -5.17
N VAL A 62 -5.64 -3.05 -5.26
CA VAL A 62 -4.36 -3.19 -5.95
C VAL A 62 -4.53 -2.94 -7.46
N GLY A 63 -3.73 -3.60 -8.28
CA GLY A 63 -3.82 -3.43 -9.71
C GLY A 63 -2.82 -4.30 -10.44
N GLN A 64 -2.26 -3.77 -11.51
CA GLN A 64 -1.26 -4.51 -12.29
C GLN A 64 0.08 -4.49 -11.56
N ALA A 65 1.18 -4.41 -12.32
CA ALA A 65 2.51 -4.36 -11.73
C ALA A 65 3.55 -3.99 -12.78
N LYS A 66 4.32 -2.94 -12.50
CA LYS A 66 5.35 -2.49 -13.42
C LYS A 66 6.52 -3.46 -13.44
N ASN A 67 7.04 -3.79 -12.27
CA ASN A 67 8.17 -4.71 -12.16
C ASN A 67 7.72 -6.14 -12.46
N ASP A 68 7.15 -6.81 -11.46
CA ASP A 68 6.68 -8.18 -11.61
C ASP A 68 6.08 -8.69 -10.30
N LYS A 69 6.80 -8.48 -9.20
CA LYS A 69 6.36 -8.93 -7.89
C LYS A 69 5.14 -8.12 -7.42
N GLY A 70 5.28 -7.36 -6.33
CA GLY A 70 4.16 -6.58 -5.83
C GLY A 70 4.45 -5.91 -4.50
N ASP A 71 5.63 -5.29 -4.41
CA ASP A 71 6.03 -4.62 -3.18
C ASP A 71 5.10 -3.45 -2.85
N ILE A 72 4.60 -3.43 -1.62
CA ILE A 72 3.71 -2.36 -1.17
C ILE A 72 4.52 -1.17 -0.66
N ILE A 73 4.18 0.02 -1.13
CA ILE A 73 4.90 1.23 -0.72
C ILE A 73 3.94 2.36 -0.38
N VAL A 74 4.32 3.17 0.60
CA VAL A 74 3.49 4.29 1.04
C VAL A 74 4.36 5.52 1.32
N THR A 75 3.99 6.65 0.72
CA THR A 75 4.74 7.89 0.89
C THR A 75 4.15 8.73 2.02
N THR A 76 5.03 9.41 2.76
CA THR A 76 4.61 10.25 3.87
C THR A 76 5.38 11.57 3.87
N LYS A 77 4.66 12.67 4.12
CA LYS A 77 5.27 13.99 4.13
C LYS A 77 6.44 14.06 5.13
N SER A 78 6.21 13.56 6.34
CA SER A 78 7.25 13.57 7.36
C SER A 78 8.39 12.64 6.96
N GLY A 79 8.05 11.38 6.68
CA GLY A 79 9.05 10.41 6.28
C GLY A 79 9.38 10.51 4.80
N GLY A 80 9.22 9.40 4.10
CA GLY A 80 9.49 9.37 2.67
C GLY A 80 8.98 8.11 2.01
N LYS A 81 9.72 7.59 1.04
CA LYS A 81 9.31 6.38 0.35
C LYS A 81 9.41 5.18 1.30
N GLY A 82 8.26 4.64 1.70
CA GLY A 82 8.25 3.52 2.61
C GLY A 82 8.67 2.21 1.96
N THR A 83 8.32 1.10 2.60
CA THR A 83 8.64 -0.23 2.10
C THR A 83 7.64 -1.25 2.63
N SER A 84 7.94 -2.54 2.44
CA SER A 84 7.06 -3.61 2.91
C SER A 84 7.73 -4.96 2.76
N THR A 85 7.67 -5.76 3.83
CA THR A 85 8.26 -7.10 3.80
C THR A 85 7.23 -8.14 3.34
N VAL A 86 6.32 -7.71 2.47
CA VAL A 86 5.28 -8.59 1.94
C VAL A 86 4.85 -8.13 0.55
N SER A 87 4.56 -9.10 -0.32
CA SER A 87 4.13 -8.80 -1.67
C SER A 87 2.80 -9.49 -1.99
N PHE A 88 1.88 -8.74 -2.58
CA PHE A 88 0.57 -9.28 -2.92
C PHE A 88 0.61 -9.96 -4.29
N LYS A 89 0.12 -11.19 -4.33
CA LYS A 89 0.09 -11.94 -5.59
C LYS A 89 -1.13 -11.56 -6.41
N LEU A 90 -0.90 -11.11 -7.64
CA LEU A 90 -1.98 -10.71 -8.53
C LEU A 90 -2.61 -11.92 -9.22
N LEU A 91 -3.93 -12.02 -9.13
CA LEU A 91 -4.64 -13.13 -9.77
C LEU A 91 -5.23 -12.70 -11.10
N LYS A 92 -5.04 -13.53 -12.11
CA LYS A 92 -5.56 -13.24 -13.45
C LYS A 92 -7.07 -13.43 -13.51
N PRO A 93 -7.81 -12.49 -14.12
CA PRO A 93 -9.26 -12.58 -14.24
C PRO A 93 -9.72 -13.86 -14.92
N GLU A 94 -10.67 -14.56 -14.31
CA GLU A 94 -11.19 -15.79 -14.88
C GLU A 94 -12.11 -15.51 -16.05
N LYS A 95 -11.69 -15.96 -17.24
CA LYS A 95 -12.47 -15.75 -18.45
C LYS A 95 -13.82 -16.48 -18.35
N HIS A 1 8.05 13.05 17.32
CA HIS A 1 9.29 13.42 16.60
C HIS A 1 9.70 12.33 15.62
N MET A 2 9.64 11.08 16.06
CA MET A 2 10.00 9.95 15.23
C MET A 2 9.15 9.91 13.95
N ARG A 3 9.81 9.61 12.83
CA ARG A 3 9.13 9.54 11.54
C ARG A 3 9.73 8.46 10.66
N GLN A 4 9.94 7.28 11.25
CA GLN A 4 10.51 6.15 10.54
C GLN A 4 9.63 5.74 9.36
N PRO A 5 10.24 5.28 8.25
CA PRO A 5 9.50 4.86 7.06
C PRO A 5 8.44 3.80 7.38
N PRO A 6 7.27 3.88 6.73
CA PRO A 6 6.18 2.92 6.96
C PRO A 6 6.62 1.48 6.69
N LEU A 7 6.20 0.57 7.56
CA LEU A 7 6.55 -0.84 7.41
C LEU A 7 5.30 -1.71 7.53
N VAL A 8 4.94 -2.35 6.42
CA VAL A 8 3.76 -3.22 6.39
C VAL A 8 4.05 -4.59 6.98
N THR A 9 3.15 -5.09 7.81
CA THR A 9 3.30 -6.39 8.43
C THR A 9 1.94 -7.07 8.62
N GLY A 10 1.10 -6.98 7.60
CA GLY A 10 -0.22 -7.59 7.68
C GLY A 10 -1.05 -7.35 6.44
N ILE A 11 -1.86 -8.33 6.06
CA ILE A 11 -2.72 -8.22 4.90
C ILE A 11 -3.81 -9.29 4.94
N SER A 12 -5.05 -8.86 4.73
CA SER A 12 -6.18 -9.78 4.75
C SER A 12 -6.10 -10.78 3.60
N PRO A 13 -6.09 -10.31 2.33
CA PRO A 13 -6.01 -11.18 1.18
C PRO A 13 -4.57 -11.37 0.68
N ASN A 14 -4.10 -12.61 0.68
CA ASN A 14 -2.75 -12.92 0.21
C ASN A 14 -2.74 -13.27 -1.27
N GLU A 15 -3.79 -12.85 -1.98
CA GLU A 15 -3.92 -13.12 -3.40
C GLU A 15 -5.22 -12.56 -3.94
N GLY A 16 -5.15 -11.90 -5.10
CA GLY A 16 -6.35 -11.32 -5.70
C GLY A 16 -6.03 -10.37 -6.83
N ILE A 17 -6.91 -10.35 -7.82
CA ILE A 17 -6.74 -9.47 -8.98
C ILE A 17 -6.59 -8.01 -8.54
N PRO A 18 -6.01 -7.14 -9.40
CA PRO A 18 -5.82 -5.73 -9.06
C PRO A 18 -7.07 -5.06 -8.49
N TRP A 19 -8.22 -5.40 -9.05
CA TRP A 19 -9.48 -4.81 -8.60
C TRP A 19 -9.88 -5.30 -7.21
N THR A 20 -9.34 -6.45 -6.80
CA THR A 20 -9.65 -7.02 -5.49
C THR A 20 -9.24 -6.08 -4.36
N LYS A 21 -10.17 -5.84 -3.44
CA LYS A 21 -9.92 -4.98 -2.30
C LYS A 21 -8.95 -5.64 -1.33
N VAL A 22 -8.04 -4.85 -0.76
CA VAL A 22 -7.06 -5.39 0.18
C VAL A 22 -6.89 -4.46 1.38
N THR A 23 -6.91 -5.05 2.57
CA THR A 23 -6.74 -4.28 3.80
C THR A 23 -5.27 -4.12 4.16
N ILE A 24 -4.76 -2.91 4.05
CA ILE A 24 -3.36 -2.65 4.38
C ILE A 24 -3.18 -2.60 5.88
N ARG A 25 -2.08 -3.19 6.35
CA ARG A 25 -1.79 -3.22 7.78
C ARG A 25 -0.28 -3.17 8.01
N GLY A 26 0.15 -2.25 8.86
CA GLY A 26 1.57 -2.12 9.16
C GLY A 26 1.84 -1.18 10.31
N GLU A 27 2.84 -0.32 10.15
CA GLU A 27 3.22 0.63 11.19
C GLU A 27 3.76 1.93 10.59
N ASN A 28 3.35 3.05 11.17
CA ASN A 28 3.81 4.38 10.72
C ASN A 28 3.38 4.68 9.29
N LEU A 29 2.14 4.32 8.94
CA LEU A 29 1.62 4.58 7.60
C LEU A 29 1.03 5.99 7.52
N GLY A 30 1.82 6.98 7.94
CA GLY A 30 1.36 8.35 7.93
C GLY A 30 0.40 8.65 9.06
N THR A 31 0.72 9.67 9.85
CA THR A 31 -0.12 10.06 10.98
C THR A 31 -1.14 11.12 10.58
N GLY A 32 -1.71 10.98 9.39
CA GLY A 32 -2.68 11.95 8.91
C GLY A 32 -3.02 11.76 7.45
N PRO A 33 -4.28 12.01 7.06
CA PRO A 33 -4.72 11.86 5.67
C PRO A 33 -3.87 12.69 4.71
N THR A 34 -3.57 13.93 5.11
CA THR A 34 -2.76 14.82 4.30
C THR A 34 -1.36 14.26 4.09
N ASP A 35 -0.83 13.62 5.13
CA ASP A 35 0.52 13.05 5.06
C ASP A 35 0.64 12.04 3.92
N LEU A 36 -0.37 11.19 3.76
CA LEU A 36 -0.36 10.18 2.71
C LEU A 36 -0.62 10.82 1.35
N ILE A 37 0.32 11.62 0.88
CA ILE A 37 0.19 12.30 -0.41
C ILE A 37 0.42 11.34 -1.58
N GLY A 38 1.40 10.45 -1.42
CA GLY A 38 1.72 9.50 -2.47
C GLY A 38 1.43 8.06 -2.09
N LEU A 39 0.88 7.31 -3.03
CA LEU A 39 0.57 5.90 -2.81
C LEU A 39 0.67 5.14 -4.14
N THR A 40 1.39 4.02 -4.12
CA THR A 40 1.58 3.21 -5.31
C THR A 40 1.79 1.74 -4.97
N ILE A 41 1.13 0.87 -5.72
CA ILE A 41 1.27 -0.57 -5.53
C ILE A 41 1.68 -1.22 -6.84
N CYS A 42 2.77 -1.99 -6.80
CA CYS A 42 3.27 -2.66 -8.00
C CYS A 42 3.59 -1.63 -9.09
N GLY A 43 4.12 -0.49 -8.67
CA GLY A 43 4.47 0.56 -9.59
C GLY A 43 3.27 1.16 -10.31
N HIS A 44 2.14 1.21 -9.61
CA HIS A 44 0.92 1.77 -10.19
C HIS A 44 0.29 2.78 -9.23
N ASN A 45 -0.10 3.93 -9.76
CA ASN A 45 -0.71 4.98 -8.94
C ASN A 45 -2.10 4.56 -8.46
N CYS A 46 -2.35 4.76 -7.18
CA CYS A 46 -3.64 4.40 -6.58
C CYS A 46 -3.92 5.26 -5.35
N LEU A 47 -3.51 6.52 -5.40
CA LEU A 47 -3.70 7.44 -4.29
C LEU A 47 -5.15 7.94 -4.24
N LEU A 48 -5.68 8.32 -5.40
CA LEU A 48 -7.04 8.83 -5.49
C LEU A 48 -8.03 7.85 -4.86
N THR A 49 -7.80 6.56 -5.08
CA THR A 49 -8.66 5.52 -4.54
C THR A 49 -8.32 5.23 -3.08
N ALA A 50 -7.04 5.31 -2.75
CA ALA A 50 -6.58 5.06 -1.39
C ALA A 50 -7.30 5.95 -0.38
N GLU A 51 -7.66 5.35 0.75
CA GLU A 51 -8.36 6.08 1.81
C GLU A 51 -7.63 5.94 3.14
N TRP A 52 -7.40 7.06 3.81
CA TRP A 52 -6.70 7.07 5.10
C TRP A 52 -7.64 6.69 6.24
N MET A 53 -7.07 6.09 7.27
CA MET A 53 -7.83 5.68 8.45
C MET A 53 -6.98 5.77 9.71
N SER A 54 -5.74 5.29 9.60
CA SER A 54 -4.81 5.33 10.73
C SER A 54 -3.39 5.05 10.24
N ALA A 55 -2.43 5.13 11.16
CA ALA A 55 -1.03 4.89 10.83
C ALA A 55 -0.75 3.40 10.68
N SER A 56 -1.64 2.69 10.01
CA SER A 56 -1.49 1.26 9.80
C SER A 56 -2.55 0.72 8.84
N LYS A 57 -3.79 1.17 9.02
CA LYS A 57 -4.90 0.73 8.17
C LYS A 57 -5.11 1.68 6.99
N ILE A 58 -5.19 1.11 5.79
CA ILE A 58 -5.39 1.91 4.58
C ILE A 58 -6.15 1.09 3.54
N VAL A 59 -7.39 1.50 3.26
CA VAL A 59 -8.21 0.81 2.27
C VAL A 59 -7.91 1.31 0.86
N CYS A 60 -7.59 0.39 -0.04
CA CYS A 60 -7.28 0.75 -1.41
C CYS A 60 -7.16 -0.50 -2.29
N ARG A 61 -7.47 -0.34 -3.57
CA ARG A 61 -7.41 -1.45 -4.51
C ARG A 61 -5.98 -1.62 -5.04
N VAL A 62 -5.50 -2.86 -5.02
CA VAL A 62 -4.15 -3.16 -5.48
C VAL A 62 -3.94 -2.77 -6.95
N GLY A 63 -2.86 -2.04 -7.21
CA GLY A 63 -2.55 -1.60 -8.56
C GLY A 63 -2.08 -2.74 -9.43
N GLN A 64 -2.27 -2.60 -10.75
CA GLN A 64 -1.84 -3.62 -11.70
C GLN A 64 -0.39 -4.03 -11.45
N ALA A 65 -0.06 -5.27 -11.75
CA ALA A 65 1.29 -5.79 -11.54
C ALA A 65 2.28 -5.24 -12.57
N LYS A 66 2.41 -3.91 -12.61
CA LYS A 66 3.34 -3.27 -13.54
C LYS A 66 4.73 -3.83 -13.34
N ASN A 67 5.17 -3.90 -12.09
CA ASN A 67 6.47 -4.43 -11.75
C ASN A 67 6.46 -5.96 -11.69
N ASP A 68 6.90 -6.51 -10.56
CA ASP A 68 6.92 -7.96 -10.37
C ASP A 68 7.02 -8.32 -8.89
N LYS A 69 7.83 -7.56 -8.16
CA LYS A 69 8.01 -7.79 -6.73
C LYS A 69 6.69 -7.64 -5.99
N GLY A 70 5.92 -6.63 -6.36
CA GLY A 70 4.64 -6.39 -5.72
C GLY A 70 4.78 -5.80 -4.34
N ASP A 71 5.76 -4.91 -4.16
CA ASP A 71 5.99 -4.26 -2.88
C ASP A 71 4.93 -3.20 -2.62
N ILE A 72 4.43 -3.15 -1.40
CA ILE A 72 3.40 -2.17 -1.02
C ILE A 72 4.03 -0.86 -0.62
N ILE A 73 4.17 0.04 -1.59
CA ILE A 73 4.76 1.36 -1.34
C ILE A 73 3.75 2.34 -0.76
N VAL A 74 4.20 3.11 0.23
CA VAL A 74 3.34 4.11 0.88
C VAL A 74 4.15 5.36 1.19
N THR A 75 3.90 6.42 0.42
CA THR A 75 4.61 7.68 0.61
C THR A 75 4.00 8.51 1.73
N THR A 76 4.85 9.19 2.48
CA THR A 76 4.40 10.04 3.58
C THR A 76 5.21 11.33 3.63
N LYS A 77 4.53 12.45 3.80
CA LYS A 77 5.20 13.74 3.87
C LYS A 77 6.26 13.75 4.96
N SER A 78 5.93 13.19 6.12
CA SER A 78 6.87 13.11 7.24
C SER A 78 8.05 12.23 6.86
N GLY A 79 7.75 11.05 6.33
CA GLY A 79 8.79 10.12 5.94
C GLY A 79 8.95 10.06 4.44
N GLY A 80 8.78 8.86 3.88
CA GLY A 80 8.92 8.69 2.43
C GLY A 80 8.24 7.42 1.95
N LYS A 81 8.86 6.75 1.00
CA LYS A 81 8.30 5.51 0.46
C LYS A 81 8.28 4.41 1.51
N GLY A 82 7.12 3.80 1.71
CA GLY A 82 6.99 2.74 2.69
C GLY A 82 7.56 1.42 2.23
N THR A 83 8.36 0.80 3.09
CA THR A 83 8.96 -0.49 2.78
C THR A 83 8.17 -1.63 3.42
N SER A 84 8.13 -2.78 2.74
CA SER A 84 7.38 -3.92 3.26
C SER A 84 8.02 -5.24 2.81
N THR A 85 8.20 -6.14 3.77
CA THR A 85 8.79 -7.45 3.49
C THR A 85 7.82 -8.32 2.72
N VAL A 86 6.53 -8.16 3.01
CA VAL A 86 5.48 -8.93 2.36
C VAL A 86 5.10 -8.33 1.01
N SER A 87 4.88 -9.20 0.03
CA SER A 87 4.50 -8.76 -1.31
C SER A 87 3.19 -9.41 -1.75
N PHE A 88 2.33 -8.63 -2.38
CA PHE A 88 1.04 -9.12 -2.84
C PHE A 88 1.14 -9.72 -4.25
N LYS A 89 0.62 -10.93 -4.40
CA LYS A 89 0.63 -11.60 -5.69
C LYS A 89 -0.62 -11.27 -6.50
N LEU A 90 -0.44 -10.77 -7.71
CA LEU A 90 -1.57 -10.41 -8.56
C LEU A 90 -2.07 -11.63 -9.34
N LEU A 91 -3.36 -11.92 -9.19
CA LEU A 91 -3.97 -13.05 -9.88
C LEU A 91 -4.46 -12.63 -11.27
N LYS A 92 -4.19 -13.48 -12.26
CA LYS A 92 -4.60 -13.20 -13.63
C LYS A 92 -6.13 -13.18 -13.73
N PRO A 93 -6.71 -12.14 -14.36
CA PRO A 93 -8.16 -12.02 -14.50
C PRO A 93 -8.78 -13.25 -15.18
N GLU A 94 -9.79 -13.83 -14.55
CA GLU A 94 -10.46 -15.01 -15.09
C GLU A 94 -11.23 -14.64 -16.36
N LYS A 95 -10.76 -15.15 -17.49
CA LYS A 95 -11.39 -14.90 -18.78
C LYS A 95 -12.61 -15.80 -18.96
N HIS A 1 18.51 10.50 11.03
CA HIS A 1 17.26 10.23 10.30
C HIS A 1 16.03 10.57 11.13
N MET A 2 15.08 11.27 10.53
CA MET A 2 13.85 11.67 11.21
C MET A 2 12.98 10.44 11.53
N ARG A 3 11.68 10.56 11.30
CA ARG A 3 10.76 9.46 11.57
C ARG A 3 11.07 8.26 10.67
N GLN A 4 11.03 7.07 11.25
CA GLN A 4 11.31 5.84 10.52
C GLN A 4 10.32 5.65 9.36
N PRO A 5 10.81 5.22 8.19
CA PRO A 5 9.96 5.00 7.01
C PRO A 5 8.87 3.97 7.27
N PRO A 6 7.66 4.16 6.71
CA PRO A 6 6.54 3.24 6.90
C PRO A 6 6.90 1.81 6.49
N LEU A 7 6.61 0.87 7.38
CA LEU A 7 6.90 -0.54 7.11
C LEU A 7 5.62 -1.36 7.02
N VAL A 8 5.27 -1.77 5.81
CA VAL A 8 4.08 -2.58 5.59
C VAL A 8 4.38 -4.06 5.83
N THR A 9 3.46 -4.73 6.52
CA THR A 9 3.64 -6.15 6.82
C THR A 9 2.34 -6.78 7.32
N GLY A 10 1.27 -6.58 6.56
CA GLY A 10 -0.02 -7.13 6.93
C GLY A 10 -1.04 -6.98 5.82
N ILE A 11 -1.81 -8.04 5.59
CA ILE A 11 -2.84 -8.04 4.56
C ILE A 11 -3.79 -9.21 4.75
N SER A 12 -5.09 -8.94 4.70
CA SER A 12 -6.08 -10.01 4.86
C SER A 12 -6.07 -10.95 3.66
N PRO A 13 -6.30 -10.45 2.43
CA PRO A 13 -6.31 -11.27 1.24
C PRO A 13 -4.95 -11.30 0.54
N ASN A 14 -4.31 -12.46 0.54
CA ASN A 14 -3.01 -12.61 -0.10
C ASN A 14 -3.16 -13.16 -1.52
N GLU A 15 -4.28 -12.81 -2.16
CA GLU A 15 -4.56 -13.24 -3.52
C GLU A 15 -5.90 -12.66 -3.99
N GLY A 16 -5.89 -12.06 -5.17
CA GLY A 16 -7.12 -11.47 -5.70
C GLY A 16 -6.88 -10.54 -6.86
N ILE A 17 -7.82 -10.50 -7.79
CA ILE A 17 -7.72 -9.63 -8.96
C ILE A 17 -7.48 -8.18 -8.55
N PRO A 18 -6.96 -7.33 -9.47
CA PRO A 18 -6.67 -5.93 -9.18
C PRO A 18 -7.82 -5.20 -8.48
N TRP A 19 -9.05 -5.52 -8.89
CA TRP A 19 -10.23 -4.88 -8.29
C TRP A 19 -10.49 -5.39 -6.87
N THR A 20 -9.98 -6.57 -6.55
CA THR A 20 -10.18 -7.14 -5.22
C THR A 20 -9.71 -6.18 -4.12
N LYS A 21 -10.59 -5.92 -3.16
CA LYS A 21 -10.28 -5.02 -2.05
C LYS A 21 -9.25 -5.66 -1.12
N VAL A 22 -8.34 -4.84 -0.60
CA VAL A 22 -7.31 -5.32 0.31
C VAL A 22 -7.07 -4.34 1.44
N THR A 23 -7.16 -4.84 2.67
CA THR A 23 -6.95 -4.01 3.85
C THR A 23 -5.46 -3.87 4.16
N ILE A 24 -4.81 -2.89 3.55
CA ILE A 24 -3.39 -2.66 3.78
C ILE A 24 -3.09 -2.50 5.26
N ARG A 25 -2.05 -3.18 5.73
CA ARG A 25 -1.65 -3.13 7.13
C ARG A 25 -0.13 -3.10 7.27
N GLY A 26 0.35 -2.25 8.17
CA GLY A 26 1.78 -2.12 8.39
C GLY A 26 2.10 -1.32 9.63
N GLU A 27 3.04 -0.39 9.52
CA GLU A 27 3.44 0.44 10.66
C GLU A 27 3.93 1.81 10.19
N ASN A 28 3.48 2.85 10.88
CA ASN A 28 3.87 4.22 10.58
C ASN A 28 3.43 4.64 9.17
N LEU A 29 2.23 4.27 8.77
CA LEU A 29 1.71 4.64 7.46
C LEU A 29 1.12 6.05 7.49
N GLY A 30 1.91 7.00 8.00
CA GLY A 30 1.46 8.37 8.10
C GLY A 30 0.49 8.57 9.24
N THR A 31 0.83 9.50 10.14
CA THR A 31 -0.01 9.79 11.30
C THR A 31 -0.99 10.92 11.01
N GLY A 32 -1.59 10.90 9.82
CA GLY A 32 -2.53 11.93 9.44
C GLY A 32 -2.97 11.82 7.99
N PRO A 33 -4.25 12.14 7.69
CA PRO A 33 -4.77 12.08 6.32
C PRO A 33 -3.97 12.96 5.37
N THR A 34 -3.70 14.18 5.81
CA THR A 34 -2.94 15.14 5.02
C THR A 34 -1.52 14.64 4.76
N ASP A 35 -0.95 13.96 5.75
CA ASP A 35 0.41 13.42 5.64
C ASP A 35 0.54 12.55 4.40
N LEU A 36 -0.44 11.68 4.18
CA LEU A 36 -0.42 10.80 3.01
C LEU A 36 -0.61 11.62 1.73
N ILE A 37 0.26 11.38 0.76
CA ILE A 37 0.18 12.08 -0.52
C ILE A 37 0.43 11.12 -1.68
N GLY A 38 1.45 10.28 -1.52
CA GLY A 38 1.78 9.32 -2.56
C GLY A 38 1.33 7.92 -2.20
N LEU A 39 0.74 7.21 -3.15
CA LEU A 39 0.28 5.85 -2.92
C LEU A 39 0.42 5.03 -4.19
N THR A 40 1.19 3.95 -4.11
CA THR A 40 1.42 3.08 -5.26
C THR A 40 1.73 1.66 -4.81
N ILE A 41 1.12 0.68 -5.47
CA ILE A 41 1.36 -0.72 -5.14
C ILE A 41 2.21 -1.36 -6.22
N CYS A 42 3.45 -1.69 -5.85
CA CYS A 42 4.40 -2.31 -6.78
C CYS A 42 4.93 -1.27 -7.77
N GLY A 43 4.05 -0.36 -8.20
CA GLY A 43 4.45 0.67 -9.15
C GLY A 43 3.27 1.46 -9.67
N HIS A 44 2.11 0.80 -9.79
CA HIS A 44 0.91 1.44 -10.29
C HIS A 44 0.32 2.40 -9.25
N ASN A 45 -0.09 3.59 -9.71
CA ASN A 45 -0.68 4.59 -8.84
C ASN A 45 -2.08 4.17 -8.41
N CYS A 46 -2.40 4.39 -7.13
CA CYS A 46 -3.71 4.03 -6.59
C CYS A 46 -4.09 4.94 -5.42
N LEU A 47 -3.78 6.23 -5.55
CA LEU A 47 -4.10 7.19 -4.50
C LEU A 47 -5.58 7.51 -4.47
N LEU A 48 -6.17 7.72 -5.64
CA LEU A 48 -7.59 8.05 -5.75
C LEU A 48 -8.45 7.06 -4.96
N THR A 49 -8.13 5.78 -5.06
CA THR A 49 -8.89 4.75 -4.36
C THR A 49 -8.45 4.66 -2.90
N ALA A 50 -7.17 4.87 -2.65
CA ALA A 50 -6.62 4.81 -1.30
C ALA A 50 -7.29 5.80 -0.36
N GLU A 51 -7.71 5.31 0.80
CA GLU A 51 -8.36 6.14 1.81
C GLU A 51 -7.65 6.00 3.15
N TRP A 52 -7.33 7.13 3.78
CA TRP A 52 -6.64 7.13 5.07
C TRP A 52 -7.59 6.71 6.19
N MET A 53 -7.04 6.06 7.20
CA MET A 53 -7.84 5.62 8.35
C MET A 53 -7.01 5.61 9.63
N SER A 54 -5.78 5.11 9.55
CA SER A 54 -4.91 5.04 10.71
C SER A 54 -3.45 4.89 10.28
N ALA A 55 -2.53 5.03 11.24
CA ALA A 55 -1.11 4.90 10.96
C ALA A 55 -0.71 3.43 10.76
N SER A 56 -1.63 2.64 10.21
CA SER A 56 -1.38 1.23 9.94
C SER A 56 -2.58 0.60 9.26
N LYS A 57 -3.25 1.38 8.41
CA LYS A 57 -4.42 0.89 7.67
C LYS A 57 -4.76 1.82 6.52
N ILE A 58 -4.96 1.24 5.34
CA ILE A 58 -5.30 2.02 4.15
C ILE A 58 -6.16 1.19 3.19
N VAL A 59 -7.38 1.66 2.94
CA VAL A 59 -8.28 0.98 2.02
C VAL A 59 -7.97 1.38 0.58
N CYS A 60 -7.71 0.39 -0.27
CA CYS A 60 -7.38 0.66 -1.66
C CYS A 60 -7.38 -0.63 -2.48
N ARG A 61 -7.74 -0.52 -3.75
CA ARG A 61 -7.77 -1.67 -4.63
C ARG A 61 -6.39 -1.93 -5.20
N VAL A 62 -5.94 -3.18 -5.12
CA VAL A 62 -4.62 -3.55 -5.62
C VAL A 62 -4.41 -3.15 -7.08
N GLY A 63 -3.31 -2.46 -7.34
CA GLY A 63 -2.99 -2.03 -8.68
C GLY A 63 -2.61 -3.18 -9.59
N GLN A 64 -1.32 -3.28 -9.88
CA GLN A 64 -0.81 -4.33 -10.75
C GLN A 64 0.70 -4.48 -10.57
N ALA A 65 1.17 -5.73 -10.55
CA ALA A 65 2.59 -6.01 -10.38
C ALA A 65 3.41 -5.42 -11.53
N LYS A 66 3.97 -4.24 -11.31
CA LYS A 66 4.78 -3.57 -12.31
C LYS A 66 6.15 -4.26 -12.46
N ASN A 67 6.76 -4.59 -11.32
CA ASN A 67 8.06 -5.24 -11.33
C ASN A 67 8.45 -5.74 -9.94
N ASP A 68 9.55 -6.50 -9.89
CA ASP A 68 10.09 -7.07 -8.65
C ASP A 68 9.24 -8.25 -8.18
N LYS A 69 7.97 -7.99 -7.87
CA LYS A 69 7.05 -9.02 -7.42
C LYS A 69 5.69 -8.42 -7.07
N GLY A 70 5.70 -7.32 -6.33
CA GLY A 70 4.45 -6.68 -5.94
C GLY A 70 4.53 -6.04 -4.57
N ASP A 71 5.68 -5.45 -4.25
CA ASP A 71 5.87 -4.80 -2.96
C ASP A 71 4.96 -3.58 -2.83
N ILE A 72 4.40 -3.41 -1.63
CA ILE A 72 3.51 -2.27 -1.37
C ILE A 72 4.33 -1.03 -0.99
N ILE A 73 3.96 0.11 -1.56
CA ILE A 73 4.68 1.35 -1.29
C ILE A 73 3.72 2.47 -0.90
N VAL A 74 4.11 3.24 0.12
CA VAL A 74 3.31 4.36 0.59
C VAL A 74 4.18 5.55 0.96
N THR A 75 4.00 6.66 0.26
CA THR A 75 4.77 7.87 0.53
C THR A 75 4.11 8.72 1.60
N THR A 76 4.92 9.30 2.47
CA THR A 76 4.40 10.15 3.55
C THR A 76 5.21 11.44 3.66
N LYS A 77 4.50 12.55 3.85
CA LYS A 77 5.15 13.84 3.98
C LYS A 77 6.11 13.87 5.16
N SER A 78 5.64 13.36 6.30
CA SER A 78 6.46 13.32 7.50
C SER A 78 7.64 12.38 7.30
N GLY A 79 7.34 11.16 6.86
CA GLY A 79 8.37 10.18 6.61
C GLY A 79 8.86 10.22 5.18
N GLY A 80 8.75 9.10 4.48
CA GLY A 80 9.19 9.03 3.09
C GLY A 80 8.64 7.82 2.37
N LYS A 81 9.45 7.21 1.50
CA LYS A 81 9.02 6.03 0.76
C LYS A 81 8.83 4.86 1.71
N GLY A 82 7.64 4.26 1.67
CA GLY A 82 7.34 3.13 2.54
C GLY A 82 7.91 1.83 2.03
N THR A 83 8.59 1.10 2.92
CA THR A 83 9.19 -0.19 2.58
C THR A 83 8.29 -1.33 3.03
N SER A 84 8.30 -2.43 2.30
CA SER A 84 7.48 -3.58 2.64
C SER A 84 8.13 -4.90 2.22
N THR A 85 8.19 -5.83 3.15
CA THR A 85 8.76 -7.14 2.90
C THR A 85 7.73 -8.04 2.21
N VAL A 86 6.47 -7.82 2.53
CA VAL A 86 5.38 -8.59 1.95
C VAL A 86 4.96 -8.03 0.60
N SER A 87 4.50 -8.90 -0.29
CA SER A 87 4.06 -8.49 -1.61
C SER A 87 2.80 -9.25 -2.03
N PHE A 88 1.83 -8.51 -2.58
CA PHE A 88 0.58 -9.10 -3.02
C PHE A 88 0.67 -9.66 -4.42
N LYS A 89 0.17 -10.89 -4.61
CA LYS A 89 0.19 -11.54 -5.90
C LYS A 89 -1.08 -11.17 -6.69
N LEU A 90 -0.89 -10.62 -7.89
CA LEU A 90 -2.00 -10.23 -8.73
C LEU A 90 -2.58 -11.43 -9.47
N LEU A 91 -3.90 -11.61 -9.36
CA LEU A 91 -4.58 -12.71 -10.01
C LEU A 91 -5.28 -12.26 -11.28
N LYS A 92 -5.14 -13.04 -12.35
CA LYS A 92 -5.77 -12.72 -13.63
C LYS A 92 -7.28 -12.82 -13.54
N PRO A 93 -8.01 -11.90 -14.19
CA PRO A 93 -9.49 -11.90 -14.17
C PRO A 93 -10.07 -13.23 -14.62
N GLU A 94 -11.06 -13.72 -13.87
CA GLU A 94 -11.71 -14.99 -14.18
C GLU A 94 -12.53 -14.89 -15.47
N LYS A 95 -11.86 -14.98 -16.60
CA LYS A 95 -12.52 -14.90 -17.91
C LYS A 95 -13.57 -16.00 -18.04
N HIS A 1 13.85 14.83 7.62
CA HIS A 1 12.94 14.50 8.74
C HIS A 1 13.33 13.17 9.38
N MET A 2 13.41 13.16 10.71
CA MET A 2 13.78 11.94 11.44
C MET A 2 12.63 10.94 11.40
N ARG A 3 12.46 10.19 12.50
CA ARG A 3 11.41 9.18 12.60
C ARG A 3 11.61 8.07 11.57
N GLN A 4 11.46 6.82 12.02
CA GLN A 4 11.62 5.68 11.13
C GLN A 4 10.55 5.68 10.04
N PRO A 5 10.96 5.42 8.78
CA PRO A 5 10.02 5.39 7.64
C PRO A 5 8.99 4.28 7.77
N PRO A 6 7.77 4.50 7.26
CA PRO A 6 6.70 3.50 7.32
C PRO A 6 7.16 2.13 6.85
N LEU A 7 6.64 1.09 7.50
CA LEU A 7 7.00 -0.28 7.16
C LEU A 7 5.76 -1.18 7.12
N VAL A 8 5.40 -1.63 5.93
CA VAL A 8 4.25 -2.50 5.77
C VAL A 8 4.58 -3.93 6.16
N THR A 9 3.73 -4.53 7.01
CA THR A 9 3.94 -5.89 7.48
C THR A 9 2.61 -6.57 7.80
N GLY A 10 1.65 -6.46 6.89
CA GLY A 10 0.35 -7.08 7.12
C GLY A 10 -0.61 -6.90 5.96
N ILE A 11 -1.45 -7.91 5.74
CA ILE A 11 -2.43 -7.87 4.66
C ILE A 11 -3.48 -8.96 4.87
N SER A 12 -4.75 -8.58 4.84
CA SER A 12 -5.82 -9.55 5.03
C SER A 12 -5.85 -10.57 3.89
N PRO A 13 -6.00 -10.13 2.63
CA PRO A 13 -6.04 -11.03 1.48
C PRO A 13 -4.66 -11.25 0.88
N ASN A 14 -4.13 -12.46 1.03
CA ASN A 14 -2.81 -12.78 0.49
C ASN A 14 -2.95 -13.33 -0.93
N GLU A 15 -4.06 -12.96 -1.58
CA GLU A 15 -4.34 -13.40 -2.95
C GLU A 15 -5.66 -12.81 -3.43
N GLY A 16 -5.66 -12.24 -4.63
CA GLY A 16 -6.87 -11.63 -5.17
C GLY A 16 -6.63 -10.88 -6.46
N ILE A 17 -7.60 -10.90 -7.35
CA ILE A 17 -7.50 -10.22 -8.64
C ILE A 17 -7.19 -8.73 -8.43
N PRO A 18 -6.75 -8.02 -9.48
CA PRO A 18 -6.39 -6.60 -9.38
C PRO A 18 -7.44 -5.74 -8.68
N TRP A 19 -8.69 -5.81 -9.13
CA TRP A 19 -9.74 -5.00 -8.52
C TRP A 19 -10.08 -5.44 -7.10
N THR A 20 -9.53 -6.58 -6.65
CA THR A 20 -9.80 -7.06 -5.30
C THR A 20 -9.31 -6.08 -4.25
N LYS A 21 -10.19 -5.70 -3.34
CA LYS A 21 -9.83 -4.77 -2.28
C LYS A 21 -8.87 -5.43 -1.30
N VAL A 22 -7.79 -4.73 -0.97
CA VAL A 22 -6.80 -5.26 -0.04
C VAL A 22 -6.54 -4.28 1.10
N THR A 23 -6.65 -4.77 2.33
CA THR A 23 -6.44 -3.94 3.50
C THR A 23 -4.94 -3.80 3.80
N ILE A 24 -4.45 -2.56 3.75
CA ILE A 24 -3.05 -2.29 4.03
C ILE A 24 -2.79 -2.27 5.53
N ARG A 25 -1.67 -2.87 5.93
CA ARG A 25 -1.29 -2.92 7.34
C ARG A 25 0.23 -2.87 7.48
N GLY A 26 0.71 -2.08 8.44
CA GLY A 26 2.14 -1.97 8.65
C GLY A 26 2.49 -1.23 9.92
N GLU A 27 3.41 -0.27 9.81
CA GLU A 27 3.84 0.51 10.96
C GLU A 27 4.19 1.94 10.57
N ASN A 28 3.66 2.90 11.30
CA ASN A 28 3.91 4.32 11.05
C ASN A 28 3.46 4.75 9.66
N LEU A 29 2.28 4.28 9.24
CA LEU A 29 1.74 4.65 7.94
C LEU A 29 1.04 6.00 7.99
N GLY A 30 1.76 7.00 8.50
CA GLY A 30 1.20 8.34 8.61
C GLY A 30 0.12 8.43 9.66
N THR A 31 0.32 9.29 10.65
CA THR A 31 -0.65 9.47 11.73
C THR A 31 -1.62 10.61 11.41
N GLY A 32 -2.06 10.68 10.15
CA GLY A 32 -2.98 11.73 9.75
C GLY A 32 -3.33 11.66 8.27
N PRO A 33 -4.57 11.98 7.89
CA PRO A 33 -5.00 11.95 6.48
C PRO A 33 -4.10 12.78 5.59
N THR A 34 -3.73 13.97 6.06
CA THR A 34 -2.87 14.86 5.31
C THR A 34 -1.49 14.26 5.12
N ASP A 35 -1.02 13.52 6.13
CA ASP A 35 0.29 12.89 6.07
C ASP A 35 0.45 12.07 4.79
N LEU A 36 -0.55 11.23 4.51
CA LEU A 36 -0.51 10.39 3.32
C LEU A 36 -0.62 11.24 2.06
N ILE A 37 0.26 10.98 1.11
CA ILE A 37 0.27 11.72 -0.15
C ILE A 37 0.72 10.84 -1.31
N GLY A 38 1.47 9.80 -0.99
CA GLY A 38 1.96 8.89 -2.02
C GLY A 38 1.47 7.46 -1.81
N LEU A 39 1.06 6.82 -2.91
CA LEU A 39 0.57 5.45 -2.84
C LEU A 39 0.88 4.73 -4.15
N THR A 40 1.44 3.52 -4.04
CA THR A 40 1.78 2.73 -5.21
C THR A 40 1.79 1.23 -4.89
N ILE A 41 1.31 0.45 -5.84
CA ILE A 41 1.26 -1.00 -5.70
C ILE A 41 1.73 -1.64 -7.00
N CYS A 42 2.76 -2.48 -6.91
CA CYS A 42 3.32 -3.13 -8.08
C CYS A 42 3.79 -2.08 -9.08
N GLY A 43 4.39 -1.01 -8.57
CA GLY A 43 4.87 0.06 -9.43
C GLY A 43 3.76 0.99 -9.93
N HIS A 44 2.57 0.44 -10.12
CA HIS A 44 1.44 1.22 -10.58
C HIS A 44 0.94 2.18 -9.51
N ASN A 45 0.71 3.43 -9.91
CA ASN A 45 0.23 4.44 -8.97
C ASN A 45 -1.25 4.23 -8.66
N CYS A 46 -1.65 4.50 -7.42
CA CYS A 46 -3.02 4.33 -6.99
C CYS A 46 -3.35 5.26 -5.82
N LEU A 47 -2.94 6.52 -5.94
CA LEU A 47 -3.17 7.51 -4.90
C LEU A 47 -4.63 7.93 -4.85
N LEU A 48 -5.20 8.27 -6.00
CA LEU A 48 -6.59 8.70 -6.07
C LEU A 48 -7.55 7.60 -5.61
N THR A 49 -7.16 6.35 -5.80
CA THR A 49 -8.00 5.23 -5.39
C THR A 49 -7.85 4.96 -3.89
N ALA A 50 -6.63 5.09 -3.40
CA ALA A 50 -6.33 4.87 -1.99
C ALA A 50 -7.05 5.88 -1.09
N GLU A 51 -7.59 5.38 0.02
CA GLU A 51 -8.30 6.23 0.97
C GLU A 51 -7.71 6.04 2.37
N TRP A 52 -7.34 7.15 3.00
CA TRP A 52 -6.76 7.11 4.34
C TRP A 52 -7.77 6.55 5.35
N MET A 53 -7.25 5.79 6.32
CA MET A 53 -8.11 5.21 7.35
C MET A 53 -7.50 5.41 8.74
N SER A 54 -6.22 5.05 8.88
CA SER A 54 -5.51 5.20 10.14
C SER A 54 -4.01 5.15 9.92
N ALA A 55 -3.25 5.11 11.02
CA ALA A 55 -1.80 5.06 10.94
C ALA A 55 -1.31 3.64 10.66
N SER A 56 -2.03 2.93 9.80
CA SER A 56 -1.67 1.55 9.46
C SER A 56 -2.64 0.98 8.43
N LYS A 57 -3.93 1.21 8.63
CA LYS A 57 -4.96 0.69 7.72
C LYS A 57 -5.19 1.65 6.55
N ILE A 58 -5.24 1.09 5.34
CA ILE A 58 -5.49 1.88 4.13
C ILE A 58 -6.18 1.04 3.07
N VAL A 59 -7.37 1.48 2.66
CA VAL A 59 -8.14 0.76 1.65
C VAL A 59 -7.77 1.23 0.24
N CYS A 60 -7.53 0.26 -0.65
CA CYS A 60 -7.15 0.59 -2.03
C CYS A 60 -7.16 -0.65 -2.91
N ARG A 61 -7.63 -0.49 -4.13
CA ARG A 61 -7.69 -1.58 -5.11
C ARG A 61 -6.36 -1.72 -5.83
N VAL A 62 -5.96 -2.97 -6.07
CA VAL A 62 -4.70 -3.24 -6.76
C VAL A 62 -4.70 -2.62 -8.14
N GLY A 63 -5.82 -2.77 -8.81
CA GLY A 63 -6.00 -2.24 -10.14
C GLY A 63 -5.28 -3.05 -11.21
N GLN A 64 -4.00 -3.33 -10.98
CA GLN A 64 -3.20 -4.10 -11.95
C GLN A 64 -1.80 -4.38 -11.39
N ALA A 65 -0.79 -4.35 -12.25
CA ALA A 65 0.58 -4.60 -11.84
C ALA A 65 1.55 -4.35 -12.98
N LYS A 66 2.65 -3.66 -12.68
CA LYS A 66 3.67 -3.35 -13.68
C LYS A 66 4.99 -4.00 -13.31
N ASN A 67 5.34 -3.91 -12.03
CA ASN A 67 6.59 -4.49 -11.53
C ASN A 67 6.56 -6.02 -11.63
N ASP A 68 6.67 -6.71 -10.50
CA ASP A 68 6.66 -8.17 -10.48
C ASP A 68 6.49 -8.69 -9.05
N LYS A 69 7.28 -8.14 -8.14
CA LYS A 69 7.22 -8.56 -6.74
C LYS A 69 5.93 -8.07 -6.09
N GLY A 70 5.59 -6.80 -6.32
CA GLY A 70 4.37 -6.24 -5.76
C GLY A 70 4.59 -5.66 -4.38
N ASP A 71 5.67 -4.92 -4.21
CA ASP A 71 5.99 -4.29 -2.93
C ASP A 71 5.03 -3.15 -2.63
N ILE A 72 4.48 -3.13 -1.42
CA ILE A 72 3.56 -2.09 -1.02
C ILE A 72 4.30 -0.86 -0.48
N ILE A 73 4.45 0.16 -1.32
CA ILE A 73 5.14 1.39 -0.92
C ILE A 73 4.14 2.46 -0.50
N VAL A 74 4.47 3.20 0.57
CA VAL A 74 3.60 4.27 1.05
C VAL A 74 4.41 5.47 1.52
N THR A 75 4.18 6.62 0.90
CA THR A 75 4.89 7.84 1.26
C THR A 75 4.13 8.63 2.33
N THR A 76 4.88 9.29 3.20
CA THR A 76 4.27 10.09 4.28
C THR A 76 5.04 11.39 4.49
N LYS A 77 4.31 12.46 4.78
CA LYS A 77 4.93 13.76 5.00
C LYS A 77 6.05 13.68 6.04
N SER A 78 5.78 13.04 7.16
CA SER A 78 6.78 12.89 8.21
C SER A 78 7.91 11.98 7.76
N GLY A 79 7.55 10.85 7.18
CA GLY A 79 8.53 9.89 6.70
C GLY A 79 9.21 10.35 5.41
N GLY A 80 9.20 9.47 4.42
CA GLY A 80 9.81 9.78 3.13
C GLY A 80 9.48 8.73 2.09
N LYS A 81 9.48 7.47 2.51
CA LYS A 81 9.16 6.36 1.60
C LYS A 81 8.95 5.09 2.42
N GLY A 82 7.77 4.49 2.28
CA GLY A 82 7.46 3.28 3.01
C GLY A 82 8.04 2.03 2.39
N THR A 83 8.77 1.27 3.20
CA THR A 83 9.37 0.03 2.75
C THR A 83 8.52 -1.17 3.18
N SER A 84 8.46 -2.19 2.34
CA SER A 84 7.66 -3.37 2.67
C SER A 84 8.33 -4.65 2.18
N THR A 85 8.53 -5.57 3.12
CA THR A 85 9.14 -6.86 2.81
C THR A 85 8.10 -7.81 2.23
N VAL A 86 6.85 -7.60 2.62
CA VAL A 86 5.74 -8.44 2.16
C VAL A 86 5.22 -7.95 0.81
N SER A 87 4.86 -8.90 -0.06
CA SER A 87 4.35 -8.57 -1.38
C SER A 87 3.05 -9.31 -1.66
N PHE A 88 2.10 -8.62 -2.28
CA PHE A 88 0.81 -9.20 -2.60
C PHE A 88 0.85 -9.95 -3.94
N LYS A 89 0.37 -11.19 -3.93
CA LYS A 89 0.34 -12.00 -5.14
C LYS A 89 -0.90 -11.65 -5.97
N LEU A 90 -0.68 -11.09 -7.15
CA LEU A 90 -1.78 -10.70 -8.02
C LEU A 90 -2.36 -11.91 -8.76
N LEU A 91 -3.68 -12.04 -8.72
CA LEU A 91 -4.36 -13.14 -9.39
C LEU A 91 -4.92 -12.70 -10.73
N LYS A 92 -4.83 -13.57 -11.73
CA LYS A 92 -5.32 -13.26 -13.07
C LYS A 92 -6.83 -13.00 -13.05
N PRO A 93 -7.26 -11.82 -13.52
CA PRO A 93 -8.69 -11.48 -13.56
C PRO A 93 -9.43 -12.21 -14.66
N GLU A 94 -10.60 -12.76 -14.32
CA GLU A 94 -11.40 -13.51 -15.28
C GLU A 94 -12.00 -12.59 -16.35
N LYS A 95 -11.17 -12.20 -17.32
CA LYS A 95 -11.63 -11.33 -18.40
C LYS A 95 -12.70 -12.02 -19.24
N HIS A 1 13.71 12.75 10.26
CA HIS A 1 14.55 11.76 11.01
C HIS A 1 13.77 11.18 12.19
N MET A 2 13.05 12.04 12.90
CA MET A 2 12.27 11.61 14.06
C MET A 2 11.23 10.56 13.67
N ARG A 3 10.44 10.87 12.65
CA ARG A 3 9.41 9.95 12.19
C ARG A 3 10.02 8.73 11.49
N GLN A 4 9.60 7.54 11.91
CA GLN A 4 10.11 6.31 11.33
C GLN A 4 9.43 6.03 9.99
N PRO A 5 10.20 5.61 8.97
CA PRO A 5 9.66 5.31 7.64
C PRO A 5 8.62 4.19 7.68
N PRO A 6 7.53 4.32 6.91
CA PRO A 6 6.46 3.32 6.87
C PRO A 6 6.98 1.91 6.56
N LEU A 7 6.32 0.90 7.12
CA LEU A 7 6.70 -0.48 6.92
C LEU A 7 5.50 -1.40 6.99
N VAL A 8 5.13 -1.99 5.87
CA VAL A 8 3.99 -2.90 5.81
C VAL A 8 4.36 -4.28 6.35
N THR A 9 3.51 -4.80 7.23
CA THR A 9 3.75 -6.11 7.83
C THR A 9 2.42 -6.82 8.12
N GLY A 10 1.49 -6.76 7.16
CA GLY A 10 0.20 -7.39 7.35
C GLY A 10 -0.73 -7.18 6.17
N ILE A 11 -1.57 -8.18 5.90
CA ILE A 11 -2.52 -8.10 4.79
C ILE A 11 -3.63 -9.14 4.97
N SER A 12 -4.87 -8.68 4.87
CA SER A 12 -6.02 -9.57 5.03
C SER A 12 -6.10 -10.57 3.86
N PRO A 13 -6.23 -10.09 2.60
CA PRO A 13 -6.31 -10.96 1.43
C PRO A 13 -4.94 -11.19 0.81
N ASN A 14 -4.53 -12.45 0.72
CA ASN A 14 -3.24 -12.78 0.14
C ASN A 14 -3.42 -13.39 -1.26
N GLU A 15 -4.49 -12.99 -1.93
CA GLU A 15 -4.79 -13.47 -3.28
C GLU A 15 -6.08 -12.85 -3.79
N GLY A 16 -6.04 -12.29 -4.99
CA GLY A 16 -7.22 -11.67 -5.56
C GLY A 16 -6.89 -10.77 -6.74
N ILE A 17 -7.81 -10.69 -7.70
CA ILE A 17 -7.62 -9.85 -8.87
C ILE A 17 -7.22 -8.42 -8.48
N PRO A 18 -6.59 -7.66 -9.38
CA PRO A 18 -6.16 -6.28 -9.11
C PRO A 18 -7.26 -5.42 -8.51
N TRP A 19 -8.48 -5.54 -9.02
CA TRP A 19 -9.58 -4.73 -8.52
C TRP A 19 -10.01 -5.15 -7.11
N THR A 20 -9.48 -6.26 -6.63
CA THR A 20 -9.82 -6.74 -5.29
C THR A 20 -9.29 -5.79 -4.22
N LYS A 21 -10.18 -5.35 -3.33
CA LYS A 21 -9.79 -4.45 -2.25
C LYS A 21 -8.94 -5.19 -1.23
N VAL A 22 -7.84 -4.58 -0.81
CA VAL A 22 -6.95 -5.21 0.15
C VAL A 22 -6.73 -4.31 1.37
N THR A 23 -6.96 -4.87 2.56
CA THR A 23 -6.77 -4.12 3.80
C THR A 23 -5.31 -4.04 4.17
N ILE A 24 -4.70 -2.89 3.90
CA ILE A 24 -3.28 -2.69 4.21
C ILE A 24 -3.04 -2.63 5.71
N ARG A 25 -1.95 -3.25 6.14
CA ARG A 25 -1.57 -3.27 7.55
C ARG A 25 -0.06 -3.21 7.69
N GLY A 26 0.42 -2.32 8.54
CA GLY A 26 1.84 -2.18 8.75
C GLY A 26 2.18 -1.30 9.93
N GLU A 27 3.10 -0.37 9.73
CA GLU A 27 3.53 0.53 10.80
C GLU A 27 3.99 1.88 10.24
N ASN A 28 3.56 2.95 10.90
CA ASN A 28 3.92 4.32 10.51
C ASN A 28 3.42 4.67 9.10
N LEU A 29 2.21 4.23 8.76
CA LEU A 29 1.63 4.53 7.46
C LEU A 29 0.94 5.90 7.48
N GLY A 30 1.68 6.91 7.92
CA GLY A 30 1.12 8.26 8.00
C GLY A 30 0.32 8.49 9.27
N THR A 31 0.62 9.58 9.96
CA THR A 31 -0.07 9.92 11.20
C THR A 31 -1.51 10.33 10.94
N GLY A 32 -1.74 11.02 9.83
CA GLY A 32 -3.07 11.47 9.50
C GLY A 32 -3.29 11.59 7.99
N PRO A 33 -4.53 11.88 7.56
CA PRO A 33 -4.85 12.01 6.13
C PRO A 33 -3.97 13.04 5.43
N THR A 34 -3.75 14.17 6.07
CA THR A 34 -2.92 15.23 5.50
C THR A 34 -1.51 14.73 5.22
N ASP A 35 -0.98 13.92 6.13
CA ASP A 35 0.37 13.37 5.98
C ASP A 35 0.46 12.47 4.75
N LEU A 36 -0.51 11.58 4.59
CA LEU A 36 -0.52 10.67 3.45
C LEU A 36 -0.57 11.48 2.14
N ILE A 37 0.33 11.16 1.22
CA ILE A 37 0.39 11.86 -0.06
C ILE A 37 0.71 10.90 -1.20
N GLY A 38 1.67 10.01 -0.98
CA GLY A 38 2.06 9.06 -2.01
C GLY A 38 1.50 7.67 -1.76
N LEU A 39 0.93 7.07 -2.80
CA LEU A 39 0.37 5.74 -2.69
C LEU A 39 0.49 5.00 -4.02
N THR A 40 1.07 3.81 -3.98
CA THR A 40 1.25 3.00 -5.17
C THR A 40 1.36 1.52 -4.84
N ILE A 41 0.75 0.69 -5.68
CA ILE A 41 0.78 -0.75 -5.51
C ILE A 41 1.29 -1.41 -6.79
N CYS A 42 2.35 -2.19 -6.66
CA CYS A 42 2.94 -2.86 -7.82
C CYS A 42 3.34 -1.82 -8.87
N GLY A 43 3.82 -0.67 -8.40
CA GLY A 43 4.23 0.39 -9.31
C GLY A 43 3.07 1.24 -9.79
N HIS A 44 1.89 0.64 -9.92
CA HIS A 44 0.71 1.36 -10.39
C HIS A 44 0.16 2.29 -9.31
N ASN A 45 -0.14 3.52 -9.70
CA ASN A 45 -0.67 4.51 -8.78
C ASN A 45 -2.10 4.15 -8.36
N CYS A 46 -2.40 4.32 -7.08
CA CYS A 46 -3.73 4.02 -6.55
C CYS A 46 -4.05 4.90 -5.36
N LEU A 47 -3.65 6.17 -5.44
CA LEU A 47 -3.89 7.13 -4.36
C LEU A 47 -5.36 7.57 -4.35
N LEU A 48 -5.91 7.84 -5.52
CA LEU A 48 -7.30 8.28 -5.64
C LEU A 48 -8.25 7.33 -4.91
N THR A 49 -8.00 6.03 -5.03
CA THR A 49 -8.83 5.02 -4.39
C THR A 49 -8.45 4.86 -2.92
N ALA A 50 -7.17 5.00 -2.63
CA ALA A 50 -6.66 4.87 -1.26
C ALA A 50 -7.34 5.86 -0.32
N GLU A 51 -7.82 5.35 0.82
CA GLU A 51 -8.49 6.18 1.81
C GLU A 51 -7.85 5.99 3.18
N TRP A 52 -7.55 7.10 3.85
CA TRP A 52 -6.93 7.06 5.17
C TRP A 52 -7.89 6.49 6.22
N MET A 53 -7.33 5.76 7.18
CA MET A 53 -8.13 5.16 8.24
C MET A 53 -7.49 5.42 9.61
N SER A 54 -6.18 5.17 9.69
CA SER A 54 -5.44 5.37 10.92
C SER A 54 -3.94 5.28 10.67
N ALA A 55 -3.18 4.99 11.72
CA ALA A 55 -1.73 4.87 11.60
C ALA A 55 -1.31 3.43 11.35
N SER A 56 -2.16 2.67 10.66
CA SER A 56 -1.88 1.28 10.35
C SER A 56 -3.01 0.65 9.54
N LYS A 57 -3.59 1.43 8.63
CA LYS A 57 -4.68 0.93 7.80
C LYS A 57 -4.92 1.85 6.61
N ILE A 58 -4.97 1.27 5.42
CA ILE A 58 -5.21 2.03 4.20
C ILE A 58 -5.91 1.17 3.15
N VAL A 59 -7.16 1.49 2.85
CA VAL A 59 -7.93 0.76 1.87
C VAL A 59 -7.66 1.27 0.46
N CYS A 60 -7.37 0.34 -0.45
CA CYS A 60 -7.10 0.70 -1.82
C CYS A 60 -7.01 -0.55 -2.70
N ARG A 61 -7.36 -0.39 -3.97
CA ARG A 61 -7.31 -1.50 -4.92
C ARG A 61 -5.91 -1.68 -5.48
N VAL A 62 -5.41 -2.91 -5.43
CA VAL A 62 -4.08 -3.23 -5.93
C VAL A 62 -3.97 -3.04 -7.44
N GLY A 63 -2.88 -2.41 -7.86
CA GLY A 63 -2.66 -2.17 -9.29
C GLY A 63 -2.28 -3.44 -10.02
N GLN A 64 -1.16 -3.40 -10.73
CA GLN A 64 -0.67 -4.55 -11.48
C GLN A 64 0.85 -4.68 -11.36
N ALA A 65 1.32 -5.91 -11.18
CA ALA A 65 2.75 -6.16 -11.03
C ALA A 65 3.56 -5.50 -12.13
N LYS A 66 4.66 -4.85 -11.73
CA LYS A 66 5.53 -4.15 -12.67
C LYS A 66 6.97 -4.12 -12.12
N ASN A 67 7.09 -3.87 -10.83
CA ASN A 67 8.39 -3.81 -10.17
C ASN A 67 9.10 -5.16 -10.23
N ASP A 68 8.43 -6.21 -9.78
CA ASP A 68 9.01 -7.55 -9.78
C ASP A 68 7.98 -8.60 -9.35
N LYS A 69 7.15 -8.26 -8.37
CA LYS A 69 6.13 -9.17 -7.88
C LYS A 69 4.89 -8.43 -7.44
N GLY A 70 5.07 -7.48 -6.51
CA GLY A 70 3.94 -6.71 -6.01
C GLY A 70 4.27 -6.00 -4.72
N ASP A 71 5.45 -5.40 -4.66
CA ASP A 71 5.88 -4.69 -3.46
C ASP A 71 4.99 -3.49 -3.18
N ILE A 72 4.54 -3.36 -1.93
CA ILE A 72 3.69 -2.25 -1.53
C ILE A 72 4.52 -1.03 -1.16
N ILE A 73 4.12 0.14 -1.63
CA ILE A 73 4.86 1.37 -1.35
C ILE A 73 3.92 2.51 -0.94
N VAL A 74 4.29 3.20 0.13
CA VAL A 74 3.50 4.33 0.63
C VAL A 74 4.43 5.44 1.12
N THR A 75 4.33 6.60 0.49
CA THR A 75 5.16 7.75 0.85
C THR A 75 4.42 8.71 1.77
N THR A 76 5.08 9.11 2.85
CA THR A 76 4.50 10.05 3.81
C THR A 76 5.02 11.46 3.57
N LYS A 77 4.17 12.45 3.81
CA LYS A 77 4.55 13.85 3.62
C LYS A 77 5.76 14.21 4.48
N SER A 78 5.70 13.86 5.76
CA SER A 78 6.79 14.14 6.68
C SER A 78 8.00 13.26 6.37
N GLY A 79 7.77 11.95 6.34
CA GLY A 79 8.84 11.02 6.04
C GLY A 79 9.17 10.96 4.57
N GLY A 80 9.16 9.75 4.01
CA GLY A 80 9.45 9.56 2.60
C GLY A 80 9.08 8.18 2.11
N LYS A 81 9.95 7.58 1.31
CA LYS A 81 9.69 6.24 0.78
C LYS A 81 9.66 5.22 1.91
N GLY A 82 8.58 4.45 1.98
CA GLY A 82 8.45 3.45 3.02
C GLY A 82 9.22 2.17 2.71
N THR A 83 8.70 1.05 3.22
CA THR A 83 9.30 -0.26 3.02
C THR A 83 8.28 -1.37 3.23
N SER A 84 8.47 -2.50 2.56
CA SER A 84 7.55 -3.62 2.68
C SER A 84 8.21 -4.93 2.27
N THR A 85 8.23 -5.89 3.20
CA THR A 85 8.81 -7.19 2.94
C THR A 85 7.73 -8.19 2.53
N VAL A 86 6.75 -7.70 1.77
CA VAL A 86 5.63 -8.53 1.31
C VAL A 86 5.10 -8.02 -0.02
N SER A 87 4.44 -8.90 -0.76
CA SER A 87 3.88 -8.56 -2.06
C SER A 87 2.57 -9.30 -2.32
N PHE A 88 1.58 -8.58 -2.83
CA PHE A 88 0.28 -9.16 -3.13
C PHE A 88 0.28 -9.81 -4.50
N LYS A 89 -0.20 -11.05 -4.57
CA LYS A 89 -0.26 -11.77 -5.83
C LYS A 89 -1.50 -11.38 -6.62
N LEU A 90 -1.31 -10.86 -7.83
CA LEU A 90 -2.42 -10.45 -8.67
C LEU A 90 -2.98 -11.64 -9.45
N LEU A 91 -4.29 -11.84 -9.35
CA LEU A 91 -4.94 -12.94 -10.06
C LEU A 91 -5.52 -12.47 -11.39
N LYS A 92 -5.30 -13.25 -12.44
CA LYS A 92 -5.78 -12.91 -13.77
C LYS A 92 -7.31 -12.96 -13.82
N PRO A 93 -7.95 -11.90 -14.33
CA PRO A 93 -9.42 -11.82 -14.43
C PRO A 93 -9.99 -12.92 -15.32
N GLU A 94 -11.04 -13.57 -14.84
CA GLU A 94 -11.69 -14.63 -15.60
C GLU A 94 -12.48 -14.05 -16.77
N LYS A 95 -12.03 -14.33 -17.99
CA LYS A 95 -12.69 -13.84 -19.19
C LYS A 95 -12.83 -12.32 -19.16
N HIS A 1 15.42 12.89 5.74
CA HIS A 1 16.20 12.35 6.88
C HIS A 1 15.48 12.59 8.20
N MET A 2 14.24 12.10 8.29
CA MET A 2 13.44 12.25 9.50
C MET A 2 12.32 11.22 9.54
N ARG A 3 12.13 10.62 10.72
CA ARG A 3 11.09 9.61 10.92
C ARG A 3 11.38 8.36 10.08
N GLN A 4 11.32 7.20 10.73
CA GLN A 4 11.57 5.93 10.06
C GLN A 4 10.52 5.68 8.97
N PRO A 5 10.94 5.20 7.79
CA PRO A 5 10.03 4.91 6.68
C PRO A 5 8.99 3.86 7.05
N PRO A 6 7.73 4.08 6.64
CA PRO A 6 6.63 3.14 6.94
C PRO A 6 6.93 1.73 6.44
N LEU A 7 6.66 0.74 7.30
CA LEU A 7 6.91 -0.65 6.96
C LEU A 7 5.62 -1.46 7.03
N VAL A 8 5.22 -2.02 5.88
CA VAL A 8 4.00 -2.82 5.80
C VAL A 8 4.28 -4.26 6.23
N THR A 9 3.42 -4.80 7.08
CA THR A 9 3.57 -6.16 7.57
C THR A 9 2.21 -6.77 7.93
N GLY A 10 1.25 -6.66 7.01
CA GLY A 10 -0.07 -7.20 7.26
C GLY A 10 -1.01 -7.02 6.08
N ILE A 11 -1.88 -8.01 5.87
CA ILE A 11 -2.85 -7.97 4.78
C ILE A 11 -3.96 -8.98 5.01
N SER A 12 -5.21 -8.54 4.87
CA SER A 12 -6.35 -9.43 5.08
C SER A 12 -6.33 -10.56 4.05
N PRO A 13 -6.37 -10.23 2.73
CA PRO A 13 -6.35 -11.26 1.68
C PRO A 13 -4.98 -11.93 1.58
N ASN A 14 -4.62 -12.33 0.36
CA ASN A 14 -3.35 -12.98 0.10
C ASN A 14 -3.18 -13.22 -1.41
N GLU A 15 -4.30 -13.29 -2.12
CA GLU A 15 -4.27 -13.52 -3.56
C GLU A 15 -5.61 -13.16 -4.20
N GLY A 16 -5.55 -12.43 -5.30
CA GLY A 16 -6.77 -12.01 -5.98
C GLY A 16 -6.50 -10.99 -7.07
N ILE A 17 -7.44 -10.87 -8.00
CA ILE A 17 -7.31 -9.91 -9.10
C ILE A 17 -6.95 -8.51 -8.57
N PRO A 18 -6.30 -7.67 -9.40
CA PRO A 18 -5.90 -6.33 -9.01
C PRO A 18 -7.02 -5.49 -8.38
N TRP A 19 -8.22 -5.58 -8.94
CA TRP A 19 -9.35 -4.81 -8.42
C TRP A 19 -9.83 -5.33 -7.07
N THR A 20 -9.26 -6.45 -6.62
CA THR A 20 -9.65 -7.02 -5.34
C THR A 20 -9.26 -6.11 -4.17
N LYS A 21 -10.21 -5.88 -3.27
CA LYS A 21 -9.97 -5.04 -2.11
C LYS A 21 -8.96 -5.70 -1.17
N VAL A 22 -8.02 -4.89 -0.66
CA VAL A 22 -7.00 -5.41 0.24
C VAL A 22 -6.71 -4.41 1.36
N THR A 23 -6.79 -4.89 2.60
CA THR A 23 -6.54 -4.03 3.76
C THR A 23 -5.05 -3.87 4.01
N ILE A 24 -4.58 -2.62 3.99
CA ILE A 24 -3.17 -2.33 4.22
C ILE A 24 -2.89 -2.24 5.72
N ARG A 25 -1.78 -2.85 6.14
CA ARG A 25 -1.39 -2.84 7.54
C ARG A 25 0.12 -2.82 7.68
N GLY A 26 0.63 -1.96 8.56
CA GLY A 26 2.06 -1.86 8.76
C GLY A 26 2.42 -1.02 9.98
N GLU A 27 3.36 -0.10 9.80
CA GLU A 27 3.79 0.76 10.89
C GLU A 27 4.17 2.15 10.38
N ASN A 28 3.68 3.18 11.08
CA ASN A 28 3.95 4.57 10.73
C ASN A 28 3.49 4.91 9.30
N LEU A 29 2.30 4.45 8.94
CA LEU A 29 1.76 4.74 7.61
C LEU A 29 1.08 6.11 7.58
N GLY A 30 1.78 7.10 8.10
CA GLY A 30 1.24 8.46 8.13
C GLY A 30 0.11 8.61 9.12
N THR A 31 0.26 9.58 10.03
CA THR A 31 -0.75 9.83 11.05
C THR A 31 -1.76 10.88 10.58
N GLY A 32 -2.18 10.79 9.32
CA GLY A 32 -3.13 11.74 8.78
C GLY A 32 -3.37 11.57 7.30
N PRO A 33 -4.60 11.80 6.82
CA PRO A 33 -4.94 11.66 5.40
C PRO A 33 -4.02 12.47 4.50
N THR A 34 -3.74 13.70 4.92
CA THR A 34 -2.86 14.58 4.17
C THR A 34 -1.46 13.98 4.03
N ASP A 35 -1.00 13.31 5.09
CA ASP A 35 0.31 12.68 5.09
C ASP A 35 0.47 11.72 3.91
N LEU A 36 -0.61 10.99 3.60
CA LEU A 36 -0.60 10.04 2.50
C LEU A 36 -0.69 10.75 1.15
N ILE A 37 0.30 11.60 0.87
CA ILE A 37 0.32 12.35 -0.37
C ILE A 37 0.59 11.43 -1.56
N GLY A 38 1.49 10.47 -1.37
CA GLY A 38 1.82 9.55 -2.45
C GLY A 38 1.53 8.10 -2.09
N LEU A 39 0.97 7.37 -3.04
CA LEU A 39 0.65 5.95 -2.84
C LEU A 39 0.75 5.21 -4.16
N THR A 40 1.51 4.11 -4.16
CA THR A 40 1.70 3.31 -5.37
C THR A 40 1.96 1.85 -5.03
N ILE A 41 1.32 0.95 -5.78
CA ILE A 41 1.50 -0.48 -5.59
C ILE A 41 2.31 -1.06 -6.74
N CYS A 42 3.56 -1.38 -6.46
CA CYS A 42 4.46 -1.93 -7.47
C CYS A 42 4.58 -0.98 -8.66
N GLY A 43 4.77 0.31 -8.37
CA GLY A 43 4.91 1.29 -9.43
C GLY A 43 3.60 1.94 -9.84
N HIS A 44 2.53 1.15 -9.89
CA HIS A 44 1.21 1.67 -10.28
C HIS A 44 0.67 2.63 -9.23
N ASN A 45 0.24 3.81 -9.67
CA ASN A 45 -0.31 4.81 -8.76
C ASN A 45 -1.71 4.41 -8.31
N CYS A 46 -2.01 4.65 -7.04
CA CYS A 46 -3.32 4.31 -6.48
C CYS A 46 -3.68 5.27 -5.34
N LEU A 47 -3.38 6.54 -5.54
CA LEU A 47 -3.67 7.57 -4.55
C LEU A 47 -5.16 7.87 -4.49
N LEU A 48 -5.75 8.11 -5.66
CA LEU A 48 -7.18 8.42 -5.75
C LEU A 48 -8.04 7.36 -5.08
N THR A 49 -7.65 6.10 -5.22
CA THR A 49 -8.40 5.00 -4.62
C THR A 49 -8.07 4.83 -3.14
N ALA A 50 -6.79 5.02 -2.80
CA ALA A 50 -6.35 4.90 -1.41
C ALA A 50 -7.02 5.91 -0.50
N GLU A 51 -7.56 5.42 0.61
CA GLU A 51 -8.23 6.28 1.58
C GLU A 51 -7.65 6.07 2.98
N TRP A 52 -7.31 7.17 3.64
CA TRP A 52 -6.74 7.11 4.98
C TRP A 52 -7.76 6.56 5.98
N MET A 53 -7.26 5.88 7.02
CA MET A 53 -8.13 5.32 8.05
C MET A 53 -7.49 5.45 9.42
N SER A 54 -6.18 5.17 9.50
CA SER A 54 -5.46 5.25 10.75
C SER A 54 -3.96 5.10 10.51
N ALA A 55 -3.17 5.28 11.58
CA ALA A 55 -1.72 5.17 11.49
C ALA A 55 -1.28 3.71 11.49
N SER A 56 -2.10 2.84 10.89
CA SER A 56 -1.80 1.42 10.82
C SER A 56 -2.89 0.68 10.07
N LYS A 57 -3.61 1.40 9.21
CA LYS A 57 -4.68 0.82 8.42
C LYS A 57 -5.10 1.77 7.30
N ILE A 58 -5.20 1.24 6.08
CA ILE A 58 -5.59 2.04 4.93
C ILE A 58 -6.33 1.18 3.91
N VAL A 59 -7.57 1.57 3.61
CA VAL A 59 -8.38 0.84 2.64
C VAL A 59 -8.02 1.28 1.22
N CYS A 60 -7.69 0.31 0.37
CA CYS A 60 -7.33 0.62 -1.01
C CYS A 60 -7.21 -0.65 -1.84
N ARG A 61 -7.50 -0.53 -3.12
CA ARG A 61 -7.42 -1.67 -4.03
C ARG A 61 -5.99 -1.83 -4.55
N VAL A 62 -5.48 -3.06 -4.48
CA VAL A 62 -4.12 -3.34 -4.93
C VAL A 62 -3.92 -2.93 -6.38
N GLY A 63 -2.77 -2.32 -6.64
CA GLY A 63 -2.45 -1.87 -7.99
C GLY A 63 -2.18 -3.02 -8.94
N GLN A 64 -1.04 -2.97 -9.61
CA GLN A 64 -0.66 -4.02 -10.55
C GLN A 64 0.85 -4.23 -10.55
N ALA A 65 1.26 -5.48 -10.64
CA ALA A 65 2.68 -5.85 -10.62
C ALA A 65 3.40 -5.38 -11.89
N LYS A 66 3.65 -4.08 -11.99
CA LYS A 66 4.35 -3.52 -13.14
C LYS A 66 5.78 -4.04 -13.22
N ASN A 67 6.50 -3.98 -12.10
CA ASN A 67 7.88 -4.45 -12.05
C ASN A 67 7.94 -5.97 -12.18
N ASP A 68 7.36 -6.67 -11.21
CA ASP A 68 7.34 -8.13 -11.22
C ASP A 68 6.63 -8.68 -9.99
N LYS A 69 7.17 -8.36 -8.81
CA LYS A 69 6.60 -8.82 -7.56
C LYS A 69 5.33 -8.03 -7.22
N GLY A 70 5.34 -7.25 -6.13
CA GLY A 70 4.17 -6.48 -5.77
C GLY A 70 4.32 -5.78 -4.43
N ASP A 71 5.44 -5.12 -4.22
CA ASP A 71 5.68 -4.41 -2.96
C ASP A 71 4.69 -3.26 -2.78
N ILE A 72 4.09 -3.18 -1.59
CA ILE A 72 3.13 -2.13 -1.29
C ILE A 72 3.83 -0.85 -0.82
N ILE A 73 4.12 0.04 -1.76
CA ILE A 73 4.78 1.29 -1.45
C ILE A 73 3.81 2.33 -0.92
N VAL A 74 4.23 3.06 0.12
CA VAL A 74 3.38 4.09 0.71
C VAL A 74 4.21 5.31 1.10
N THR A 75 3.95 6.44 0.42
CA THR A 75 4.67 7.67 0.69
C THR A 75 4.02 8.42 1.86
N THR A 76 4.85 9.04 2.69
CA THR A 76 4.35 9.79 3.84
C THR A 76 5.10 11.11 4.00
N LYS A 77 4.36 12.18 4.26
CA LYS A 77 4.97 13.50 4.43
C LYS A 77 5.95 13.51 5.59
N SER A 78 5.55 12.93 6.71
CA SER A 78 6.42 12.87 7.88
C SER A 78 7.64 12.01 7.59
N GLY A 79 7.40 10.80 7.11
CA GLY A 79 8.47 9.88 6.79
C GLY A 79 8.93 10.03 5.35
N GLY A 80 8.84 8.95 4.59
CA GLY A 80 9.25 8.97 3.20
C GLY A 80 8.65 7.82 2.41
N LYS A 81 9.44 7.25 1.50
CA LYS A 81 8.98 6.14 0.69
C LYS A 81 8.75 4.90 1.56
N GLY A 82 7.56 4.33 1.47
CA GLY A 82 7.23 3.15 2.27
C GLY A 82 7.83 1.88 1.72
N THR A 83 8.47 1.11 2.60
CA THR A 83 9.08 -0.16 2.21
C THR A 83 8.29 -1.33 2.80
N SER A 84 8.20 -2.42 2.05
CA SER A 84 7.45 -3.59 2.53
C SER A 84 8.02 -4.89 1.96
N THR A 85 8.24 -5.86 2.84
CA THR A 85 8.75 -7.16 2.46
C THR A 85 7.64 -8.02 1.85
N VAL A 86 6.41 -7.76 2.27
CA VAL A 86 5.25 -8.50 1.79
C VAL A 86 4.75 -7.95 0.45
N SER A 87 4.12 -8.81 -0.33
CA SER A 87 3.58 -8.42 -1.62
C SER A 87 2.33 -9.22 -1.96
N PHE A 88 1.33 -8.54 -2.52
CA PHE A 88 0.07 -9.19 -2.88
C PHE A 88 0.17 -9.82 -4.27
N LYS A 89 -0.26 -11.08 -4.37
CA LYS A 89 -0.22 -11.79 -5.64
C LYS A 89 -1.40 -11.37 -6.51
N LEU A 90 -1.11 -10.81 -7.68
CA LEU A 90 -2.16 -10.38 -8.59
C LEU A 90 -2.64 -11.55 -9.45
N LEU A 91 -3.85 -12.02 -9.20
CA LEU A 91 -4.41 -13.12 -9.95
C LEU A 91 -5.09 -12.64 -11.23
N LYS A 92 -4.84 -13.35 -12.32
CA LYS A 92 -5.42 -12.99 -13.61
C LYS A 92 -6.94 -13.13 -13.59
N PRO A 93 -7.67 -12.15 -14.18
CA PRO A 93 -9.13 -12.17 -14.23
C PRO A 93 -9.66 -13.26 -15.17
N GLU A 94 -10.64 -14.02 -14.67
CA GLU A 94 -11.24 -15.09 -15.46
C GLU A 94 -12.14 -14.52 -16.56
N LYS A 95 -11.52 -14.03 -17.64
CA LYS A 95 -12.26 -13.45 -18.75
C LYS A 95 -11.35 -13.24 -19.96
N HIS A 1 9.95 6.62 18.39
CA HIS A 1 10.37 6.35 16.99
C HIS A 1 10.71 7.65 16.25
N MET A 2 11.84 7.65 15.56
CA MET A 2 12.29 8.82 14.81
C MET A 2 11.54 8.93 13.47
N ARG A 3 10.24 8.71 13.50
CA ARG A 3 9.40 8.79 12.31
C ARG A 3 9.91 7.85 11.22
N GLN A 4 10.09 6.58 11.59
CA GLN A 4 10.57 5.57 10.65
C GLN A 4 9.62 5.44 9.46
N PRO A 5 10.17 5.23 8.25
CA PRO A 5 9.36 5.08 7.02
C PRO A 5 8.36 3.94 7.13
N PRO A 6 7.22 4.05 6.42
CA PRO A 6 6.16 3.02 6.44
C PRO A 6 6.71 1.61 6.22
N LEU A 7 6.12 0.65 6.92
CA LEU A 7 6.54 -0.74 6.82
C LEU A 7 5.33 -1.66 6.95
N VAL A 8 4.97 -2.32 5.85
CA VAL A 8 3.82 -3.21 5.83
C VAL A 8 4.16 -4.60 6.39
N THR A 9 3.25 -5.13 7.18
CA THR A 9 3.41 -6.46 7.79
C THR A 9 2.06 -7.08 8.10
N GLY A 10 1.12 -6.98 7.15
CA GLY A 10 -0.20 -7.54 7.36
C GLY A 10 -1.11 -7.35 6.15
N ILE A 11 -1.95 -8.36 5.89
CA ILE A 11 -2.88 -8.30 4.76
C ILE A 11 -3.96 -9.37 4.93
N SER A 12 -5.22 -8.96 4.80
CA SER A 12 -6.34 -9.89 4.94
C SER A 12 -6.32 -10.94 3.83
N PRO A 13 -6.39 -10.53 2.55
CA PRO A 13 -6.38 -11.45 1.43
C PRO A 13 -4.97 -11.63 0.85
N ASN A 14 -4.47 -12.87 0.90
CA ASN A 14 -3.14 -13.15 0.39
C ASN A 14 -3.23 -13.78 -1.01
N GLU A 15 -4.27 -13.40 -1.75
CA GLU A 15 -4.48 -13.91 -3.10
C GLU A 15 -5.75 -13.33 -3.70
N GLY A 16 -5.64 -12.78 -4.91
CA GLY A 16 -6.80 -12.20 -5.57
C GLY A 16 -6.43 -11.32 -6.75
N ILE A 17 -7.35 -11.22 -7.71
CA ILE A 17 -7.12 -10.40 -8.89
C ILE A 17 -6.79 -8.96 -8.52
N PRO A 18 -6.20 -8.17 -9.45
CA PRO A 18 -5.82 -6.78 -9.20
C PRO A 18 -6.93 -5.95 -8.57
N TRP A 19 -8.14 -6.04 -9.10
CA TRP A 19 -9.26 -5.27 -8.58
C TRP A 19 -9.73 -5.77 -7.21
N THR A 20 -9.15 -6.86 -6.73
CA THR A 20 -9.53 -7.41 -5.43
C THR A 20 -9.22 -6.43 -4.31
N LYS A 21 -10.22 -6.13 -3.49
CA LYS A 21 -10.05 -5.22 -2.38
C LYS A 21 -9.12 -5.82 -1.33
N VAL A 22 -8.20 -5.02 -0.82
CA VAL A 22 -7.24 -5.50 0.18
C VAL A 22 -7.00 -4.45 1.26
N THR A 23 -7.06 -4.89 2.52
CA THR A 23 -6.84 -3.99 3.64
C THR A 23 -5.36 -3.97 4.02
N ILE A 24 -4.72 -2.81 3.88
CA ILE A 24 -3.31 -2.68 4.22
C ILE A 24 -3.10 -2.65 5.72
N ARG A 25 -2.03 -3.30 6.17
CA ARG A 25 -1.70 -3.34 7.58
C ARG A 25 -0.18 -3.39 7.76
N GLY A 26 0.32 -2.53 8.63
CA GLY A 26 1.76 -2.48 8.86
C GLY A 26 2.14 -1.60 10.03
N GLU A 27 2.98 -0.61 9.77
CA GLU A 27 3.43 0.30 10.82
C GLU A 27 4.02 1.59 10.24
N ASN A 28 3.61 2.72 10.81
CA ASN A 28 4.09 4.02 10.37
C ASN A 28 3.74 4.31 8.91
N LEU A 29 2.53 3.92 8.51
CA LEU A 29 2.09 4.16 7.13
C LEU A 29 1.84 5.64 6.88
N GLY A 30 1.22 6.31 7.84
CA GLY A 30 0.94 7.73 7.68
C GLY A 30 0.20 8.32 8.87
N THR A 31 0.64 9.49 9.32
CA THR A 31 0.02 10.17 10.45
C THR A 31 -1.43 10.53 10.14
N GLY A 32 -1.67 10.96 8.90
CA GLY A 32 -3.02 11.32 8.50
C GLY A 32 -3.17 11.46 6.99
N PRO A 33 -4.25 12.09 6.52
CA PRO A 33 -4.49 12.28 5.08
C PRO A 33 -3.44 13.15 4.41
N THR A 34 -3.13 14.29 5.03
CA THR A 34 -2.14 15.22 4.49
C THR A 34 -0.77 14.55 4.36
N ASP A 35 -0.40 13.75 5.36
CA ASP A 35 0.89 13.07 5.36
C ASP A 35 0.99 12.09 4.18
N LEU A 36 -0.09 11.37 3.92
CA LEU A 36 -0.12 10.39 2.83
C LEU A 36 -0.30 11.09 1.48
N ILE A 37 0.66 11.93 1.11
CA ILE A 37 0.60 12.64 -0.16
C ILE A 37 0.78 11.69 -1.34
N GLY A 38 1.71 10.76 -1.20
CA GLY A 38 1.97 9.81 -2.26
C GLY A 38 1.58 8.38 -1.89
N LEU A 39 1.01 7.66 -2.87
CA LEU A 39 0.60 6.29 -2.65
C LEU A 39 0.76 5.47 -3.94
N THR A 40 1.32 4.28 -3.81
CA THR A 40 1.55 3.41 -4.96
C THR A 40 1.50 1.94 -4.58
N ILE A 41 1.08 1.12 -5.52
CA ILE A 41 0.99 -0.32 -5.30
C ILE A 41 1.55 -1.05 -6.51
N CYS A 42 2.64 -1.79 -6.30
CA CYS A 42 3.29 -2.53 -7.37
C CYS A 42 4.04 -1.57 -8.30
N GLY A 43 3.49 -0.38 -8.52
CA GLY A 43 4.13 0.59 -9.39
C GLY A 43 3.21 1.73 -9.78
N HIS A 44 1.96 1.42 -10.08
CA HIS A 44 0.99 2.42 -10.49
C HIS A 44 0.40 3.16 -9.29
N ASN A 45 0.25 4.47 -9.44
CA ASN A 45 -0.30 5.31 -8.38
C ASN A 45 -1.73 4.87 -8.03
N CYS A 46 -2.06 4.91 -6.74
CA CYS A 46 -3.38 4.52 -6.29
C CYS A 46 -3.84 5.40 -5.13
N LEU A 47 -3.51 6.68 -5.20
CA LEU A 47 -3.88 7.63 -4.16
C LEU A 47 -5.37 7.92 -4.19
N LEU A 48 -5.91 8.09 -5.40
CA LEU A 48 -7.34 8.38 -5.58
C LEU A 48 -8.21 7.30 -4.95
N THR A 49 -7.83 6.04 -5.14
CA THR A 49 -8.60 4.92 -4.59
C THR A 49 -8.28 4.70 -3.11
N ALA A 50 -7.01 4.88 -2.75
CA ALA A 50 -6.59 4.71 -1.35
C ALA A 50 -7.26 5.72 -0.44
N GLU A 51 -7.79 5.23 0.68
CA GLU A 51 -8.45 6.10 1.65
C GLU A 51 -7.84 5.91 3.05
N TRP A 52 -7.44 7.02 3.67
CA TRP A 52 -6.85 6.98 5.00
C TRP A 52 -7.85 6.54 6.05
N MET A 53 -7.37 5.89 7.10
CA MET A 53 -8.23 5.43 8.18
C MET A 53 -7.49 5.50 9.52
N SER A 54 -6.23 5.11 9.52
CA SER A 54 -5.42 5.13 10.72
C SER A 54 -3.93 5.00 10.38
N ALA A 55 -3.08 5.13 11.40
CA ALA A 55 -1.64 5.01 11.20
C ALA A 55 -1.21 3.56 11.02
N SER A 56 -2.15 2.71 10.62
CA SER A 56 -1.88 1.29 10.39
C SER A 56 -3.03 0.62 9.65
N LYS A 57 -3.67 1.35 8.75
CA LYS A 57 -4.79 0.81 7.98
C LYS A 57 -5.10 1.70 6.78
N ILE A 58 -5.17 1.09 5.60
CA ILE A 58 -5.46 1.83 4.37
C ILE A 58 -6.17 0.94 3.35
N VAL A 59 -7.32 1.39 2.87
CA VAL A 59 -8.10 0.65 1.88
C VAL A 59 -7.75 1.10 0.48
N CYS A 60 -7.41 0.16 -0.40
CA CYS A 60 -7.05 0.49 -1.78
C CYS A 60 -6.92 -0.76 -2.64
N ARG A 61 -7.04 -0.57 -3.96
CA ARG A 61 -6.94 -1.66 -4.92
C ARG A 61 -5.48 -1.94 -5.28
N VAL A 62 -5.10 -3.21 -5.28
CA VAL A 62 -3.73 -3.59 -5.62
C VAL A 62 -3.42 -3.31 -7.08
N GLY A 63 -4.46 -3.31 -7.88
CA GLY A 63 -4.33 -3.06 -9.30
C GLY A 63 -3.31 -3.98 -9.97
N GLN A 64 -2.80 -3.54 -11.11
CA GLN A 64 -1.82 -4.32 -11.86
C GLN A 64 -0.44 -4.26 -11.19
N ALA A 65 0.61 -4.18 -11.99
CA ALA A 65 1.98 -4.12 -11.48
C ALA A 65 2.95 -3.67 -12.56
N LYS A 66 4.11 -3.16 -12.13
CA LYS A 66 5.13 -2.69 -13.07
C LYS A 66 6.54 -3.07 -12.62
N ASN A 67 6.82 -2.91 -11.33
CA ASN A 67 8.14 -3.23 -10.80
C ASN A 67 8.04 -4.02 -9.51
N ASP A 68 7.39 -3.43 -8.50
CA ASP A 68 7.21 -4.08 -7.22
C ASP A 68 6.44 -5.38 -7.37
N LYS A 69 5.44 -5.37 -8.24
CA LYS A 69 4.59 -6.53 -8.52
C LYS A 69 4.17 -7.24 -7.24
N GLY A 70 4.10 -6.48 -6.17
CA GLY A 70 3.70 -7.03 -4.89
C GLY A 70 4.09 -6.15 -3.74
N ASP A 71 5.30 -5.59 -3.81
CA ASP A 71 5.81 -4.73 -2.74
C ASP A 71 4.91 -3.50 -2.58
N ILE A 72 4.36 -3.34 -1.38
CA ILE A 72 3.50 -2.20 -1.09
C ILE A 72 4.34 -1.01 -0.63
N ILE A 73 4.11 0.14 -1.25
CA ILE A 73 4.87 1.34 -0.93
C ILE A 73 3.94 2.52 -0.62
N VAL A 74 4.33 3.32 0.36
CA VAL A 74 3.55 4.49 0.76
C VAL A 74 4.47 5.67 1.09
N THR A 75 4.27 6.78 0.40
CA THR A 75 5.07 7.97 0.61
C THR A 75 4.50 8.83 1.74
N THR A 76 5.39 9.40 2.54
CA THR A 76 4.99 10.24 3.65
C THR A 76 5.84 11.51 3.72
N LYS A 77 5.19 12.64 3.94
CA LYS A 77 5.89 13.93 4.01
C LYS A 77 6.96 13.90 5.10
N SER A 78 6.60 13.40 6.27
CA SER A 78 7.54 13.30 7.38
C SER A 78 8.62 12.27 7.07
N GLY A 79 8.18 11.06 6.72
CA GLY A 79 9.11 9.99 6.40
C GLY A 79 9.60 10.09 4.96
N GLY A 80 9.40 9.03 4.20
CA GLY A 80 9.83 9.00 2.81
C GLY A 80 9.21 7.87 2.04
N LYS A 81 9.99 7.24 1.16
CA LYS A 81 9.50 6.14 0.35
C LYS A 81 9.11 4.95 1.23
N GLY A 82 7.93 4.40 0.96
CA GLY A 82 7.44 3.27 1.73
C GLY A 82 8.24 2.00 1.49
N THR A 83 8.15 1.07 2.43
CA THR A 83 8.86 -0.20 2.34
C THR A 83 8.01 -1.33 2.90
N SER A 84 8.13 -2.52 2.31
CA SER A 84 7.34 -3.67 2.77
C SER A 84 8.00 -4.99 2.38
N THR A 85 8.11 -5.88 3.35
CA THR A 85 8.69 -7.19 3.13
C THR A 85 7.69 -8.12 2.46
N VAL A 86 6.41 -7.94 2.80
CA VAL A 86 5.33 -8.75 2.25
C VAL A 86 4.86 -8.23 0.90
N SER A 87 4.23 -9.10 0.12
CA SER A 87 3.74 -8.72 -1.20
C SER A 87 2.48 -9.51 -1.55
N PHE A 88 1.52 -8.83 -2.18
CA PHE A 88 0.27 -9.46 -2.58
C PHE A 88 0.40 -10.14 -3.94
N LYS A 89 -0.08 -11.37 -4.02
CA LYS A 89 -0.03 -12.13 -5.27
C LYS A 89 -1.15 -11.70 -6.21
N LEU A 90 -0.80 -11.23 -7.40
CA LEU A 90 -1.79 -10.81 -8.38
C LEU A 90 -2.29 -12.01 -9.18
N LEU A 91 -3.52 -12.41 -8.94
CA LEU A 91 -4.10 -13.55 -9.63
C LEU A 91 -4.67 -13.14 -10.99
N LYS A 92 -4.43 -13.99 -11.99
CA LYS A 92 -4.89 -13.73 -13.35
C LYS A 92 -6.43 -13.69 -13.41
N PRO A 93 -6.99 -12.78 -14.22
CA PRO A 93 -8.44 -12.63 -14.37
C PRO A 93 -9.12 -13.95 -14.72
N GLU A 94 -10.22 -14.24 -14.04
CA GLU A 94 -10.96 -15.47 -14.28
C GLU A 94 -11.63 -15.41 -15.66
N LYS A 95 -11.20 -16.29 -16.55
CA LYS A 95 -11.75 -16.35 -17.91
C LYS A 95 -11.25 -17.59 -18.64
N HIS A 1 14.72 14.77 7.70
CA HIS A 1 14.36 13.33 7.79
C HIS A 1 14.92 12.69 9.06
N MET A 2 14.14 11.80 9.66
CA MET A 2 14.55 11.11 10.88
C MET A 2 13.57 9.98 11.22
N ARG A 3 12.28 10.27 11.10
CA ARG A 3 11.25 9.28 11.38
C ARG A 3 11.41 8.05 10.49
N GLN A 4 11.37 6.88 11.09
CA GLN A 4 11.52 5.62 10.35
C GLN A 4 10.42 5.48 9.31
N PRO A 5 10.76 4.99 8.11
CA PRO A 5 9.80 4.79 7.01
C PRO A 5 8.70 3.80 7.39
N PRO A 6 7.47 4.03 6.92
CA PRO A 6 6.33 3.16 7.21
C PRO A 6 6.61 1.70 6.84
N LEU A 7 6.63 0.85 7.86
CA LEU A 7 6.89 -0.57 7.65
C LEU A 7 5.60 -1.35 7.42
N VAL A 8 5.29 -1.60 6.15
CA VAL A 8 4.09 -2.36 5.81
C VAL A 8 4.32 -3.85 6.00
N THR A 9 3.36 -4.53 6.60
CA THR A 9 3.48 -5.97 6.85
C THR A 9 2.15 -6.56 7.28
N GLY A 10 1.11 -6.30 6.49
CA GLY A 10 -0.21 -6.83 6.80
C GLY A 10 -1.16 -6.71 5.63
N ILE A 11 -1.94 -7.76 5.42
CA ILE A 11 -2.91 -7.80 4.32
C ILE A 11 -3.90 -8.94 4.51
N SER A 12 -5.18 -8.63 4.46
CA SER A 12 -6.21 -9.65 4.63
C SER A 12 -6.18 -10.65 3.48
N PRO A 13 -6.34 -10.19 2.21
CA PRO A 13 -6.31 -11.06 1.05
C PRO A 13 -4.91 -11.19 0.46
N ASN A 14 -4.31 -12.36 0.60
CA ASN A 14 -2.97 -12.59 0.08
C ASN A 14 -3.03 -13.07 -1.37
N GLU A 15 -4.08 -12.70 -2.08
CA GLU A 15 -4.28 -13.07 -3.47
C GLU A 15 -5.58 -12.49 -4.02
N GLY A 16 -5.50 -11.84 -5.17
CA GLY A 16 -6.68 -11.25 -5.77
C GLY A 16 -6.35 -10.33 -6.93
N ILE A 17 -7.20 -10.34 -7.97
CA ILE A 17 -7.00 -9.50 -9.13
C ILE A 17 -6.81 -8.02 -8.74
N PRO A 18 -6.24 -7.20 -9.63
CA PRO A 18 -5.99 -5.77 -9.36
C PRO A 18 -7.20 -5.05 -8.77
N TRP A 19 -8.39 -5.29 -9.31
CA TRP A 19 -9.59 -4.64 -8.82
C TRP A 19 -9.97 -5.10 -7.41
N THR A 20 -9.47 -6.26 -7.01
CA THR A 20 -9.77 -6.80 -5.69
C THR A 20 -9.30 -5.85 -4.59
N LYS A 21 -10.20 -5.53 -3.67
CA LYS A 21 -9.88 -4.64 -2.57
C LYS A 21 -8.95 -5.30 -1.56
N VAL A 22 -8.03 -4.52 -1.01
CA VAL A 22 -7.07 -5.03 -0.03
C VAL A 22 -6.84 -4.03 1.10
N THR A 23 -6.93 -4.52 2.33
CA THR A 23 -6.74 -3.66 3.50
C THR A 23 -5.28 -3.63 3.93
N ILE A 24 -4.51 -2.71 3.35
CA ILE A 24 -3.09 -2.57 3.70
C ILE A 24 -2.93 -2.24 5.17
N ARG A 25 -1.97 -2.87 5.82
CA ARG A 25 -1.71 -2.63 7.23
C ARG A 25 -0.23 -2.80 7.56
N GLY A 26 0.26 -1.91 8.42
CA GLY A 26 1.67 -1.97 8.81
C GLY A 26 1.96 -1.10 10.02
N GLU A 27 2.96 -0.23 9.89
CA GLU A 27 3.35 0.67 10.98
C GLU A 27 3.93 1.97 10.44
N ASN A 28 3.53 3.08 11.04
CA ASN A 28 4.01 4.41 10.65
C ASN A 28 3.58 4.80 9.24
N LEU A 29 2.41 4.34 8.82
CA LEU A 29 1.91 4.67 7.48
C LEU A 29 1.21 6.03 7.50
N GLY A 30 1.88 7.03 8.08
CA GLY A 30 1.33 8.37 8.16
C GLY A 30 0.22 8.47 9.20
N THR A 31 0.40 9.36 10.16
CA THR A 31 -0.60 9.57 11.21
C THR A 31 -1.60 10.63 10.81
N GLY A 32 -2.03 10.60 9.55
CA GLY A 32 -3.00 11.56 9.07
C GLY A 32 -3.24 11.47 7.57
N PRO A 33 -4.47 11.74 7.10
CA PRO A 33 -4.81 11.68 5.68
C PRO A 33 -3.89 12.56 4.84
N THR A 34 -3.62 13.77 5.33
CA THR A 34 -2.75 14.70 4.62
C THR A 34 -1.36 14.10 4.42
N ASP A 35 -0.88 13.42 5.45
CA ASP A 35 0.44 12.79 5.40
C ASP A 35 0.51 11.79 4.25
N LEU A 36 -0.63 11.17 3.93
CA LEU A 36 -0.70 10.19 2.85
C LEU A 36 -0.74 10.91 1.49
N ILE A 37 0.30 11.71 1.22
CA ILE A 37 0.39 12.45 -0.02
C ILE A 37 0.56 11.53 -1.23
N GLY A 38 1.05 10.32 -0.99
CA GLY A 38 1.27 9.39 -2.08
C GLY A 38 0.98 7.94 -1.70
N LEU A 39 0.40 7.20 -2.64
CA LEU A 39 0.07 5.80 -2.44
C LEU A 39 0.13 5.06 -3.77
N THR A 40 0.84 3.94 -3.79
CA THR A 40 0.98 3.16 -5.02
C THR A 40 1.42 1.72 -4.74
N ILE A 41 0.67 0.77 -5.28
CA ILE A 41 0.98 -0.64 -5.11
C ILE A 41 1.68 -1.19 -6.35
N CYS A 42 2.81 -1.87 -6.13
CA CYS A 42 3.60 -2.45 -7.21
C CYS A 42 4.17 -1.37 -8.12
N GLY A 43 3.32 -0.74 -8.93
CA GLY A 43 3.76 0.30 -9.83
C GLY A 43 2.61 1.01 -10.50
N HIS A 44 1.49 1.09 -9.81
CA HIS A 44 0.29 1.75 -10.34
C HIS A 44 -0.29 2.73 -9.32
N ASN A 45 -0.50 3.97 -9.76
CA ASN A 45 -1.06 5.00 -8.88
C ASN A 45 -2.46 4.63 -8.43
N CYS A 46 -2.72 4.80 -7.14
CA CYS A 46 -4.02 4.49 -6.55
C CYS A 46 -4.29 5.34 -5.32
N LEU A 47 -3.90 6.61 -5.39
CA LEU A 47 -4.08 7.54 -4.29
C LEU A 47 -5.54 7.96 -4.14
N LEU A 48 -6.17 8.31 -5.27
CA LEU A 48 -7.56 8.73 -5.27
C LEU A 48 -8.47 7.68 -4.63
N THR A 49 -8.16 6.41 -4.88
CA THR A 49 -8.95 5.31 -4.33
C THR A 49 -8.55 5.04 -2.87
N ALA A 50 -7.26 5.17 -2.58
CA ALA A 50 -6.76 4.95 -1.23
C ALA A 50 -7.45 5.85 -0.22
N GLU A 51 -7.84 5.27 0.92
CA GLU A 51 -8.52 6.03 1.97
C GLU A 51 -7.80 5.84 3.30
N TRP A 52 -7.50 6.96 3.95
CA TRP A 52 -6.81 6.93 5.25
C TRP A 52 -7.72 6.40 6.35
N MET A 53 -7.14 5.68 7.29
CA MET A 53 -7.90 5.12 8.41
C MET A 53 -7.20 5.39 9.73
N SER A 54 -5.90 5.10 9.78
CA SER A 54 -5.11 5.33 10.99
C SER A 54 -3.62 5.36 10.65
N ALA A 55 -2.78 5.17 11.67
CA ALA A 55 -1.34 5.17 11.48
C ALA A 55 -0.81 3.77 11.22
N SER A 56 -1.62 2.94 10.57
CA SER A 56 -1.24 1.57 10.26
C SER A 56 -2.33 0.84 9.47
N LYS A 57 -3.02 1.57 8.60
CA LYS A 57 -4.08 0.98 7.80
C LYS A 57 -4.48 1.90 6.64
N ILE A 58 -4.63 1.31 5.45
CA ILE A 58 -5.00 2.07 4.26
C ILE A 58 -5.78 1.19 3.29
N VAL A 59 -7.01 1.61 2.98
CA VAL A 59 -7.85 0.86 2.05
C VAL A 59 -7.64 1.35 0.62
N CYS A 60 -7.36 0.42 -0.28
CA CYS A 60 -7.13 0.76 -1.68
C CYS A 60 -7.05 -0.49 -2.56
N ARG A 61 -7.37 -0.32 -3.84
CA ARG A 61 -7.34 -1.44 -4.78
C ARG A 61 -5.94 -1.65 -5.31
N VAL A 62 -5.51 -2.91 -5.32
CA VAL A 62 -4.17 -3.25 -5.81
C VAL A 62 -3.98 -2.90 -7.28
N GLY A 63 -2.87 -2.22 -7.58
CA GLY A 63 -2.58 -1.83 -8.94
C GLY A 63 -1.97 -2.96 -9.75
N GLN A 64 -1.97 -2.80 -11.07
CA GLN A 64 -1.41 -3.81 -11.97
C GLN A 64 -0.02 -4.22 -11.52
N ALA A 65 0.26 -5.53 -11.56
CA ALA A 65 1.54 -6.07 -11.15
C ALA A 65 2.64 -5.82 -12.18
N LYS A 66 2.99 -4.56 -12.40
CA LYS A 66 4.05 -4.22 -13.34
C LYS A 66 5.36 -4.89 -12.96
N ASN A 67 5.69 -4.80 -11.68
CA ASN A 67 6.92 -5.40 -11.15
C ASN A 67 6.83 -6.93 -11.19
N ASP A 68 7.47 -7.57 -10.23
CA ASP A 68 7.47 -9.03 -10.15
C ASP A 68 7.68 -9.51 -8.73
N LYS A 69 7.22 -8.73 -7.74
CA LYS A 69 7.36 -9.10 -6.34
C LYS A 69 6.33 -8.38 -5.46
N GLY A 70 5.16 -8.10 -6.03
CA GLY A 70 4.09 -7.43 -5.30
C GLY A 70 4.60 -6.43 -4.27
N ASP A 71 5.60 -5.66 -4.65
CA ASP A 71 6.17 -4.66 -3.74
C ASP A 71 5.17 -3.57 -3.40
N ILE A 72 4.89 -3.40 -2.11
CA ILE A 72 3.97 -2.38 -1.64
C ILE A 72 4.73 -1.15 -1.18
N ILE A 73 4.30 0.03 -1.65
CA ILE A 73 4.95 1.28 -1.28
C ILE A 73 3.93 2.35 -0.92
N VAL A 74 4.25 3.13 0.12
CA VAL A 74 3.37 4.19 0.57
C VAL A 74 4.19 5.42 0.98
N THR A 75 3.85 6.57 0.39
CA THR A 75 4.55 7.81 0.68
C THR A 75 3.89 8.56 1.83
N THR A 76 4.70 9.14 2.71
CA THR A 76 4.19 9.89 3.86
C THR A 76 5.12 11.04 4.21
N LYS A 77 4.53 12.15 4.65
CA LYS A 77 5.30 13.33 5.03
C LYS A 77 6.37 12.98 6.05
N SER A 78 6.06 12.03 6.93
CA SER A 78 6.98 11.61 7.98
C SER A 78 8.25 10.99 7.40
N GLY A 79 8.09 10.05 6.47
CA GLY A 79 9.24 9.39 5.87
C GLY A 79 9.25 9.51 4.35
N GLY A 80 8.12 9.21 3.73
CA GLY A 80 8.02 9.29 2.28
C GLY A 80 8.71 8.14 1.58
N LYS A 81 7.96 7.48 0.70
CA LYS A 81 8.49 6.35 -0.06
C LYS A 81 9.15 5.32 0.86
N GLY A 82 8.37 4.82 1.82
CA GLY A 82 8.89 3.84 2.76
C GLY A 82 9.20 2.51 2.10
N THR A 83 8.85 1.42 2.79
CA THR A 83 9.10 0.07 2.28
C THR A 83 8.04 -0.91 2.78
N SER A 84 8.28 -2.20 2.58
CA SER A 84 7.34 -3.23 3.03
C SER A 84 7.98 -4.62 2.96
N THR A 85 7.88 -5.35 4.06
CA THR A 85 8.43 -6.70 4.13
C THR A 85 7.38 -7.75 3.76
N VAL A 86 6.55 -7.42 2.77
CA VAL A 86 5.50 -8.33 2.31
C VAL A 86 5.19 -8.10 0.84
N SER A 87 4.99 -9.19 0.10
CA SER A 87 4.70 -9.10 -1.33
C SER A 87 3.33 -9.70 -1.64
N PHE A 88 2.51 -8.93 -2.34
CA PHE A 88 1.17 -9.38 -2.71
C PHE A 88 1.20 -10.10 -4.06
N LYS A 89 0.71 -11.33 -4.09
CA LYS A 89 0.67 -12.11 -5.33
C LYS A 89 -0.59 -11.78 -6.10
N LEU A 90 -0.50 -10.80 -6.99
CA LEU A 90 -1.63 -10.37 -7.80
C LEU A 90 -2.09 -11.48 -8.74
N LEU A 91 -3.38 -11.78 -8.70
CA LEU A 91 -3.96 -12.82 -9.56
C LEU A 91 -4.21 -12.29 -10.96
N LYS A 92 -3.87 -13.10 -11.96
CA LYS A 92 -4.06 -12.72 -13.36
C LYS A 92 -5.55 -12.54 -13.68
N PRO A 93 -5.91 -11.46 -14.39
CA PRO A 93 -7.30 -11.19 -14.75
C PRO A 93 -7.94 -12.34 -15.50
N GLU A 94 -9.14 -12.73 -15.06
CA GLU A 94 -9.86 -13.82 -15.70
C GLU A 94 -10.43 -13.37 -17.05
N LYS A 95 -9.96 -14.01 -18.12
CA LYS A 95 -10.42 -13.68 -19.46
C LYS A 95 -10.15 -12.21 -19.79
N HIS A 1 15.89 13.41 12.89
CA HIS A 1 14.87 14.40 12.45
C HIS A 1 13.89 13.77 11.47
N MET A 2 14.42 13.08 10.47
CA MET A 2 13.59 12.43 9.46
C MET A 2 12.78 11.30 10.08
N ARG A 3 11.47 11.29 9.83
CA ARG A 3 10.59 10.26 10.35
C ARG A 3 10.86 8.92 9.68
N GLN A 4 10.90 7.86 10.48
CA GLN A 4 11.15 6.53 9.96
C GLN A 4 10.06 6.12 8.97
N PRO A 5 10.44 5.51 7.83
CA PRO A 5 9.49 5.08 6.80
C PRO A 5 8.52 4.02 7.33
N PRO A 6 7.23 4.11 6.95
CA PRO A 6 6.20 3.17 7.37
C PRO A 6 6.55 1.74 7.00
N LEU A 7 6.60 0.85 7.99
CA LEU A 7 6.92 -0.56 7.76
C LEU A 7 5.64 -1.36 7.60
N VAL A 8 5.49 -2.03 6.46
CA VAL A 8 4.33 -2.86 6.19
C VAL A 8 4.64 -4.33 6.45
N THR A 9 3.66 -5.05 7.03
CA THR A 9 3.84 -6.46 7.33
C THR A 9 2.51 -7.12 7.69
N GLY A 10 1.50 -6.92 6.83
CA GLY A 10 0.20 -7.50 7.08
C GLY A 10 -0.75 -7.30 5.91
N ILE A 11 -1.54 -8.32 5.63
CA ILE A 11 -2.51 -8.27 4.54
C ILE A 11 -3.52 -9.41 4.67
N SER A 12 -4.81 -9.07 4.57
CA SER A 12 -5.86 -10.07 4.68
C SER A 12 -5.81 -11.06 3.51
N PRO A 13 -5.93 -10.59 2.25
CA PRO A 13 -5.88 -11.44 1.08
C PRO A 13 -4.49 -11.49 0.46
N ASN A 14 -3.91 -12.68 0.40
CA ASN A 14 -2.58 -12.84 -0.18
C ASN A 14 -2.67 -13.23 -1.65
N GLU A 15 -3.75 -12.79 -2.31
CA GLU A 15 -3.97 -13.08 -3.72
C GLU A 15 -5.30 -12.47 -4.18
N GLY A 16 -5.27 -11.81 -5.34
CA GLY A 16 -6.48 -11.20 -5.86
C GLY A 16 -6.21 -10.24 -7.00
N ILE A 17 -7.16 -10.16 -7.95
CA ILE A 17 -7.02 -9.27 -9.09
C ILE A 17 -6.80 -7.82 -8.63
N PRO A 18 -6.25 -6.95 -9.50
CA PRO A 18 -5.99 -5.56 -9.15
C PRO A 18 -7.18 -4.86 -8.50
N TRP A 19 -8.38 -5.10 -9.02
CA TRP A 19 -9.57 -4.47 -8.47
C TRP A 19 -9.90 -4.99 -7.07
N THR A 20 -9.42 -6.17 -6.73
CA THR A 20 -9.67 -6.76 -5.42
C THR A 20 -9.26 -5.82 -4.29
N LYS A 21 -10.19 -5.59 -3.36
CA LYS A 21 -9.95 -4.73 -2.22
C LYS A 21 -9.03 -5.42 -1.22
N VAL A 22 -8.10 -4.66 -0.64
CA VAL A 22 -7.16 -5.21 0.33
C VAL A 22 -6.90 -4.23 1.47
N THR A 23 -6.96 -4.73 2.70
CA THR A 23 -6.71 -3.90 3.87
C THR A 23 -5.23 -3.86 4.20
N ILE A 24 -4.64 -2.66 4.15
CA ILE A 24 -3.22 -2.51 4.45
C ILE A 24 -2.98 -2.48 5.95
N ARG A 25 -1.89 -3.12 6.38
CA ARG A 25 -1.54 -3.17 7.79
C ARG A 25 -0.04 -3.05 7.97
N GLY A 26 0.39 -2.23 8.94
CA GLY A 26 1.80 -2.05 9.19
C GLY A 26 2.07 -1.15 10.38
N GLU A 27 3.00 -0.22 10.21
CA GLU A 27 3.36 0.72 11.28
C GLU A 27 3.81 2.06 10.72
N ASN A 28 3.35 3.13 11.34
CA ASN A 28 3.70 4.49 10.93
C ASN A 28 3.22 4.82 9.51
N LEU A 29 2.06 4.31 9.13
CA LEU A 29 1.50 4.58 7.81
C LEU A 29 0.78 5.93 7.80
N GLY A 30 1.53 6.98 8.07
CA GLY A 30 0.95 8.32 8.10
C GLY A 30 0.23 8.60 9.41
N THR A 31 0.67 9.64 10.10
CA THR A 31 0.07 10.01 11.38
C THR A 31 -1.04 11.04 11.18
N GLY A 32 -1.75 10.95 10.05
CA GLY A 32 -2.81 11.89 9.77
C GLY A 32 -3.23 11.87 8.32
N PRO A 33 -4.51 12.17 8.02
CA PRO A 33 -5.03 12.19 6.64
C PRO A 33 -4.16 13.05 5.73
N THR A 34 -3.81 14.23 6.22
CA THR A 34 -2.98 15.16 5.47
C THR A 34 -1.59 14.59 5.22
N ASP A 35 -1.06 13.89 6.22
CA ASP A 35 0.26 13.29 6.10
C ASP A 35 0.35 12.40 4.87
N LEU A 36 -0.57 11.45 4.75
CA LEU A 36 -0.59 10.56 3.59
C LEU A 36 -0.79 11.41 2.33
N ILE A 37 0.10 11.22 1.35
CA ILE A 37 0.02 11.98 0.11
C ILE A 37 0.30 11.11 -1.11
N GLY A 38 1.05 10.04 -0.90
CA GLY A 38 1.39 9.15 -2.00
C GLY A 38 1.06 7.70 -1.71
N LEU A 39 0.60 7.00 -2.74
CA LEU A 39 0.24 5.59 -2.62
C LEU A 39 0.47 4.89 -3.96
N THR A 40 1.15 3.75 -3.91
CA THR A 40 1.44 2.97 -5.11
C THR A 40 1.57 1.49 -4.80
N ILE A 41 1.15 0.67 -5.75
CA ILE A 41 1.24 -0.78 -5.62
C ILE A 41 1.71 -1.39 -6.92
N CYS A 42 2.80 -2.15 -6.85
CA CYS A 42 3.37 -2.77 -8.03
C CYS A 42 3.71 -1.72 -9.08
N GLY A 43 4.23 -0.58 -8.62
CA GLY A 43 4.60 0.49 -9.52
C GLY A 43 3.41 1.32 -10.01
N HIS A 44 2.25 0.68 -10.13
CA HIS A 44 1.05 1.35 -10.61
C HIS A 44 0.48 2.28 -9.53
N ASN A 45 0.19 3.52 -9.92
CA ASN A 45 -0.36 4.50 -9.01
C ASN A 45 -1.81 4.18 -8.67
N CYS A 46 -2.19 4.38 -7.41
CA CYS A 46 -3.56 4.11 -6.95
C CYS A 46 -3.93 5.02 -5.79
N LEU A 47 -3.50 6.28 -5.86
CA LEU A 47 -3.79 7.26 -4.82
C LEU A 47 -5.26 7.65 -4.81
N LEU A 48 -5.83 7.85 -6.00
CA LEU A 48 -7.23 8.25 -6.13
C LEU A 48 -8.14 7.31 -5.34
N THR A 49 -7.89 6.01 -5.42
CA THR A 49 -8.69 5.03 -4.71
C THR A 49 -8.28 4.93 -3.24
N ALA A 50 -6.99 5.15 -2.98
CA ALA A 50 -6.46 5.07 -1.61
C ALA A 50 -7.20 6.01 -0.67
N GLU A 51 -7.61 5.48 0.47
CA GLU A 51 -8.32 6.26 1.49
C GLU A 51 -7.63 6.11 2.84
N TRP A 52 -7.40 7.24 3.51
CA TRP A 52 -6.74 7.23 4.81
C TRP A 52 -7.65 6.68 5.90
N MET A 53 -7.06 6.00 6.87
CA MET A 53 -7.80 5.42 7.98
C MET A 53 -7.14 5.73 9.32
N SER A 54 -5.84 5.45 9.39
CA SER A 54 -5.08 5.70 10.62
C SER A 54 -3.58 5.55 10.36
N ALA A 55 -2.82 5.26 11.40
CA ALA A 55 -1.38 5.10 11.28
C ALA A 55 -1.00 3.63 11.13
N SER A 56 -1.89 2.85 10.51
CA SER A 56 -1.65 1.42 10.29
C SER A 56 -2.82 0.78 9.54
N LYS A 57 -3.46 1.55 8.68
CA LYS A 57 -4.59 1.06 7.89
C LYS A 57 -4.90 2.01 6.73
N ILE A 58 -4.98 1.46 5.52
CA ILE A 58 -5.27 2.26 4.34
C ILE A 58 -5.98 1.42 3.28
N VAL A 59 -7.23 1.76 3.00
CA VAL A 59 -8.01 1.06 1.99
C VAL A 59 -7.63 1.55 0.60
N CYS A 60 -7.37 0.63 -0.32
CA CYS A 60 -6.98 1.00 -1.68
C CYS A 60 -6.99 -0.20 -2.61
N ARG A 61 -7.18 0.06 -3.89
CA ARG A 61 -7.21 -0.97 -4.90
C ARG A 61 -5.79 -1.33 -5.33
N VAL A 62 -5.45 -2.61 -5.26
CA VAL A 62 -4.12 -3.07 -5.65
C VAL A 62 -3.86 -2.80 -7.12
N GLY A 63 -2.76 -2.11 -7.41
CA GLY A 63 -2.42 -1.80 -8.78
C GLY A 63 -1.92 -3.00 -9.55
N GLN A 64 -2.15 -2.99 -10.85
CA GLN A 64 -1.72 -4.08 -11.73
C GLN A 64 -0.28 -4.47 -11.44
N ALA A 65 0.03 -5.75 -11.64
CA ALA A 65 1.37 -6.27 -11.40
C ALA A 65 2.37 -5.78 -12.46
N LYS A 66 2.58 -4.47 -12.50
CA LYS A 66 3.51 -3.88 -13.45
C LYS A 66 4.91 -4.45 -13.27
N ASN A 67 5.39 -4.42 -12.03
CA ASN A 67 6.70 -4.95 -11.70
C ASN A 67 6.68 -6.47 -11.68
N ASP A 68 7.05 -7.07 -10.55
CA ASP A 68 7.06 -8.52 -10.41
C ASP A 68 7.11 -8.92 -8.93
N LYS A 69 7.83 -8.15 -8.14
CA LYS A 69 7.96 -8.41 -6.71
C LYS A 69 6.62 -8.21 -6.00
N GLY A 70 5.92 -7.14 -6.37
CA GLY A 70 4.63 -6.85 -5.77
C GLY A 70 4.77 -6.27 -4.37
N ASP A 71 5.79 -5.45 -4.18
CA ASP A 71 6.04 -4.82 -2.88
C ASP A 71 5.09 -3.64 -2.66
N ILE A 72 4.56 -3.54 -1.43
CA ILE A 72 3.66 -2.46 -1.10
C ILE A 72 4.44 -1.22 -0.66
N ILE A 73 4.15 -0.08 -1.29
CA ILE A 73 4.84 1.16 -0.98
C ILE A 73 3.86 2.28 -0.66
N VAL A 74 4.18 3.07 0.36
CA VAL A 74 3.34 4.18 0.77
C VAL A 74 4.19 5.39 1.14
N THR A 75 4.00 6.49 0.42
CA THR A 75 4.75 7.71 0.66
C THR A 75 4.06 8.61 1.69
N THR A 76 4.83 9.03 2.68
CA THR A 76 4.30 9.90 3.74
C THR A 76 4.84 11.32 3.57
N LYS A 77 4.01 12.31 3.87
CA LYS A 77 4.40 13.71 3.75
C LYS A 77 5.65 13.97 4.60
N SER A 78 5.66 13.44 5.82
CA SER A 78 6.78 13.61 6.71
C SER A 78 7.97 12.76 6.26
N GLY A 79 7.73 11.46 6.14
CA GLY A 79 8.79 10.55 5.72
C GLY A 79 8.87 10.42 4.20
N GLY A 80 8.80 9.19 3.71
CA GLY A 80 8.86 8.95 2.28
C GLY A 80 8.30 7.60 1.89
N LYS A 81 8.96 6.93 0.95
CA LYS A 81 8.51 5.61 0.49
C LYS A 81 8.58 4.58 1.62
N GLY A 82 7.46 3.92 1.86
CA GLY A 82 7.41 2.90 2.90
C GLY A 82 7.99 1.57 2.45
N THR A 83 8.66 0.88 3.36
CA THR A 83 9.27 -0.40 3.05
C THR A 83 8.39 -1.56 3.51
N SER A 84 8.28 -2.60 2.69
CA SER A 84 7.45 -3.75 3.01
C SER A 84 8.18 -5.06 2.69
N THR A 85 8.16 -5.98 3.64
CA THR A 85 8.79 -7.27 3.47
C THR A 85 7.89 -8.22 2.67
N VAL A 86 6.59 -8.06 2.84
CA VAL A 86 5.62 -8.90 2.15
C VAL A 86 5.34 -8.38 0.74
N SER A 87 4.51 -9.12 0.00
CA SER A 87 4.16 -8.75 -1.36
C SER A 87 2.84 -9.39 -1.77
N PHE A 88 2.00 -8.61 -2.45
CA PHE A 88 0.70 -9.10 -2.89
C PHE A 88 0.78 -9.75 -4.27
N LYS A 89 0.19 -10.94 -4.39
CA LYS A 89 0.18 -11.65 -5.65
C LYS A 89 -1.06 -11.30 -6.47
N LEU A 90 -0.86 -10.79 -7.68
CA LEU A 90 -1.97 -10.42 -8.54
C LEU A 90 -2.51 -11.61 -9.32
N LEU A 91 -3.81 -11.84 -9.22
CA LEU A 91 -4.45 -12.94 -9.92
C LEU A 91 -4.95 -12.50 -11.29
N LYS A 92 -4.75 -13.35 -12.29
CA LYS A 92 -5.19 -13.03 -13.64
C LYS A 92 -6.70 -12.80 -13.68
N PRO A 93 -7.14 -11.68 -14.29
CA PRO A 93 -8.56 -11.34 -14.39
C PRO A 93 -9.39 -12.46 -15.00
N GLU A 94 -10.47 -12.83 -14.33
CA GLU A 94 -11.35 -13.88 -14.83
C GLU A 94 -12.35 -13.33 -15.83
N LYS A 95 -12.29 -13.85 -17.05
CA LYS A 95 -13.19 -13.40 -18.12
C LYS A 95 -13.06 -14.28 -19.35
N HIS A 1 14.79 13.63 15.24
CA HIS A 1 15.14 12.46 14.39
C HIS A 1 14.05 12.19 13.36
N MET A 2 14.46 11.95 12.11
CA MET A 2 13.52 11.67 11.04
C MET A 2 12.74 10.40 11.34
N ARG A 3 11.42 10.47 11.16
CA ARG A 3 10.56 9.33 11.42
C ARG A 3 10.86 8.18 10.45
N GLN A 4 10.91 6.97 10.98
CA GLN A 4 11.17 5.79 10.20
C GLN A 4 10.07 5.58 9.15
N PRO A 5 10.45 5.36 7.87
CA PRO A 5 9.47 5.14 6.79
C PRO A 5 8.47 4.05 7.13
N PRO A 6 7.21 4.19 6.66
CA PRO A 6 6.16 3.22 6.92
C PRO A 6 6.55 1.81 6.50
N LEU A 7 6.39 0.85 7.41
CA LEU A 7 6.72 -0.53 7.14
C LEU A 7 5.47 -1.41 7.15
N VAL A 8 5.07 -1.87 5.97
CA VAL A 8 3.89 -2.72 5.85
C VAL A 8 4.19 -4.13 6.35
N THR A 9 3.32 -4.64 7.23
CA THR A 9 3.50 -5.98 7.78
C THR A 9 2.15 -6.62 8.08
N GLY A 10 1.22 -6.54 7.13
CA GLY A 10 -0.10 -7.12 7.32
C GLY A 10 -1.01 -6.95 6.13
N ILE A 11 -1.80 -7.97 5.84
CA ILE A 11 -2.74 -7.94 4.73
C ILE A 11 -3.75 -9.07 4.86
N SER A 12 -5.04 -8.74 4.76
CA SER A 12 -6.09 -9.74 4.88
C SER A 12 -6.04 -10.74 3.73
N PRO A 13 -6.17 -10.28 2.47
CA PRO A 13 -6.13 -11.17 1.31
C PRO A 13 -4.71 -11.39 0.78
N ASN A 14 -4.31 -12.66 0.70
CA ASN A 14 -2.99 -13.00 0.19
C ASN A 14 -3.08 -13.44 -1.27
N GLU A 15 -4.11 -12.95 -1.96
CA GLU A 15 -4.34 -13.28 -3.36
C GLU A 15 -5.62 -12.61 -3.87
N GLY A 16 -5.53 -11.96 -5.03
CA GLY A 16 -6.70 -11.30 -5.58
C GLY A 16 -6.35 -10.39 -6.75
N ILE A 17 -7.22 -10.38 -7.75
CA ILE A 17 -7.03 -9.55 -8.94
C ILE A 17 -6.90 -8.07 -8.56
N PRO A 18 -6.38 -7.22 -9.47
CA PRO A 18 -6.19 -5.79 -9.21
C PRO A 18 -7.42 -5.12 -8.62
N TRP A 19 -8.61 -5.50 -9.11
CA TRP A 19 -9.85 -4.91 -8.62
C TRP A 19 -10.17 -5.36 -7.20
N THR A 20 -9.65 -6.52 -6.81
CA THR A 20 -9.90 -7.06 -5.47
C THR A 20 -9.46 -6.08 -4.39
N LYS A 21 -10.36 -5.79 -3.45
CA LYS A 21 -10.06 -4.88 -2.36
C LYS A 21 -9.12 -5.54 -1.35
N VAL A 22 -8.14 -4.77 -0.88
CA VAL A 22 -7.18 -5.29 0.09
C VAL A 22 -6.95 -4.29 1.21
N THR A 23 -6.99 -4.78 2.45
CA THR A 23 -6.79 -3.92 3.61
C THR A 23 -5.30 -3.82 3.94
N ILE A 24 -4.74 -2.62 3.78
CA ILE A 24 -3.34 -2.39 4.07
C ILE A 24 -3.10 -2.33 5.57
N ARG A 25 -2.00 -2.93 6.01
CA ARG A 25 -1.65 -2.95 7.42
C ARG A 25 -0.13 -2.93 7.60
N GLY A 26 0.36 -2.07 8.47
CA GLY A 26 1.79 -1.96 8.71
C GLY A 26 2.12 -1.13 9.93
N GLU A 27 3.07 -0.21 9.78
CA GLU A 27 3.49 0.64 10.88
C GLU A 27 3.91 2.03 10.38
N ASN A 28 3.44 3.06 11.07
CA ASN A 28 3.76 4.45 10.74
C ASN A 28 3.28 4.84 9.33
N LEU A 29 2.09 4.40 8.96
CA LEU A 29 1.53 4.74 7.64
C LEU A 29 0.87 6.11 7.69
N GLY A 30 1.58 7.08 8.28
CA GLY A 30 1.06 8.43 8.39
C GLY A 30 -0.06 8.54 9.41
N THR A 31 0.15 9.40 10.41
CA THR A 31 -0.85 9.60 11.46
C THR A 31 -1.87 10.66 11.06
N GLY A 32 -2.26 10.66 9.78
CA GLY A 32 -3.22 11.63 9.30
C GLY A 32 -3.36 11.60 7.79
N PRO A 33 -4.57 11.86 7.26
CA PRO A 33 -4.82 11.85 5.81
C PRO A 33 -3.89 12.81 5.07
N THR A 34 -3.68 13.99 5.66
CA THR A 34 -2.82 15.00 5.07
C THR A 34 -1.39 14.48 4.88
N ASP A 35 -0.91 13.74 5.88
CA ASP A 35 0.44 13.17 5.82
C ASP A 35 0.61 12.29 4.60
N LEU A 36 -0.38 11.44 4.34
CA LEU A 36 -0.34 10.54 3.19
C LEU A 36 -0.29 11.36 1.90
N ILE A 37 0.61 10.97 0.99
CA ILE A 37 0.76 11.68 -0.27
C ILE A 37 1.04 10.72 -1.43
N GLY A 38 1.94 9.77 -1.21
CA GLY A 38 2.28 8.83 -2.25
C GLY A 38 1.64 7.47 -2.04
N LEU A 39 1.10 6.91 -3.12
CA LEU A 39 0.46 5.60 -3.04
C LEU A 39 0.62 4.87 -4.37
N THR A 40 1.12 3.64 -4.31
CA THR A 40 1.33 2.84 -5.51
C THR A 40 1.45 1.36 -5.17
N ILE A 41 0.78 0.52 -5.97
CA ILE A 41 0.81 -0.91 -5.77
C ILE A 41 1.14 -1.62 -7.08
N CYS A 42 2.11 -2.53 -7.02
CA CYS A 42 2.52 -3.28 -8.20
C CYS A 42 2.94 -2.32 -9.32
N GLY A 43 3.64 -1.26 -8.95
CA GLY A 43 4.10 -0.28 -9.92
C GLY A 43 2.95 0.43 -10.61
N HIS A 44 1.83 0.56 -9.92
CA HIS A 44 0.66 1.25 -10.49
C HIS A 44 0.11 2.27 -9.50
N ASN A 45 -0.14 3.49 -10.00
CA ASN A 45 -0.67 4.56 -9.17
C ASN A 45 -2.09 4.24 -8.71
N CYS A 46 -2.35 4.42 -7.42
CA CYS A 46 -3.68 4.15 -6.86
C CYS A 46 -3.94 5.02 -5.63
N LEU A 47 -3.49 6.27 -5.69
CA LEU A 47 -3.68 7.20 -4.59
C LEU A 47 -5.13 7.69 -4.52
N LEU A 48 -5.71 7.99 -5.68
CA LEU A 48 -7.09 8.48 -5.75
C LEU A 48 -8.06 7.54 -5.03
N THR A 49 -7.86 6.24 -5.19
CA THR A 49 -8.72 5.24 -4.57
C THR A 49 -8.36 5.03 -3.09
N ALA A 50 -7.08 5.12 -2.78
CA ALA A 50 -6.60 4.93 -1.42
C ALA A 50 -7.31 5.86 -0.44
N GLU A 51 -7.73 5.30 0.69
CA GLU A 51 -8.42 6.08 1.72
C GLU A 51 -7.73 5.91 3.08
N TRP A 52 -7.51 7.03 3.76
CA TRP A 52 -6.86 7.00 5.07
C TRP A 52 -7.77 6.40 6.13
N MET A 53 -7.17 5.80 7.15
CA MET A 53 -7.92 5.18 8.23
C MET A 53 -7.23 5.38 9.58
N SER A 54 -5.91 5.18 9.58
CA SER A 54 -5.12 5.35 10.81
C SER A 54 -3.64 5.41 10.48
N ALA A 55 -2.80 5.26 11.51
CA ALA A 55 -1.36 5.30 11.33
C ALA A 55 -0.81 3.91 11.02
N SER A 56 -1.63 3.09 10.35
CA SER A 56 -1.21 1.74 9.98
C SER A 56 -2.33 1.00 9.25
N LYS A 57 -3.07 1.73 8.43
CA LYS A 57 -4.18 1.13 7.67
C LYS A 57 -4.62 2.05 6.53
N ILE A 58 -4.75 1.49 5.34
CA ILE A 58 -5.17 2.25 4.16
C ILE A 58 -5.92 1.37 3.18
N VAL A 59 -7.20 1.67 2.97
CA VAL A 59 -8.02 0.91 2.04
C VAL A 59 -7.75 1.36 0.61
N CYS A 60 -7.50 0.40 -0.28
CA CYS A 60 -7.22 0.73 -1.68
C CYS A 60 -7.19 -0.52 -2.55
N ARG A 61 -7.53 -0.34 -3.82
CA ARG A 61 -7.54 -1.44 -4.77
C ARG A 61 -6.14 -1.68 -5.32
N VAL A 62 -5.69 -2.93 -5.29
CA VAL A 62 -4.36 -3.29 -5.78
C VAL A 62 -4.19 -2.90 -7.25
N GLY A 63 -3.12 -2.18 -7.53
CA GLY A 63 -2.84 -1.75 -8.90
C GLY A 63 -2.38 -2.88 -9.79
N GLN A 64 -2.69 -2.77 -11.08
CA GLN A 64 -2.29 -3.79 -12.06
C GLN A 64 -0.79 -4.07 -11.97
N ALA A 65 -0.44 -5.35 -12.04
CA ALA A 65 0.96 -5.76 -11.96
C ALA A 65 1.77 -5.24 -13.14
N LYS A 66 2.94 -4.71 -12.85
CA LYS A 66 3.84 -4.19 -13.88
C LYS A 66 5.27 -4.62 -13.61
N ASN A 67 5.70 -4.48 -12.36
CA ASN A 67 7.05 -4.88 -11.97
C ASN A 67 7.17 -6.40 -11.92
N ASP A 68 7.71 -6.92 -10.82
CA ASP A 68 7.88 -8.36 -10.66
C ASP A 68 8.20 -8.71 -9.21
N LYS A 69 7.40 -8.16 -8.29
CA LYS A 69 7.59 -8.40 -6.87
C LYS A 69 6.30 -8.15 -6.10
N GLY A 70 5.61 -7.07 -6.46
CA GLY A 70 4.36 -6.74 -5.79
C GLY A 70 4.59 -6.13 -4.42
N ASP A 71 5.60 -5.27 -4.32
CA ASP A 71 5.93 -4.62 -3.07
C ASP A 71 5.02 -3.41 -2.81
N ILE A 72 4.53 -3.31 -1.58
CA ILE A 72 3.65 -2.21 -1.20
C ILE A 72 4.48 -1.00 -0.77
N ILE A 73 4.14 0.17 -1.30
CA ILE A 73 4.87 1.39 -0.97
C ILE A 73 3.92 2.54 -0.67
N VAL A 74 4.21 3.29 0.39
CA VAL A 74 3.39 4.42 0.79
C VAL A 74 4.27 5.57 1.28
N THR A 75 4.21 6.70 0.58
CA THR A 75 4.98 7.88 0.94
C THR A 75 4.28 8.67 2.04
N THR A 76 5.07 9.29 2.92
CA THR A 76 4.51 10.08 4.01
C THR A 76 5.35 11.33 4.26
N LYS A 77 4.67 12.44 4.54
CA LYS A 77 5.34 13.71 4.79
C LYS A 77 6.32 13.58 5.95
N SER A 78 5.85 13.05 7.07
CA SER A 78 6.69 12.87 8.25
C SER A 78 7.79 11.86 7.97
N GLY A 79 7.39 10.68 7.51
CA GLY A 79 8.35 9.63 7.20
C GLY A 79 9.04 9.87 5.87
N GLY A 80 8.93 8.90 4.97
CA GLY A 80 9.56 9.02 3.66
C GLY A 80 9.05 7.97 2.69
N LYS A 81 9.96 7.42 1.90
CA LYS A 81 9.59 6.40 0.93
C LYS A 81 9.08 5.14 1.63
N GLY A 82 7.95 4.63 1.15
CA GLY A 82 7.38 3.44 1.75
C GLY A 82 8.27 2.22 1.62
N THR A 83 8.12 1.29 2.55
CA THR A 83 8.92 0.07 2.55
C THR A 83 8.13 -1.10 3.12
N SER A 84 8.31 -2.28 2.56
CA SER A 84 7.61 -3.47 3.01
C SER A 84 8.30 -4.75 2.55
N THR A 85 8.56 -5.65 3.50
CA THR A 85 9.21 -6.91 3.19
C THR A 85 8.23 -7.86 2.52
N VAL A 86 6.95 -7.71 2.86
CA VAL A 86 5.88 -8.55 2.30
C VAL A 86 5.41 -8.01 0.95
N SER A 87 4.91 -8.90 0.12
CA SER A 87 4.42 -8.53 -1.21
C SER A 87 3.13 -9.26 -1.54
N PHE A 88 2.21 -8.56 -2.19
CA PHE A 88 0.92 -9.14 -2.56
C PHE A 88 1.01 -9.87 -3.89
N LYS A 89 0.57 -11.13 -3.90
CA LYS A 89 0.57 -11.94 -5.12
C LYS A 89 -0.65 -11.63 -5.97
N LEU A 90 -0.53 -10.64 -6.83
CA LEU A 90 -1.63 -10.22 -7.70
C LEU A 90 -2.00 -11.33 -8.67
N LEU A 91 -3.29 -11.69 -8.69
CA LEU A 91 -3.78 -12.73 -9.58
C LEU A 91 -4.28 -12.15 -10.91
N LYS A 92 -3.91 -12.80 -12.00
CA LYS A 92 -4.33 -12.36 -13.32
C LYS A 92 -5.81 -12.63 -13.56
N PRO A 93 -6.56 -11.61 -14.03
CA PRO A 93 -8.01 -11.75 -14.27
C PRO A 93 -8.35 -12.93 -15.17
N GLU A 94 -9.35 -13.69 -14.77
CA GLU A 94 -9.79 -14.84 -15.55
C GLU A 94 -11.08 -14.53 -16.29
N LYS A 95 -11.09 -14.79 -17.59
CA LYS A 95 -12.26 -14.53 -18.42
C LYS A 95 -13.45 -15.36 -17.97
N HIS A 1 16.07 12.80 6.55
CA HIS A 1 15.43 11.52 6.95
C HIS A 1 15.03 11.53 8.42
N MET A 2 14.43 12.63 8.85
CA MET A 2 14.00 12.77 10.24
C MET A 2 12.68 12.06 10.49
N ARG A 3 12.57 10.82 9.99
CA ARG A 3 11.37 10.03 10.16
C ARG A 3 11.56 8.62 9.62
N GLN A 4 11.17 7.62 10.41
CA GLN A 4 11.30 6.23 10.02
C GLN A 4 10.29 5.90 8.91
N PRO A 5 10.76 5.33 7.79
CA PRO A 5 9.89 4.96 6.67
C PRO A 5 8.84 3.92 7.06
N PRO A 6 7.58 4.11 6.63
CA PRO A 6 6.49 3.18 6.95
C PRO A 6 6.84 1.74 6.57
N LEU A 7 6.57 0.81 7.47
CA LEU A 7 6.85 -0.60 7.23
C LEU A 7 5.57 -1.43 7.29
N VAL A 8 5.35 -2.25 6.28
CA VAL A 8 4.16 -3.10 6.21
C VAL A 8 4.46 -4.54 6.61
N THR A 9 3.57 -5.13 7.41
CA THR A 9 3.73 -6.50 7.88
C THR A 9 2.38 -7.16 8.14
N GLY A 10 1.46 -7.03 7.18
CA GLY A 10 0.14 -7.62 7.35
C GLY A 10 -0.77 -7.40 6.16
N ILE A 11 -1.60 -8.39 5.87
CA ILE A 11 -2.54 -8.31 4.75
C ILE A 11 -3.61 -9.38 4.87
N SER A 12 -4.87 -8.98 4.75
CA SER A 12 -5.98 -9.93 4.85
C SER A 12 -5.96 -10.89 3.66
N PRO A 13 -6.07 -10.39 2.41
CA PRO A 13 -6.05 -11.25 1.23
C PRO A 13 -4.64 -11.48 0.70
N ASN A 14 -4.26 -12.75 0.56
CA ASN A 14 -2.94 -13.09 0.07
C ASN A 14 -2.93 -13.14 -1.46
N GLU A 15 -4.12 -13.25 -2.05
CA GLU A 15 -4.25 -13.30 -3.51
C GLU A 15 -5.64 -12.83 -3.95
N GLY A 16 -5.67 -12.05 -5.02
CA GLY A 16 -6.93 -11.55 -5.54
C GLY A 16 -6.74 -10.59 -6.71
N ILE A 17 -7.69 -10.57 -7.63
CA ILE A 17 -7.62 -9.70 -8.80
C ILE A 17 -7.35 -8.25 -8.40
N PRO A 18 -6.82 -7.43 -9.33
CA PRO A 18 -6.49 -6.02 -9.04
C PRO A 18 -7.62 -5.27 -8.35
N TRP A 19 -8.85 -5.55 -8.73
CA TRP A 19 -10.00 -4.88 -8.14
C TRP A 19 -10.33 -5.40 -6.74
N THR A 20 -9.91 -6.61 -6.44
CA THR A 20 -10.18 -7.20 -5.12
C THR A 20 -9.74 -6.26 -3.99
N LYS A 21 -10.64 -6.05 -3.04
CA LYS A 21 -10.34 -5.17 -1.91
C LYS A 21 -9.22 -5.74 -1.06
N VAL A 22 -8.32 -4.87 -0.60
CA VAL A 22 -7.19 -5.29 0.23
C VAL A 22 -6.91 -4.26 1.32
N THR A 23 -6.89 -4.71 2.57
CA THR A 23 -6.64 -3.83 3.69
C THR A 23 -5.17 -3.82 4.06
N ILE A 24 -4.53 -2.66 3.92
CA ILE A 24 -3.12 -2.52 4.24
C ILE A 24 -2.91 -2.47 5.75
N ARG A 25 -1.88 -3.15 6.23
CA ARG A 25 -1.57 -3.18 7.65
C ARG A 25 -0.06 -3.11 7.87
N GLY A 26 0.37 -2.21 8.73
CA GLY A 26 1.79 -2.07 9.00
C GLY A 26 2.07 -1.18 10.20
N GLU A 27 3.02 -0.26 10.04
CA GLU A 27 3.39 0.65 11.12
C GLU A 27 3.83 2.01 10.56
N ASN A 28 3.29 3.08 11.15
CA ASN A 28 3.63 4.44 10.73
C ASN A 28 3.35 4.69 9.26
N LEU A 29 2.21 4.19 8.77
CA LEU A 29 1.84 4.39 7.37
C LEU A 29 1.45 5.85 7.12
N GLY A 30 0.80 6.46 8.12
CA GLY A 30 0.38 7.84 7.99
C GLY A 30 -0.31 8.36 9.23
N THR A 31 0.12 9.52 9.71
CA THR A 31 -0.48 10.13 10.89
C THR A 31 -1.93 10.52 10.65
N GLY A 32 -2.20 11.02 9.46
CA GLY A 32 -3.56 11.42 9.12
C GLY A 32 -3.75 11.63 7.62
N PRO A 33 -4.82 12.35 7.22
CA PRO A 33 -5.11 12.61 5.80
C PRO A 33 -4.00 13.38 5.10
N THR A 34 -3.56 14.48 5.71
CA THR A 34 -2.51 15.31 5.14
C THR A 34 -1.19 14.55 5.02
N ASP A 35 -0.90 13.72 6.02
CA ASP A 35 0.33 12.94 6.04
C ASP A 35 0.46 12.08 4.79
N LEU A 36 -0.60 11.32 4.48
CA LEU A 36 -0.60 10.45 3.32
C LEU A 36 -0.67 11.29 2.05
N ILE A 37 0.17 10.95 1.06
CA ILE A 37 0.19 11.68 -0.20
C ILE A 37 0.48 10.75 -1.38
N GLY A 38 1.38 9.78 -1.15
CA GLY A 38 1.74 8.84 -2.19
C GLY A 38 1.29 7.43 -1.89
N LEU A 39 0.86 6.71 -2.91
CA LEU A 39 0.41 5.33 -2.77
C LEU A 39 0.70 4.56 -4.05
N THR A 40 1.32 3.38 -3.91
CA THR A 40 1.65 2.55 -5.05
C THR A 40 1.69 1.07 -4.70
N ILE A 41 1.29 0.24 -5.65
CA ILE A 41 1.29 -1.20 -5.48
C ILE A 41 1.89 -1.86 -6.71
N CYS A 42 2.99 -2.57 -6.52
CA CYS A 42 3.69 -3.24 -7.62
C CYS A 42 4.46 -2.23 -8.46
N GLY A 43 3.87 -1.05 -8.65
CA GLY A 43 4.52 0.00 -9.43
C GLY A 43 3.54 1.08 -9.83
N HIS A 44 2.30 0.69 -10.13
CA HIS A 44 1.26 1.62 -10.54
C HIS A 44 0.70 2.36 -9.33
N ASN A 45 0.62 3.69 -9.44
CA ASN A 45 0.10 4.51 -8.36
C ASN A 45 -1.43 4.39 -8.27
N CYS A 46 -1.94 4.44 -7.04
CA CYS A 46 -3.38 4.33 -6.81
C CYS A 46 -3.80 5.18 -5.61
N LEU A 47 -3.26 6.39 -5.54
CA LEU A 47 -3.55 7.30 -4.45
C LEU A 47 -5.02 7.74 -4.49
N LEU A 48 -5.49 8.10 -5.68
CA LEU A 48 -6.87 8.54 -5.87
C LEU A 48 -7.86 7.58 -5.22
N THR A 49 -7.62 6.29 -5.37
CA THR A 49 -8.50 5.27 -4.80
C THR A 49 -8.22 5.05 -3.31
N ALA A 50 -6.95 5.15 -2.95
CA ALA A 50 -6.53 4.95 -1.55
C ALA A 50 -7.25 5.91 -0.61
N GLU A 51 -7.72 5.38 0.51
CA GLU A 51 -8.42 6.17 1.52
C GLU A 51 -7.79 5.97 2.89
N TRP A 52 -7.58 7.07 3.60
CA TRP A 52 -6.98 7.01 4.94
C TRP A 52 -7.97 6.47 5.97
N MET A 53 -7.43 5.87 7.02
CA MET A 53 -8.25 5.31 8.10
C MET A 53 -7.55 5.46 9.45
N SER A 54 -6.26 5.11 9.48
CA SER A 54 -5.48 5.19 10.71
C SER A 54 -4.00 4.95 10.42
N ALA A 55 -3.17 5.05 11.46
CA ALA A 55 -1.73 4.84 11.31
C ALA A 55 -1.39 3.35 11.22
N SER A 56 -2.27 2.58 10.57
CA SER A 56 -2.05 1.14 10.40
C SER A 56 -3.20 0.51 9.61
N LYS A 57 -3.80 1.29 8.72
CA LYS A 57 -4.90 0.81 7.90
C LYS A 57 -5.17 1.74 6.73
N ILE A 58 -5.31 1.18 5.54
CA ILE A 58 -5.58 1.96 4.34
C ILE A 58 -6.37 1.16 3.32
N VAL A 59 -7.62 1.58 3.07
CA VAL A 59 -8.47 0.92 2.10
C VAL A 59 -8.14 1.39 0.69
N CYS A 60 -7.95 0.44 -0.23
CA CYS A 60 -7.62 0.79 -1.61
C CYS A 60 -7.68 -0.44 -2.52
N ARG A 61 -7.95 -0.19 -3.80
CA ARG A 61 -8.02 -1.27 -4.78
C ARG A 61 -6.62 -1.62 -5.27
N VAL A 62 -6.33 -2.91 -5.39
CA VAL A 62 -5.03 -3.37 -5.84
C VAL A 62 -4.66 -2.75 -7.17
N GLY A 63 -3.41 -2.29 -7.28
CA GLY A 63 -2.93 -1.68 -8.51
C GLY A 63 -2.87 -2.67 -9.65
N GLN A 64 -1.67 -2.85 -10.20
CA GLN A 64 -1.46 -3.78 -11.30
C GLN A 64 0.02 -4.13 -11.44
N ALA A 65 0.30 -5.38 -11.79
CA ALA A 65 1.66 -5.85 -11.95
C ALA A 65 2.47 -4.87 -12.79
N LYS A 66 3.73 -4.66 -12.39
CA LYS A 66 4.60 -3.74 -13.10
C LYS A 66 6.07 -4.11 -12.89
N ASN A 67 6.44 -4.36 -11.64
CA ASN A 67 7.81 -4.74 -11.31
C ASN A 67 7.95 -5.11 -9.84
N ASP A 68 9.14 -5.58 -9.49
CA ASP A 68 9.47 -5.97 -8.12
C ASP A 68 8.36 -6.85 -7.52
N LYS A 69 7.83 -7.76 -8.33
CA LYS A 69 6.77 -8.68 -7.91
C LYS A 69 5.50 -7.93 -7.53
N GLY A 70 5.54 -7.24 -6.39
CA GLY A 70 4.39 -6.50 -5.93
C GLY A 70 4.60 -5.87 -4.56
N ASP A 71 5.79 -5.29 -4.35
CA ASP A 71 6.11 -4.65 -3.09
C ASP A 71 5.20 -3.46 -2.82
N ILE A 72 4.65 -3.41 -1.61
CA ILE A 72 3.77 -2.31 -1.22
C ILE A 72 4.58 -1.12 -0.72
N ILE A 73 4.29 0.06 -1.27
CA ILE A 73 5.01 1.27 -0.88
C ILE A 73 4.04 2.42 -0.61
N VAL A 74 4.36 3.22 0.40
CA VAL A 74 3.52 4.37 0.75
C VAL A 74 4.38 5.56 1.15
N THR A 75 4.20 6.68 0.46
CA THR A 75 4.95 7.89 0.73
C THR A 75 4.29 8.74 1.81
N THR A 76 5.10 9.44 2.59
CA THR A 76 4.60 10.29 3.67
C THR A 76 5.39 11.58 3.75
N LYS A 77 4.70 12.69 4.01
CA LYS A 77 5.35 13.99 4.11
C LYS A 77 6.52 13.95 5.07
N SER A 78 6.29 13.39 6.26
CA SER A 78 7.34 13.29 7.27
C SER A 78 8.41 12.30 6.84
N GLY A 79 7.98 11.13 6.35
CA GLY A 79 8.90 10.11 5.92
C GLY A 79 9.66 10.49 4.66
N GLY A 80 9.66 9.59 3.68
CA GLY A 80 10.34 9.85 2.41
C GLY A 80 9.97 8.83 1.35
N LYS A 81 9.83 7.58 1.76
CA LYS A 81 9.46 6.50 0.86
C LYS A 81 9.09 5.24 1.64
N GLY A 82 7.94 4.68 1.33
CA GLY A 82 7.48 3.48 2.01
C GLY A 82 8.33 2.26 1.71
N THR A 83 8.33 1.31 2.65
CA THR A 83 9.09 0.08 2.50
C THR A 83 8.32 -1.08 3.12
N SER A 84 8.36 -2.24 2.47
CA SER A 84 7.64 -3.40 2.96
C SER A 84 8.28 -4.70 2.49
N THR A 85 8.40 -5.66 3.41
CA THR A 85 8.97 -6.96 3.09
C THR A 85 7.90 -7.96 2.68
N VAL A 86 6.89 -7.48 1.95
CA VAL A 86 5.79 -8.33 1.50
C VAL A 86 5.24 -7.85 0.16
N SER A 87 4.80 -8.80 -0.66
CA SER A 87 4.25 -8.46 -1.98
C SER A 87 2.97 -9.23 -2.25
N PHE A 88 1.97 -8.54 -2.78
CA PHE A 88 0.68 -9.14 -3.09
C PHE A 88 0.68 -9.80 -4.47
N LYS A 89 0.16 -11.03 -4.54
CA LYS A 89 0.08 -11.75 -5.80
C LYS A 89 -1.18 -11.36 -6.57
N LEU A 90 -1.01 -10.94 -7.81
CA LEU A 90 -2.15 -10.53 -8.65
C LEU A 90 -2.77 -11.73 -9.35
N LEU A 91 -4.11 -11.81 -9.31
CA LEU A 91 -4.83 -12.90 -9.94
C LEU A 91 -5.55 -12.40 -11.19
N LYS A 92 -5.44 -13.16 -12.27
CA LYS A 92 -6.09 -12.79 -13.53
C LYS A 92 -7.62 -12.84 -13.38
N PRO A 93 -8.32 -11.72 -13.68
CA PRO A 93 -9.78 -11.66 -13.57
C PRO A 93 -10.47 -12.60 -14.56
N GLU A 94 -11.44 -13.37 -14.06
CA GLU A 94 -12.18 -14.29 -14.90
C GLU A 94 -13.62 -13.83 -15.09
N LYS A 95 -13.91 -13.25 -16.25
CA LYS A 95 -15.26 -12.77 -16.55
C LYS A 95 -16.27 -13.91 -16.53
N HIS A 1 14.42 9.67 17.71
CA HIS A 1 15.80 9.60 17.15
C HIS A 1 15.81 10.01 15.67
N MET A 2 14.88 9.46 14.91
CA MET A 2 14.78 9.77 13.48
C MET A 2 13.53 9.13 12.88
N ARG A 3 12.82 9.90 12.06
CA ARG A 3 11.61 9.42 11.42
C ARG A 3 11.91 8.25 10.49
N GLN A 4 11.53 7.05 10.93
CA GLN A 4 11.75 5.84 10.15
C GLN A 4 10.66 5.63 9.11
N PRO A 5 11.02 5.18 7.90
CA PRO A 5 10.05 4.93 6.82
C PRO A 5 9.04 3.85 7.19
N PRO A 6 7.78 4.02 6.77
CA PRO A 6 6.71 3.05 7.06
C PRO A 6 7.05 1.65 6.56
N LEU A 7 6.76 0.64 7.37
CA LEU A 7 7.02 -0.74 7.01
C LEU A 7 5.74 -1.57 7.10
N VAL A 8 5.39 -2.23 6.01
CA VAL A 8 4.18 -3.06 5.96
C VAL A 8 4.44 -4.49 6.44
N THR A 9 3.51 -5.00 7.24
CA THR A 9 3.60 -6.36 7.78
C THR A 9 2.21 -6.92 8.07
N GLY A 10 1.29 -6.74 7.12
CA GLY A 10 -0.06 -7.24 7.31
C GLY A 10 -0.95 -7.00 6.10
N ILE A 11 -1.84 -7.95 5.83
CA ILE A 11 -2.78 -7.85 4.72
C ILE A 11 -3.95 -8.81 4.92
N SER A 12 -5.17 -8.28 4.80
CA SER A 12 -6.36 -9.10 4.97
C SER A 12 -6.40 -10.22 3.92
N PRO A 13 -6.38 -9.87 2.61
CA PRO A 13 -6.40 -10.87 1.55
C PRO A 13 -5.04 -11.55 1.38
N ASN A 14 -4.78 -12.09 0.20
CA ASN A 14 -3.52 -12.77 -0.09
C ASN A 14 -3.38 -13.05 -1.58
N GLU A 15 -4.53 -13.24 -2.23
CA GLU A 15 -4.55 -13.50 -3.67
C GLU A 15 -5.88 -13.05 -4.26
N GLY A 16 -5.81 -12.29 -5.36
CA GLY A 16 -7.02 -11.81 -5.99
C GLY A 16 -6.74 -10.90 -7.18
N ILE A 17 -7.68 -10.88 -8.12
CA ILE A 17 -7.55 -10.06 -9.32
C ILE A 17 -7.23 -8.60 -8.97
N PRO A 18 -6.74 -7.81 -9.96
CA PRO A 18 -6.38 -6.40 -9.75
C PRO A 18 -7.47 -5.58 -9.06
N TRP A 19 -8.71 -5.76 -9.48
CA TRP A 19 -9.82 -5.00 -8.89
C TRP A 19 -10.12 -5.43 -7.46
N THR A 20 -9.45 -6.48 -6.99
CA THR A 20 -9.66 -6.97 -5.62
C THR A 20 -9.15 -5.96 -4.60
N LYS A 21 -10.02 -5.61 -3.65
CA LYS A 21 -9.65 -4.66 -2.60
C LYS A 21 -8.69 -5.32 -1.61
N VAL A 22 -7.68 -4.57 -1.18
CA VAL A 22 -6.70 -5.09 -0.24
C VAL A 22 -6.39 -4.07 0.85
N THR A 23 -6.50 -4.50 2.10
CA THR A 23 -6.23 -3.62 3.24
C THR A 23 -4.75 -3.65 3.61
N ILE A 24 -4.14 -2.47 3.67
CA ILE A 24 -2.74 -2.35 4.03
C ILE A 24 -2.56 -2.28 5.54
N ARG A 25 -1.55 -2.97 6.05
CA ARG A 25 -1.26 -2.99 7.47
C ARG A 25 0.24 -3.01 7.71
N GLY A 26 0.70 -2.11 8.58
CA GLY A 26 2.13 -2.04 8.87
C GLY A 26 2.44 -1.14 10.06
N GLU A 27 3.40 -0.24 9.89
CA GLU A 27 3.79 0.66 10.97
C GLU A 27 4.17 2.04 10.43
N ASN A 28 3.66 3.07 11.10
CA ASN A 28 3.94 4.47 10.73
C ASN A 28 3.49 4.80 9.30
N LEU A 29 2.29 4.34 8.92
CA LEU A 29 1.77 4.62 7.59
C LEU A 29 1.11 6.01 7.57
N GLY A 30 1.83 7.01 8.04
CA GLY A 30 1.30 8.36 8.08
C GLY A 30 0.34 8.57 9.24
N THR A 31 0.62 9.57 10.07
CA THR A 31 -0.21 9.88 11.22
C THR A 31 -1.35 10.84 10.84
N GLY A 32 -1.92 10.63 9.66
CA GLY A 32 -3.00 11.49 9.20
C GLY A 32 -3.31 11.32 7.72
N PRO A 33 -4.58 11.44 7.31
CA PRO A 33 -4.98 11.30 5.91
C PRO A 33 -4.23 12.27 5.00
N THR A 34 -4.16 13.53 5.43
CA THR A 34 -3.47 14.56 4.66
C THR A 34 -1.99 14.20 4.47
N ASP A 35 -1.40 13.61 5.51
CA ASP A 35 0.00 13.22 5.48
C ASP A 35 0.27 12.24 4.33
N LEU A 36 -0.65 11.30 4.15
CA LEU A 36 -0.52 10.29 3.09
C LEU A 36 -0.64 10.96 1.72
N ILE A 37 0.43 11.65 1.31
CA ILE A 37 0.45 12.35 0.03
C ILE A 37 0.64 11.40 -1.14
N GLY A 38 1.52 10.41 -0.97
CA GLY A 38 1.78 9.48 -2.04
C GLY A 38 1.51 8.04 -1.66
N LEU A 39 0.99 7.27 -2.62
CA LEU A 39 0.68 5.86 -2.41
C LEU A 39 0.82 5.11 -3.73
N THR A 40 1.51 3.97 -3.70
CA THR A 40 1.71 3.17 -4.90
C THR A 40 1.77 1.68 -4.60
N ILE A 41 0.96 0.91 -5.30
CA ILE A 41 0.93 -0.54 -5.13
C ILE A 41 1.55 -1.22 -6.34
N CYS A 42 2.55 -2.05 -6.09
CA CYS A 42 3.25 -2.76 -7.17
C CYS A 42 3.76 -1.77 -8.21
N GLY A 43 4.30 -0.64 -7.73
CA GLY A 43 4.81 0.37 -8.62
C GLY A 43 3.74 1.00 -9.48
N HIS A 44 2.54 1.15 -8.93
CA HIS A 44 1.42 1.74 -9.64
C HIS A 44 0.74 2.80 -8.78
N ASN A 45 0.50 3.98 -9.35
CA ASN A 45 -0.15 5.06 -8.64
C ASN A 45 -1.57 4.67 -8.23
N CYS A 46 -1.89 4.88 -6.95
CA CYS A 46 -3.23 4.56 -6.44
C CYS A 46 -3.57 5.43 -5.24
N LEU A 47 -3.15 6.68 -5.28
CA LEU A 47 -3.42 7.62 -4.19
C LEU A 47 -4.90 8.01 -4.18
N LEU A 48 -5.42 8.33 -5.35
CA LEU A 48 -6.83 8.73 -5.49
C LEU A 48 -7.76 7.67 -4.91
N THR A 49 -7.44 6.40 -5.16
CA THR A 49 -8.25 5.30 -4.67
C THR A 49 -7.95 5.01 -3.20
N ALA A 50 -6.69 5.13 -2.82
CA ALA A 50 -6.26 4.89 -1.45
C ALA A 50 -6.98 5.79 -0.47
N GLU A 51 -7.48 5.21 0.62
CA GLU A 51 -8.19 5.97 1.64
C GLU A 51 -7.58 5.74 3.02
N TRP A 52 -7.34 6.82 3.75
CA TRP A 52 -6.76 6.73 5.08
C TRP A 52 -7.76 6.14 6.08
N MET A 53 -7.24 5.47 7.11
CA MET A 53 -8.08 4.86 8.13
C MET A 53 -7.46 5.01 9.52
N SER A 54 -6.15 4.75 9.61
CA SER A 54 -5.45 4.86 10.88
C SER A 54 -3.94 4.90 10.65
N ALA A 55 -3.17 4.70 11.71
CA ALA A 55 -1.72 4.72 11.61
C ALA A 55 -1.18 3.38 11.12
N SER A 56 -1.92 2.75 10.22
CA SER A 56 -1.52 1.45 9.67
C SER A 56 -2.52 0.95 8.64
N LYS A 57 -3.81 1.07 8.95
CA LYS A 57 -4.86 0.63 8.05
C LYS A 57 -5.07 1.60 6.90
N ILE A 58 -5.16 1.06 5.69
CA ILE A 58 -5.37 1.88 4.49
C ILE A 58 -6.10 1.06 3.43
N VAL A 59 -7.34 1.44 3.15
CA VAL A 59 -8.15 0.75 2.15
C VAL A 59 -7.78 1.21 0.74
N CYS A 60 -7.45 0.25 -0.12
CA CYS A 60 -7.08 0.57 -1.50
C CYS A 60 -6.97 -0.70 -2.33
N ARG A 61 -7.59 -0.68 -3.52
CA ARG A 61 -7.56 -1.82 -4.42
C ARG A 61 -6.34 -1.75 -5.34
N VAL A 62 -5.72 -2.90 -5.59
CA VAL A 62 -4.55 -2.96 -6.46
C VAL A 62 -4.93 -2.62 -7.91
N GLY A 63 -4.25 -3.23 -8.88
CA GLY A 63 -4.57 -2.96 -10.27
C GLY A 63 -3.65 -3.64 -11.26
N GLN A 64 -2.36 -3.67 -10.96
CA GLN A 64 -1.38 -4.30 -11.84
C GLN A 64 0.00 -4.32 -11.21
N ALA A 65 0.68 -5.46 -11.35
CA ALA A 65 2.02 -5.63 -10.80
C ALA A 65 3.07 -4.99 -11.71
N LYS A 66 2.97 -3.68 -11.89
CA LYS A 66 3.91 -2.94 -12.73
C LYS A 66 5.34 -3.32 -12.37
N ASN A 67 5.61 -3.38 -11.06
CA ASN A 67 6.92 -3.74 -10.56
C ASN A 67 7.27 -5.19 -10.93
N ASP A 68 7.24 -6.09 -9.94
CA ASP A 68 7.53 -7.50 -10.18
C ASP A 68 7.27 -8.32 -8.92
N LYS A 69 7.83 -7.87 -7.80
CA LYS A 69 7.64 -8.57 -6.53
C LYS A 69 6.26 -8.30 -5.94
N GLY A 70 5.80 -7.06 -6.11
CA GLY A 70 4.50 -6.68 -5.59
C GLY A 70 4.58 -6.06 -4.21
N ASP A 71 5.63 -5.28 -3.98
CA ASP A 71 5.83 -4.62 -2.69
C ASP A 71 4.87 -3.45 -2.53
N ILE A 72 4.27 -3.35 -1.34
CA ILE A 72 3.33 -2.28 -1.05
C ILE A 72 4.06 -1.02 -0.58
N ILE A 73 4.36 -0.13 -1.51
CA ILE A 73 5.06 1.12 -1.19
C ILE A 73 4.07 2.21 -0.80
N VAL A 74 4.42 3.00 0.22
CA VAL A 74 3.57 4.08 0.68
C VAL A 74 4.42 5.30 1.07
N THR A 75 4.09 6.44 0.48
CA THR A 75 4.82 7.68 0.74
C THR A 75 4.11 8.52 1.81
N THR A 76 4.90 9.19 2.63
CA THR A 76 4.36 10.03 3.68
C THR A 76 4.94 11.44 3.61
N LYS A 77 4.09 12.44 3.87
CA LYS A 77 4.52 13.84 3.81
C LYS A 77 5.69 14.09 4.76
N SER A 78 5.55 13.62 6.00
CA SER A 78 6.61 13.79 7.00
C SER A 78 7.82 12.97 6.63
N GLY A 79 7.61 11.67 6.44
CA GLY A 79 8.70 10.77 6.08
C GLY A 79 9.00 10.82 4.59
N GLY A 80 8.97 9.65 3.95
CA GLY A 80 9.23 9.58 2.52
C GLY A 80 8.87 8.23 1.94
N LYS A 81 9.67 7.76 0.99
CA LYS A 81 9.42 6.46 0.37
C LYS A 81 9.74 5.33 1.35
N GLY A 82 8.72 4.54 1.68
CA GLY A 82 8.93 3.44 2.60
C GLY A 82 9.25 2.14 1.89
N THR A 83 8.85 1.02 2.49
CA THR A 83 9.08 -0.30 1.92
C THR A 83 8.06 -1.30 2.46
N SER A 84 8.29 -2.59 2.19
CA SER A 84 7.38 -3.63 2.64
C SER A 84 7.98 -5.01 2.41
N THR A 85 8.00 -5.83 3.46
CA THR A 85 8.52 -7.18 3.37
C THR A 85 7.51 -8.09 2.69
N VAL A 86 6.23 -7.82 2.92
CA VAL A 86 5.15 -8.60 2.34
C VAL A 86 4.81 -8.10 0.93
N SER A 87 4.42 -9.03 0.06
CA SER A 87 4.06 -8.69 -1.31
C SER A 87 2.77 -9.40 -1.72
N PHE A 88 1.86 -8.66 -2.35
CA PHE A 88 0.58 -9.21 -2.80
C PHE A 88 0.67 -9.79 -4.19
N LYS A 89 0.07 -10.97 -4.38
CA LYS A 89 0.07 -11.63 -5.69
C LYS A 89 -1.28 -11.46 -6.37
N LEU A 90 -1.26 -10.89 -7.58
CA LEU A 90 -2.50 -10.66 -8.33
C LEU A 90 -2.90 -11.90 -9.11
N LEU A 91 -4.17 -12.27 -9.01
CA LEU A 91 -4.70 -13.44 -9.71
C LEU A 91 -5.26 -13.05 -11.08
N LYS A 92 -4.97 -13.87 -12.09
CA LYS A 92 -5.44 -13.63 -13.44
C LYS A 92 -6.97 -13.77 -13.50
N PRO A 93 -7.66 -12.83 -14.18
CA PRO A 93 -9.11 -12.87 -14.31
C PRO A 93 -9.61 -14.16 -14.94
N GLU A 94 -10.56 -14.81 -14.28
CA GLU A 94 -11.12 -16.07 -14.79
C GLU A 94 -12.00 -15.81 -16.01
N LYS A 95 -11.56 -16.30 -17.16
CA LYS A 95 -12.31 -16.12 -18.40
C LYS A 95 -13.62 -16.90 -18.35
N HIS A 1 17.85 11.13 12.79
CA HIS A 1 17.10 12.39 12.61
C HIS A 1 15.94 12.20 11.64
N MET A 2 16.21 11.58 10.50
CA MET A 2 15.19 11.34 9.50
C MET A 2 14.07 10.46 10.05
N ARG A 3 12.82 10.82 9.74
CA ARG A 3 11.67 10.05 10.21
C ARG A 3 11.71 8.64 9.67
N GLN A 4 11.44 7.66 10.52
CA GLN A 4 11.45 6.26 10.12
C GLN A 4 10.40 6.00 9.04
N PRO A 5 10.80 5.33 7.94
CA PRO A 5 9.90 5.02 6.83
C PRO A 5 8.85 3.97 7.22
N PRO A 6 7.59 4.15 6.80
CA PRO A 6 6.52 3.20 7.11
C PRO A 6 6.82 1.80 6.60
N LEU A 7 6.72 0.82 7.50
CA LEU A 7 6.98 -0.57 7.14
C LEU A 7 5.70 -1.39 7.14
N VAL A 8 5.35 -1.92 5.96
CA VAL A 8 4.14 -2.74 5.82
C VAL A 8 4.42 -4.18 6.24
N THR A 9 3.55 -4.73 7.08
CA THR A 9 3.70 -6.10 7.56
C THR A 9 2.34 -6.74 7.83
N GLY A 10 1.41 -6.61 6.89
CA GLY A 10 0.09 -7.17 7.07
C GLY A 10 -0.82 -6.99 5.86
N ILE A 11 -1.70 -7.96 5.65
CA ILE A 11 -2.63 -7.92 4.53
C ILE A 11 -3.80 -8.88 4.77
N SER A 12 -5.02 -8.39 4.59
CA SER A 12 -6.20 -9.22 4.80
C SER A 12 -6.22 -10.38 3.79
N PRO A 13 -6.23 -10.09 2.47
CA PRO A 13 -6.22 -11.14 1.45
C PRO A 13 -4.87 -11.84 1.37
N ASN A 14 -4.51 -12.29 0.17
CA ASN A 14 -3.24 -12.98 -0.06
C ASN A 14 -3.08 -13.29 -1.54
N GLU A 15 -4.21 -13.39 -2.23
CA GLU A 15 -4.21 -13.67 -3.67
C GLU A 15 -5.57 -13.31 -4.26
N GLY A 16 -5.55 -12.54 -5.34
CA GLY A 16 -6.80 -12.13 -5.99
C GLY A 16 -6.58 -11.21 -7.16
N ILE A 17 -7.53 -11.20 -8.09
CA ILE A 17 -7.46 -10.34 -9.27
C ILE A 17 -7.16 -8.89 -8.90
N PRO A 18 -6.65 -8.10 -9.87
CA PRO A 18 -6.30 -6.69 -9.63
C PRO A 18 -7.39 -5.88 -8.92
N TRP A 19 -8.62 -6.00 -9.40
CA TRP A 19 -9.73 -5.26 -8.81
C TRP A 19 -10.04 -5.70 -7.37
N THR A 20 -9.36 -6.74 -6.91
CA THR A 20 -9.59 -7.23 -5.55
C THR A 20 -9.11 -6.22 -4.51
N LYS A 21 -10.00 -5.87 -3.60
CA LYS A 21 -9.68 -4.91 -2.55
C LYS A 21 -8.73 -5.53 -1.53
N VAL A 22 -7.68 -4.80 -1.18
CA VAL A 22 -6.71 -5.29 -0.21
C VAL A 22 -6.41 -4.23 0.85
N THR A 23 -6.57 -4.62 2.12
CA THR A 23 -6.32 -3.71 3.22
C THR A 23 -4.85 -3.65 3.60
N ILE A 24 -4.29 -2.45 3.61
CA ILE A 24 -2.89 -2.27 3.95
C ILE A 24 -2.69 -2.26 5.46
N ARG A 25 -1.63 -2.90 5.91
CA ARG A 25 -1.32 -2.97 7.34
C ARG A 25 0.19 -2.99 7.55
N GLY A 26 0.66 -2.16 8.48
CA GLY A 26 2.08 -2.09 8.75
C GLY A 26 2.39 -1.28 10.00
N GLU A 27 3.33 -0.36 9.89
CA GLU A 27 3.71 0.48 11.02
C GLU A 27 4.12 1.88 10.56
N ASN A 28 3.59 2.89 11.25
CA ASN A 28 3.90 4.29 10.95
C ASN A 28 3.48 4.69 9.53
N LEU A 29 2.30 4.26 9.09
CA LEU A 29 1.81 4.62 7.76
C LEU A 29 1.16 5.99 7.78
N GLY A 30 1.84 6.96 8.36
CA GLY A 30 1.33 8.31 8.45
C GLY A 30 0.20 8.44 9.44
N THR A 31 0.37 9.33 10.42
CA THR A 31 -0.63 9.56 11.44
C THR A 31 -1.59 10.69 11.04
N GLY A 32 -2.00 10.68 9.78
CA GLY A 32 -2.91 11.70 9.29
C GLY A 32 -3.13 11.63 7.79
N PRO A 33 -4.34 11.96 7.32
CA PRO A 33 -4.67 11.93 5.89
C PRO A 33 -3.68 12.72 5.06
N THR A 34 -3.33 13.91 5.55
CA THR A 34 -2.39 14.78 4.87
C THR A 34 -1.01 14.11 4.74
N ASP A 35 -0.67 13.29 5.73
CA ASP A 35 0.61 12.59 5.74
C ASP A 35 0.58 11.39 4.80
N LEU A 36 0.05 11.59 3.60
CA LEU A 36 -0.04 10.52 2.61
C LEU A 36 -0.25 11.12 1.21
N ILE A 37 0.65 12.00 0.82
CA ILE A 37 0.57 12.65 -0.48
C ILE A 37 0.78 11.66 -1.61
N GLY A 38 1.68 10.71 -1.41
CA GLY A 38 1.96 9.72 -2.42
C GLY A 38 1.51 8.32 -2.02
N LEU A 39 0.94 7.59 -2.97
CA LEU A 39 0.47 6.23 -2.71
C LEU A 39 0.59 5.38 -3.97
N THR A 40 1.11 4.18 -3.82
CA THR A 40 1.29 3.27 -4.95
C THR A 40 1.13 1.82 -4.52
N ILE A 41 0.61 1.00 -5.43
CA ILE A 41 0.40 -0.42 -5.17
C ILE A 41 1.02 -1.24 -6.29
N CYS A 42 2.03 -2.04 -5.96
CA CYS A 42 2.72 -2.86 -6.95
C CYS A 42 3.55 -2.00 -7.90
N GLY A 43 3.11 -0.78 -8.15
CA GLY A 43 3.82 0.12 -9.03
C GLY A 43 2.98 1.31 -9.47
N HIS A 44 1.72 1.04 -9.83
CA HIS A 44 0.82 2.07 -10.28
C HIS A 44 0.21 2.84 -9.10
N ASN A 45 0.10 4.15 -9.24
CA ASN A 45 -0.46 4.99 -8.19
C ASN A 45 -1.90 4.59 -7.89
N CYS A 46 -2.28 4.66 -6.62
CA CYS A 46 -3.63 4.32 -6.19
C CYS A 46 -4.07 5.21 -5.04
N LEU A 47 -3.71 6.48 -5.11
CA LEU A 47 -4.06 7.45 -4.07
C LEU A 47 -5.55 7.76 -4.09
N LEU A 48 -6.09 7.96 -5.30
CA LEU A 48 -7.51 8.28 -5.45
C LEU A 48 -8.39 7.21 -4.80
N THR A 49 -8.01 5.95 -4.96
CA THR A 49 -8.76 4.84 -4.37
C THR A 49 -8.43 4.68 -2.90
N ALA A 50 -7.17 4.94 -2.55
CA ALA A 50 -6.72 4.83 -1.17
C ALA A 50 -7.52 5.72 -0.24
N GLU A 51 -7.94 5.15 0.89
CA GLU A 51 -8.71 5.90 1.87
C GLU A 51 -8.06 5.82 3.24
N TRP A 52 -7.74 6.97 3.81
CA TRP A 52 -7.09 7.03 5.12
C TRP A 52 -8.06 6.64 6.23
N MET A 53 -7.52 6.02 7.28
CA MET A 53 -8.33 5.59 8.42
C MET A 53 -7.52 5.62 9.71
N SER A 54 -6.27 5.16 9.63
CA SER A 54 -5.39 5.15 10.80
C SER A 54 -3.92 5.13 10.37
N ALA A 55 -3.03 5.21 11.35
CA ALA A 55 -1.59 5.21 11.07
C ALA A 55 -1.09 3.80 10.75
N SER A 56 -1.87 3.06 9.95
CA SER A 56 -1.50 1.70 9.57
C SER A 56 -2.50 1.13 8.56
N LYS A 57 -3.78 1.39 8.81
CA LYS A 57 -4.84 0.88 7.94
C LYS A 57 -5.07 1.81 6.75
N ILE A 58 -5.15 1.22 5.55
CA ILE A 58 -5.39 1.99 4.33
C ILE A 58 -6.13 1.15 3.31
N VAL A 59 -7.35 1.56 2.98
CA VAL A 59 -8.16 0.84 2.00
C VAL A 59 -7.78 1.25 0.58
N CYS A 60 -7.42 0.27 -0.24
CA CYS A 60 -7.05 0.53 -1.63
C CYS A 60 -6.89 -0.77 -2.41
N ARG A 61 -7.49 -0.81 -3.60
CA ARG A 61 -7.43 -1.99 -4.45
C ARG A 61 -6.18 -1.96 -5.33
N VAL A 62 -5.56 -3.13 -5.51
CA VAL A 62 -4.36 -3.24 -6.34
C VAL A 62 -4.69 -2.96 -7.81
N GLY A 63 -3.96 -3.59 -8.73
CA GLY A 63 -4.23 -3.35 -10.14
C GLY A 63 -3.31 -4.12 -11.08
N GLN A 64 -2.01 -4.08 -10.83
CA GLN A 64 -1.04 -4.78 -11.68
C GLN A 64 0.38 -4.63 -11.17
N ALA A 65 1.13 -5.74 -11.20
CA ALA A 65 2.51 -5.76 -10.74
C ALA A 65 3.41 -4.99 -11.71
N LYS A 66 4.43 -4.33 -11.17
CA LYS A 66 5.36 -3.55 -11.98
C LYS A 66 6.77 -3.57 -11.40
N ASN A 67 6.88 -3.35 -10.09
CA ASN A 67 8.18 -3.34 -9.42
C ASN A 67 8.87 -4.69 -9.51
N ASP A 68 8.13 -5.76 -9.23
CA ASP A 68 8.69 -7.10 -9.27
C ASP A 68 7.60 -8.17 -9.19
N LYS A 69 6.62 -7.93 -8.32
CA LYS A 69 5.52 -8.89 -8.14
C LYS A 69 4.30 -8.21 -7.50
N GLY A 70 4.54 -7.38 -6.49
CA GLY A 70 3.45 -6.71 -5.83
C GLY A 70 3.88 -5.99 -4.56
N ASP A 71 5.05 -5.37 -4.60
CA ASP A 71 5.57 -4.65 -3.44
C ASP A 71 4.72 -3.41 -3.14
N ILE A 72 4.27 -3.28 -1.90
CA ILE A 72 3.45 -2.15 -1.50
C ILE A 72 4.34 -0.97 -1.10
N ILE A 73 3.97 0.22 -1.57
CA ILE A 73 4.74 1.43 -1.26
C ILE A 73 3.83 2.57 -0.85
N VAL A 74 4.26 3.33 0.16
CA VAL A 74 3.48 4.47 0.66
C VAL A 74 4.41 5.63 1.03
N THR A 75 4.18 6.78 0.41
CA THR A 75 4.99 7.96 0.66
C THR A 75 4.39 8.82 1.77
N THR A 76 5.26 9.41 2.59
CA THR A 76 4.82 10.26 3.69
C THR A 76 5.63 11.54 3.74
N LYS A 77 4.94 12.66 3.96
CA LYS A 77 5.58 13.96 4.02
C LYS A 77 6.66 13.99 5.11
N SER A 78 6.30 13.51 6.30
CA SER A 78 7.23 13.48 7.42
C SER A 78 8.40 12.55 7.12
N GLY A 79 8.09 11.31 6.78
CA GLY A 79 9.12 10.34 6.47
C GLY A 79 9.53 10.38 5.01
N GLY A 80 9.42 9.24 4.33
CA GLY A 80 9.78 9.16 2.93
C GLY A 80 9.21 7.92 2.26
N LYS A 81 10.01 7.28 1.42
CA LYS A 81 9.57 6.08 0.73
C LYS A 81 9.27 4.96 1.72
N GLY A 82 8.07 4.40 1.63
CA GLY A 82 7.67 3.33 2.54
C GLY A 82 8.20 1.98 2.10
N THR A 83 8.73 1.23 3.05
CA THR A 83 9.27 -0.10 2.77
C THR A 83 8.26 -1.19 3.15
N SER A 84 8.23 -2.27 2.40
CA SER A 84 7.29 -3.36 2.66
C SER A 84 7.94 -4.72 2.41
N THR A 85 7.96 -5.55 3.44
CA THR A 85 8.54 -6.90 3.32
C THR A 85 7.45 -7.91 2.96
N VAL A 86 6.47 -7.45 2.19
CA VAL A 86 5.35 -8.29 1.75
C VAL A 86 4.82 -7.82 0.42
N SER A 87 4.27 -8.75 -0.36
CA SER A 87 3.73 -8.43 -1.68
C SER A 87 2.47 -9.24 -1.97
N PHE A 88 1.46 -8.57 -2.49
CA PHE A 88 0.19 -9.22 -2.82
C PHE A 88 0.25 -9.82 -4.22
N LYS A 89 -0.10 -11.10 -4.33
CA LYS A 89 -0.10 -11.78 -5.61
C LYS A 89 -1.41 -11.54 -6.35
N LEU A 90 -1.32 -10.96 -7.55
CA LEU A 90 -2.51 -10.68 -8.35
C LEU A 90 -2.85 -11.86 -9.26
N LEU A 91 -4.11 -12.29 -9.20
CA LEU A 91 -4.57 -13.40 -10.02
C LEU A 91 -5.02 -12.90 -11.39
N LYS A 92 -4.72 -13.68 -12.42
CA LYS A 92 -5.10 -13.31 -13.79
C LYS A 92 -6.62 -13.24 -13.94
N PRO A 93 -7.14 -12.17 -14.57
CA PRO A 93 -8.58 -12.00 -14.78
C PRO A 93 -9.23 -13.18 -15.48
N GLU A 94 -10.35 -13.65 -14.93
CA GLU A 94 -11.06 -14.78 -15.52
C GLU A 94 -11.75 -14.37 -16.82
N LYS A 95 -11.30 -14.94 -17.93
CA LYS A 95 -11.87 -14.64 -19.23
C LYS A 95 -13.34 -15.04 -19.30
N HIS A 1 15.97 9.44 16.75
CA HIS A 1 14.99 10.28 16.01
C HIS A 1 13.79 9.46 15.57
N MET A 2 12.59 10.00 15.78
CA MET A 2 11.36 9.31 15.40
C MET A 2 11.20 9.31 13.87
N ARG A 3 10.01 9.67 13.39
CA ARG A 3 9.75 9.71 11.96
C ARG A 3 10.11 8.38 11.29
N GLN A 4 9.75 7.29 11.95
CA GLN A 4 10.04 5.96 11.43
C GLN A 4 9.30 5.70 10.12
N PRO A 5 10.00 5.17 9.09
CA PRO A 5 9.40 4.88 7.79
C PRO A 5 8.34 3.78 7.88
N PRO A 6 7.26 3.88 7.09
CA PRO A 6 6.18 2.88 7.09
C PRO A 6 6.72 1.46 6.92
N LEU A 7 6.08 0.52 7.63
CA LEU A 7 6.49 -0.88 7.56
C LEU A 7 5.27 -1.80 7.62
N VAL A 8 4.84 -2.26 6.45
CA VAL A 8 3.68 -3.15 6.35
C VAL A 8 4.03 -4.55 6.84
N THR A 9 3.16 -5.12 7.67
CA THR A 9 3.37 -6.46 8.21
C THR A 9 2.04 -7.17 8.45
N GLY A 10 1.14 -7.08 7.47
CA GLY A 10 -0.16 -7.71 7.60
C GLY A 10 -1.03 -7.50 6.38
N ILE A 11 -1.80 -8.53 6.02
CA ILE A 11 -2.69 -8.46 4.86
C ILE A 11 -3.70 -9.60 4.88
N SER A 12 -4.98 -9.26 4.69
CA SER A 12 -6.03 -10.27 4.71
C SER A 12 -5.91 -11.19 3.49
N PRO A 13 -5.96 -10.65 2.25
CA PRO A 13 -5.84 -11.45 1.05
C PRO A 13 -4.40 -11.55 0.56
N ASN A 14 -3.92 -12.78 0.42
CA ASN A 14 -2.56 -13.02 -0.04
C ASN A 14 -2.47 -12.93 -1.56
N GLU A 15 -3.61 -13.08 -2.23
CA GLU A 15 -3.66 -13.02 -3.69
C GLU A 15 -5.06 -12.67 -4.19
N GLY A 16 -5.12 -11.81 -5.20
CA GLY A 16 -6.39 -11.40 -5.77
C GLY A 16 -6.22 -10.38 -6.89
N ILE A 17 -7.17 -10.37 -7.82
CA ILE A 17 -7.13 -9.44 -8.95
C ILE A 17 -6.93 -8.00 -8.48
N PRO A 18 -6.54 -7.09 -9.38
CA PRO A 18 -6.29 -5.68 -9.03
C PRO A 18 -7.42 -5.04 -8.22
N TRP A 19 -8.66 -5.22 -8.66
CA TRP A 19 -9.80 -4.62 -7.96
C TRP A 19 -10.10 -5.30 -6.63
N THR A 20 -9.54 -6.49 -6.41
CA THR A 20 -9.77 -7.21 -5.16
C THR A 20 -9.40 -6.33 -3.96
N LYS A 21 -10.37 -6.12 -3.08
CA LYS A 21 -10.16 -5.30 -1.89
C LYS A 21 -9.07 -5.91 -1.01
N VAL A 22 -8.18 -5.06 -0.51
CA VAL A 22 -7.08 -5.52 0.34
C VAL A 22 -6.89 -4.60 1.52
N THR A 23 -7.00 -5.15 2.73
CA THR A 23 -6.83 -4.38 3.95
C THR A 23 -5.35 -4.24 4.30
N ILE A 24 -4.84 -3.02 4.23
CA ILE A 24 -3.43 -2.77 4.53
C ILE A 24 -3.21 -2.72 6.04
N ARG A 25 -2.11 -3.32 6.48
CA ARG A 25 -1.77 -3.34 7.90
C ARG A 25 -0.25 -3.26 8.08
N GLY A 26 0.20 -2.34 8.92
CA GLY A 26 1.62 -2.19 9.16
C GLY A 26 1.93 -1.25 10.31
N GLU A 27 2.89 -0.36 10.11
CA GLU A 27 3.27 0.60 11.14
C GLU A 27 3.80 1.90 10.53
N ASN A 28 3.31 3.03 11.07
CA ASN A 28 3.73 4.35 10.62
C ASN A 28 3.45 4.56 9.12
N LEU A 29 2.29 4.10 8.65
CA LEU A 29 1.93 4.26 7.24
C LEU A 29 1.70 5.73 6.91
N GLY A 30 1.10 6.46 7.84
CA GLY A 30 0.83 7.87 7.62
C GLY A 30 0.18 8.54 8.81
N THR A 31 0.70 9.69 9.20
CA THR A 31 0.16 10.44 10.33
C THR A 31 -1.28 10.86 10.06
N GLY A 32 -1.58 11.19 8.81
CA GLY A 32 -2.90 11.62 8.44
C GLY A 32 -3.14 11.56 6.94
N PRO A 33 -4.39 11.78 6.48
CA PRO A 33 -4.73 11.74 5.06
C PRO A 33 -3.82 12.63 4.22
N THR A 34 -3.58 13.84 4.72
CA THR A 34 -2.73 14.81 4.03
C THR A 34 -1.30 14.28 3.91
N ASP A 35 -0.82 13.63 4.98
CA ASP A 35 0.52 13.08 5.00
C ASP A 35 0.74 12.09 3.86
N LEU A 36 -0.28 11.28 3.60
CA LEU A 36 -0.21 10.28 2.53
C LEU A 36 -0.35 10.95 1.16
N ILE A 37 0.64 11.76 0.80
CA ILE A 37 0.61 12.49 -0.47
C ILE A 37 0.87 11.56 -1.66
N GLY A 38 1.70 10.55 -1.45
CA GLY A 38 2.02 9.63 -2.53
C GLY A 38 1.78 8.18 -2.17
N LEU A 39 1.26 7.42 -3.14
CA LEU A 39 1.00 5.99 -2.94
C LEU A 39 1.16 5.24 -4.26
N THR A 40 1.67 4.01 -4.16
CA THR A 40 1.89 3.17 -5.33
C THR A 40 2.04 1.70 -4.92
N ILE A 41 1.48 0.81 -5.75
CA ILE A 41 1.58 -0.61 -5.50
C ILE A 41 2.12 -1.31 -6.74
N CYS A 42 3.31 -1.91 -6.59
CA CYS A 42 3.97 -2.60 -7.70
C CYS A 42 4.55 -1.59 -8.70
N GLY A 43 3.84 -0.49 -8.90
CA GLY A 43 4.29 0.53 -9.83
C GLY A 43 3.21 1.52 -10.19
N HIS A 44 1.97 1.02 -10.29
CA HIS A 44 0.83 1.85 -10.65
C HIS A 44 0.34 2.67 -9.46
N ASN A 45 -0.04 3.92 -9.72
CA ASN A 45 -0.53 4.81 -8.68
C ASN A 45 -1.87 4.33 -8.14
N CYS A 46 -2.15 4.66 -6.88
CA CYS A 46 -3.40 4.26 -6.25
C CYS A 46 -3.72 5.14 -5.04
N LEU A 47 -3.56 6.45 -5.20
CA LEU A 47 -3.82 7.40 -4.14
C LEU A 47 -5.29 7.85 -4.14
N LEU A 48 -5.80 8.19 -5.31
CA LEU A 48 -7.18 8.66 -5.44
C LEU A 48 -8.17 7.66 -4.85
N THR A 49 -7.93 6.38 -5.07
CA THR A 49 -8.82 5.34 -4.56
C THR A 49 -8.57 5.05 -3.08
N ALA A 50 -7.30 5.08 -2.68
CA ALA A 50 -6.94 4.81 -1.30
C ALA A 50 -7.57 5.81 -0.34
N GLU A 51 -8.10 5.30 0.77
CA GLU A 51 -8.73 6.14 1.78
C GLU A 51 -8.07 5.95 3.14
N TRP A 52 -7.67 7.06 3.76
CA TRP A 52 -7.02 7.02 5.06
C TRP A 52 -8.01 6.58 6.15
N MET A 53 -7.50 5.85 7.14
CA MET A 53 -8.33 5.38 8.24
C MET A 53 -7.55 5.41 9.56
N SER A 54 -6.30 4.98 9.49
CA SER A 54 -5.44 4.95 10.66
C SER A 54 -3.99 4.73 10.25
N ALA A 55 -3.06 4.99 11.17
CA ALA A 55 -1.64 4.82 10.89
C ALA A 55 -1.26 3.34 10.82
N SER A 56 -2.22 2.49 10.45
CA SER A 56 -1.99 1.06 10.33
C SER A 56 -3.14 0.38 9.60
N LYS A 57 -3.82 1.13 8.73
CA LYS A 57 -4.94 0.59 7.97
C LYS A 57 -5.30 1.51 6.81
N ILE A 58 -5.42 0.92 5.61
CA ILE A 58 -5.77 1.69 4.42
C ILE A 58 -6.52 0.82 3.41
N VAL A 59 -7.75 1.21 3.09
CA VAL A 59 -8.56 0.47 2.13
C VAL A 59 -8.33 1.03 0.73
N CYS A 60 -8.03 0.15 -0.23
CA CYS A 60 -7.78 0.58 -1.60
C CYS A 60 -7.70 -0.61 -2.55
N ARG A 61 -8.05 -0.37 -3.81
CA ARG A 61 -8.00 -1.42 -4.82
C ARG A 61 -6.58 -1.54 -5.38
N VAL A 62 -6.11 -2.78 -5.49
CA VAL A 62 -4.77 -3.05 -5.99
C VAL A 62 -4.59 -2.45 -7.40
N GLY A 63 -3.53 -1.68 -7.56
CA GLY A 63 -3.26 -1.07 -8.85
C GLY A 63 -2.54 -1.99 -9.81
N GLN A 64 -3.18 -3.11 -10.15
CA GLN A 64 -2.60 -4.08 -11.07
C GLN A 64 -1.12 -4.33 -10.77
N ALA A 65 -0.31 -4.48 -11.82
CA ALA A 65 1.11 -4.72 -11.66
C ALA A 65 1.89 -4.25 -12.87
N LYS A 66 2.80 -3.31 -12.65
CA LYS A 66 3.63 -2.76 -13.72
C LYS A 66 4.81 -3.67 -14.00
N ASN A 67 5.33 -4.30 -12.95
CA ASN A 67 6.47 -5.20 -13.08
C ASN A 67 6.28 -6.43 -12.19
N ASP A 68 7.28 -6.76 -11.38
CA ASP A 68 7.19 -7.92 -10.50
C ASP A 68 8.04 -7.70 -9.24
N LYS A 69 7.87 -6.53 -8.62
CA LYS A 69 8.60 -6.18 -7.42
C LYS A 69 7.96 -6.77 -6.17
N GLY A 70 6.63 -6.70 -6.11
CA GLY A 70 5.92 -7.22 -4.96
C GLY A 70 6.27 -6.48 -3.68
N ASP A 71 5.79 -5.25 -3.56
CA ASP A 71 6.05 -4.44 -2.38
C ASP A 71 5.05 -3.30 -2.28
N ILE A 72 4.43 -3.18 -1.12
CA ILE A 72 3.44 -2.14 -0.89
C ILE A 72 4.11 -0.84 -0.44
N ILE A 73 4.42 0.02 -1.39
CA ILE A 73 5.07 1.30 -1.11
C ILE A 73 4.07 2.37 -0.72
N VAL A 74 4.44 3.17 0.29
CA VAL A 74 3.58 4.26 0.76
C VAL A 74 4.44 5.47 1.10
N THR A 75 4.27 6.55 0.34
CA THR A 75 5.04 7.77 0.56
C THR A 75 4.46 8.60 1.71
N THR A 76 5.34 9.24 2.47
CA THR A 76 4.93 10.08 3.58
C THR A 76 5.72 11.37 3.61
N LYS A 77 5.03 12.48 3.81
CA LYS A 77 5.66 13.79 3.85
C LYS A 77 6.82 13.81 4.85
N SER A 78 6.58 13.28 6.04
CA SER A 78 7.61 13.21 7.07
C SER A 78 8.70 12.22 6.65
N GLY A 79 8.27 11.04 6.23
CA GLY A 79 9.21 10.02 5.80
C GLY A 79 9.75 10.27 4.41
N GLY A 80 9.54 9.32 3.52
CA GLY A 80 10.02 9.45 2.15
C GLY A 80 9.59 8.30 1.27
N LYS A 81 9.50 7.11 1.86
CA LYS A 81 9.09 5.91 1.12
C LYS A 81 8.82 4.76 2.08
N GLY A 82 7.62 4.19 1.99
CA GLY A 82 7.24 3.09 2.87
C GLY A 82 7.80 1.76 2.43
N THR A 83 8.42 1.04 3.36
CA THR A 83 9.00 -0.27 3.08
C THR A 83 8.08 -1.38 3.56
N SER A 84 8.07 -2.51 2.85
CA SER A 84 7.24 -3.63 3.23
C SER A 84 7.87 -4.96 2.81
N THR A 85 7.99 -5.87 3.78
CA THR A 85 8.57 -7.18 3.54
C THR A 85 7.56 -8.11 2.87
N VAL A 86 6.28 -7.89 3.17
CA VAL A 86 5.22 -8.72 2.60
C VAL A 86 4.81 -8.22 1.23
N SER A 87 4.52 -9.16 0.32
CA SER A 87 4.14 -8.83 -1.03
C SER A 87 2.76 -9.39 -1.37
N PHE A 88 1.99 -8.64 -2.14
CA PHE A 88 0.66 -9.09 -2.55
C PHE A 88 0.72 -9.68 -3.95
N LYS A 89 0.61 -11.00 -4.04
CA LYS A 89 0.64 -11.68 -5.32
C LYS A 89 -0.64 -11.38 -6.11
N LEU A 90 -0.49 -10.73 -7.26
CA LEU A 90 -1.63 -10.37 -8.09
C LEU A 90 -2.11 -11.55 -8.93
N LEU A 91 -3.42 -11.77 -8.92
CA LEU A 91 -4.02 -12.85 -9.70
C LEU A 91 -4.68 -12.30 -10.96
N LYS A 92 -4.40 -12.92 -12.09
CA LYS A 92 -4.95 -12.48 -13.37
C LYS A 92 -6.43 -12.86 -13.46
N PRO A 93 -7.29 -11.89 -13.86
CA PRO A 93 -8.73 -12.13 -13.98
C PRO A 93 -9.07 -13.27 -14.93
N GLU A 94 -9.93 -14.18 -14.49
CA GLU A 94 -10.34 -15.30 -15.31
C GLU A 94 -11.28 -14.84 -16.43
N LYS A 95 -10.83 -14.98 -17.67
CA LYS A 95 -11.62 -14.57 -18.82
C LYS A 95 -12.90 -15.39 -18.92
N HIS A 1 16.55 10.16 10.69
CA HIS A 1 15.87 10.95 9.64
C HIS A 1 14.55 11.54 10.15
N MET A 2 14.61 12.12 11.36
CA MET A 2 13.45 12.73 11.98
C MET A 2 12.46 11.68 12.51
N ARG A 3 12.24 10.63 11.73
CA ARG A 3 11.33 9.57 12.11
C ARG A 3 11.46 8.37 11.18
N GLN A 4 11.39 7.18 11.75
CA GLN A 4 11.51 5.95 10.98
C GLN A 4 10.44 5.86 9.90
N PRO A 5 10.82 5.51 8.66
CA PRO A 5 9.88 5.38 7.54
C PRO A 5 8.84 4.29 7.78
N PRO A 6 7.60 4.49 7.29
CA PRO A 6 6.52 3.50 7.46
C PRO A 6 6.90 2.13 6.92
N LEU A 7 6.84 1.12 7.77
CA LEU A 7 7.17 -0.24 7.38
C LEU A 7 5.90 -1.08 7.18
N VAL A 8 5.73 -1.60 5.97
CA VAL A 8 4.57 -2.43 5.65
C VAL A 8 4.90 -3.92 5.82
N THR A 9 3.98 -4.65 6.43
CA THR A 9 4.17 -6.08 6.66
C THR A 9 2.88 -6.74 7.14
N GLY A 10 1.80 -6.52 6.39
CA GLY A 10 0.52 -7.10 6.76
C GLY A 10 -0.53 -6.86 5.69
N ILE A 11 -1.40 -7.84 5.49
CA ILE A 11 -2.46 -7.74 4.49
C ILE A 11 -3.58 -8.74 4.77
N SER A 12 -4.81 -8.26 4.77
CA SER A 12 -5.96 -9.13 5.02
C SER A 12 -6.13 -10.15 3.89
N PRO A 13 -6.31 -9.70 2.63
CA PRO A 13 -6.46 -10.60 1.50
C PRO A 13 -5.12 -10.96 0.87
N ASN A 14 -4.75 -12.24 0.94
CA ASN A 14 -3.49 -12.68 0.36
C ASN A 14 -3.72 -13.31 -1.00
N GLU A 15 -4.78 -12.87 -1.68
CA GLU A 15 -5.14 -13.37 -3.00
C GLU A 15 -6.42 -12.70 -3.50
N GLY A 16 -6.38 -12.20 -4.73
CA GLY A 16 -7.55 -11.54 -5.29
C GLY A 16 -7.25 -10.81 -6.58
N ILE A 17 -8.25 -10.71 -7.45
CA ILE A 17 -8.11 -10.02 -8.73
C ILE A 17 -7.64 -8.57 -8.53
N PRO A 18 -7.11 -7.94 -9.59
CA PRO A 18 -6.61 -6.55 -9.53
C PRO A 18 -7.58 -5.57 -8.87
N TRP A 19 -8.84 -5.62 -9.26
CA TRP A 19 -9.84 -4.71 -8.71
C TRP A 19 -10.17 -5.01 -7.24
N THR A 20 -9.62 -6.10 -6.72
CA THR A 20 -9.87 -6.47 -5.33
C THR A 20 -9.13 -5.53 -4.38
N LYS A 21 -9.86 -4.96 -3.44
CA LYS A 21 -9.27 -4.05 -2.46
C LYS A 21 -8.44 -4.81 -1.43
N VAL A 22 -7.17 -4.43 -1.29
CA VAL A 22 -6.28 -5.08 -0.33
C VAL A 22 -6.00 -4.17 0.85
N THR A 23 -6.20 -4.68 2.06
CA THR A 23 -5.97 -3.92 3.28
C THR A 23 -4.49 -3.86 3.63
N ILE A 24 -3.95 -2.64 3.67
CA ILE A 24 -2.54 -2.45 4.00
C ILE A 24 -2.36 -2.39 5.51
N ARG A 25 -1.28 -2.99 6.01
CA ARG A 25 -1.00 -2.99 7.44
C ARG A 25 0.50 -2.96 7.70
N GLY A 26 0.90 -2.14 8.66
CA GLY A 26 2.31 -2.01 8.99
C GLY A 26 2.55 -1.18 10.23
N GLU A 27 3.43 -0.19 10.12
CA GLU A 27 3.74 0.68 11.25
C GLU A 27 3.98 2.12 10.79
N ASN A 28 3.31 3.06 11.44
CA ASN A 28 3.45 4.48 11.13
C ASN A 28 3.10 4.78 9.67
N LEU A 29 1.96 4.26 9.20
CA LEU A 29 1.52 4.50 7.83
C LEU A 29 0.83 5.86 7.71
N GLY A 30 1.51 6.90 8.16
CA GLY A 30 0.94 8.24 8.08
C GLY A 30 0.02 8.55 9.26
N THR A 31 0.19 9.74 9.83
CA THR A 31 -0.63 10.17 10.95
C THR A 31 -2.11 10.27 10.57
N GLY A 32 -2.38 10.79 9.37
CA GLY A 32 -3.74 10.91 8.93
C GLY A 32 -3.87 11.08 7.42
N PRO A 33 -4.99 11.62 6.94
CA PRO A 33 -5.22 11.82 5.50
C PRO A 33 -4.28 12.85 4.90
N THR A 34 -4.17 14.00 5.57
CA THR A 34 -3.30 15.07 5.11
C THR A 34 -1.85 14.63 5.02
N ASP A 35 -1.40 13.83 5.99
CA ASP A 35 -0.03 13.35 6.03
C ASP A 35 0.24 12.46 4.82
N LEU A 36 -0.67 11.53 4.55
CA LEU A 36 -0.52 10.62 3.42
C LEU A 36 -0.63 11.41 2.11
N ILE A 37 0.34 11.22 1.22
CA ILE A 37 0.34 11.91 -0.07
C ILE A 37 0.73 10.96 -1.20
N GLY A 38 1.77 10.17 -0.97
CA GLY A 38 2.21 9.22 -1.98
C GLY A 38 1.68 7.82 -1.74
N LEU A 39 1.23 7.17 -2.81
CA LEU A 39 0.70 5.82 -2.70
C LEU A 39 0.95 5.05 -4.00
N THR A 40 1.46 3.83 -3.85
CA THR A 40 1.75 2.99 -5.01
C THR A 40 1.65 1.51 -4.66
N ILE A 41 1.26 0.71 -5.65
CA ILE A 41 1.14 -0.73 -5.47
C ILE A 41 1.81 -1.44 -6.63
N CYS A 42 2.88 -2.17 -6.33
CA CYS A 42 3.63 -2.90 -7.34
C CYS A 42 4.45 -1.92 -8.20
N GLY A 43 3.87 -0.76 -8.51
CA GLY A 43 4.55 0.23 -9.30
C GLY A 43 3.64 1.38 -9.71
N HIS A 44 2.42 1.06 -10.10
CA HIS A 44 1.47 2.06 -10.51
C HIS A 44 0.84 2.76 -9.30
N ASN A 45 0.74 4.08 -9.38
CA ASN A 45 0.16 4.87 -8.29
C ASN A 45 -1.29 4.47 -8.05
N CYS A 46 -1.68 4.44 -6.78
CA CYS A 46 -3.04 4.08 -6.40
C CYS A 46 -3.53 4.97 -5.26
N LEU A 47 -3.16 6.25 -5.32
CA LEU A 47 -3.55 7.21 -4.30
C LEU A 47 -5.04 7.54 -4.40
N LEU A 48 -5.53 7.75 -5.62
CA LEU A 48 -6.94 8.09 -5.84
C LEU A 48 -7.87 7.07 -5.18
N THR A 49 -7.54 5.79 -5.31
CA THR A 49 -8.36 4.73 -4.72
C THR A 49 -8.07 4.56 -3.24
N ALA A 50 -6.80 4.70 -2.86
CA ALA A 50 -6.40 4.56 -1.47
C ALA A 50 -7.08 5.58 -0.58
N GLU A 51 -7.68 5.09 0.51
CA GLU A 51 -8.36 5.95 1.47
C GLU A 51 -7.84 5.68 2.87
N TRP A 52 -7.52 6.76 3.59
CA TRP A 52 -6.99 6.65 4.95
C TRP A 52 -8.03 6.02 5.88
N MET A 53 -7.55 5.31 6.89
CA MET A 53 -8.42 4.66 7.86
C MET A 53 -7.80 4.71 9.26
N SER A 54 -6.53 4.38 9.34
CA SER A 54 -5.80 4.38 10.61
C SER A 54 -4.29 4.37 10.37
N ALA A 55 -3.53 4.73 11.40
CA ALA A 55 -2.07 4.76 11.29
C ALA A 55 -1.49 3.35 11.31
N SER A 56 -2.19 2.41 10.69
CA SER A 56 -1.75 1.02 10.62
C SER A 56 -2.71 0.21 9.75
N LYS A 57 -3.46 0.91 8.91
CA LYS A 57 -4.42 0.28 8.01
C LYS A 57 -4.86 1.26 6.92
N ILE A 58 -4.84 0.80 5.68
CA ILE A 58 -5.23 1.64 4.55
C ILE A 58 -5.87 0.80 3.44
N VAL A 59 -7.11 1.15 3.09
CA VAL A 59 -7.83 0.44 2.04
C VAL A 59 -7.45 0.97 0.66
N CYS A 60 -7.19 0.07 -0.27
CA CYS A 60 -6.81 0.45 -1.63
C CYS A 60 -6.78 -0.77 -2.55
N ARG A 61 -7.40 -0.63 -3.71
CA ARG A 61 -7.45 -1.72 -4.69
C ARG A 61 -6.20 -1.73 -5.57
N VAL A 62 -5.63 -2.91 -5.76
CA VAL A 62 -4.44 -3.06 -6.58
C VAL A 62 -4.78 -2.86 -8.07
N GLY A 63 -4.09 -3.54 -8.97
CA GLY A 63 -4.38 -3.38 -10.38
C GLY A 63 -3.49 -4.22 -11.28
N GLN A 64 -2.17 -4.11 -11.12
CA GLN A 64 -1.24 -4.89 -11.94
C GLN A 64 0.21 -4.64 -11.52
N ALA A 65 0.98 -5.73 -11.46
CA ALA A 65 2.39 -5.64 -11.09
C ALA A 65 3.25 -5.28 -12.30
N LYS A 66 4.00 -4.18 -12.19
CA LYS A 66 4.86 -3.73 -13.29
C LYS A 66 6.19 -4.49 -13.29
N ASN A 67 6.89 -4.45 -12.16
CA ASN A 67 8.18 -5.12 -12.04
C ASN A 67 8.01 -6.64 -12.12
N ASP A 68 7.38 -7.21 -11.09
CA ASP A 68 7.15 -8.65 -11.03
C ASP A 68 6.49 -9.02 -9.71
N LYS A 69 7.09 -8.57 -8.61
CA LYS A 69 6.56 -8.85 -7.28
C LYS A 69 5.35 -7.95 -7.00
N GLY A 70 5.43 -7.14 -5.93
CA GLY A 70 4.33 -6.26 -5.58
C GLY A 70 4.55 -5.55 -4.26
N ASP A 71 5.74 -5.00 -4.08
CA ASP A 71 6.09 -4.29 -2.85
C ASP A 71 5.22 -3.04 -2.67
N ILE A 72 4.61 -2.92 -1.49
CA ILE A 72 3.76 -1.77 -1.19
C ILE A 72 4.59 -0.62 -0.65
N ILE A 73 4.29 0.60 -1.11
CA ILE A 73 5.03 1.79 -0.67
C ILE A 73 4.07 2.93 -0.32
N VAL A 74 4.43 3.67 0.72
CA VAL A 74 3.62 4.81 1.16
C VAL A 74 4.51 5.97 1.60
N THR A 75 4.24 7.15 1.06
CA THR A 75 5.02 8.34 1.37
C THR A 75 4.29 9.24 2.37
N THR A 76 5.05 9.80 3.31
CA THR A 76 4.48 10.68 4.33
C THR A 76 5.16 12.05 4.29
N LYS A 77 4.40 13.08 4.64
CA LYS A 77 4.92 14.45 4.64
C LYS A 77 6.23 14.54 5.42
N SER A 78 6.23 14.03 6.65
CA SER A 78 7.42 14.05 7.49
C SER A 78 8.49 13.10 6.93
N GLY A 79 8.09 11.84 6.75
CA GLY A 79 9.01 10.85 6.23
C GLY A 79 9.05 10.84 4.71
N GLY A 80 8.92 9.65 4.13
CA GLY A 80 8.94 9.52 2.68
C GLY A 80 8.58 8.12 2.24
N LYS A 81 9.24 7.65 1.19
CA LYS A 81 8.98 6.31 0.68
C LYS A 81 9.46 5.26 1.67
N GLY A 82 8.52 4.45 2.17
CA GLY A 82 8.87 3.42 3.14
C GLY A 82 9.33 2.15 2.47
N THR A 83 8.80 1.02 2.94
CA THR A 83 9.15 -0.29 2.40
C THR A 83 8.09 -1.32 2.75
N SER A 84 8.35 -2.56 2.36
CA SER A 84 7.41 -3.65 2.63
C SER A 84 8.04 -5.00 2.33
N THR A 85 8.03 -5.87 3.34
CA THR A 85 8.58 -7.22 3.19
C THR A 85 7.47 -8.21 2.84
N VAL A 86 6.48 -7.71 2.09
CA VAL A 86 5.34 -8.52 1.66
C VAL A 86 4.78 -7.99 0.34
N SER A 87 4.16 -8.89 -0.42
CA SER A 87 3.58 -8.51 -1.70
C SER A 87 2.28 -9.26 -1.98
N PHE A 88 1.32 -8.57 -2.58
CA PHE A 88 0.03 -9.15 -2.89
C PHE A 88 0.06 -9.89 -4.23
N LYS A 89 -0.46 -11.12 -4.23
CA LYS A 89 -0.49 -11.93 -5.45
C LYS A 89 -1.68 -11.54 -6.32
N LEU A 90 -1.39 -11.11 -7.55
CA LEU A 90 -2.44 -10.71 -8.48
C LEU A 90 -3.05 -11.93 -9.16
N LEU A 91 -4.38 -12.00 -9.17
CA LEU A 91 -5.09 -13.11 -9.78
C LEU A 91 -5.75 -12.69 -11.09
N LYS A 92 -5.79 -13.61 -12.05
CA LYS A 92 -6.40 -13.35 -13.35
C LYS A 92 -7.88 -13.01 -13.20
N PRO A 93 -8.34 -11.92 -13.84
CA PRO A 93 -9.75 -11.50 -13.78
C PRO A 93 -10.69 -12.50 -14.44
N GLU A 94 -11.80 -12.80 -13.77
CA GLU A 94 -12.79 -13.74 -14.29
C GLU A 94 -13.53 -13.15 -15.49
N LYS A 95 -12.88 -13.14 -16.64
CA LYS A 95 -13.47 -12.61 -17.87
C LYS A 95 -14.73 -13.40 -18.24
N HIS A 1 8.93 9.64 20.16
CA HIS A 1 9.70 10.90 19.98
C HIS A 1 10.48 10.91 18.67
N MET A 2 11.07 9.76 18.35
CA MET A 2 11.85 9.62 17.11
C MET A 2 10.96 9.65 15.88
N ARG A 3 11.33 8.89 14.86
CA ARG A 3 10.57 8.83 13.61
C ARG A 3 11.18 7.80 12.66
N GLN A 4 10.34 6.96 12.07
CA GLN A 4 10.80 5.94 11.14
C GLN A 4 9.83 5.79 9.97
N PRO A 5 10.37 5.57 8.76
CA PRO A 5 9.56 5.41 7.55
C PRO A 5 8.55 4.26 7.68
N PRO A 6 7.36 4.40 7.06
CA PRO A 6 6.32 3.37 7.12
C PRO A 6 6.83 2.01 6.67
N LEU A 7 6.41 0.96 7.39
CA LEU A 7 6.83 -0.39 7.06
C LEU A 7 5.62 -1.33 7.08
N VAL A 8 5.25 -1.82 5.89
CA VAL A 8 4.12 -2.73 5.77
C VAL A 8 4.55 -4.17 6.05
N THR A 9 3.69 -4.91 6.74
CA THR A 9 3.99 -6.30 7.08
C THR A 9 2.71 -7.04 7.49
N GLY A 10 1.65 -6.86 6.69
CA GLY A 10 0.39 -7.50 6.97
C GLY A 10 -0.65 -7.25 5.92
N ILE A 11 -1.45 -8.28 5.62
CA ILE A 11 -2.51 -8.17 4.63
C ILE A 11 -3.50 -9.33 4.77
N SER A 12 -4.79 -9.01 4.85
CA SER A 12 -5.82 -10.03 5.01
C SER A 12 -5.85 -10.95 3.80
N PRO A 13 -6.08 -10.41 2.57
CA PRO A 13 -6.12 -11.21 1.36
C PRO A 13 -4.75 -11.35 0.71
N ASN A 14 -4.15 -12.53 0.82
CA ASN A 14 -2.84 -12.76 0.22
C ASN A 14 -2.98 -13.30 -1.20
N GLU A 15 -4.10 -12.96 -1.84
CA GLU A 15 -4.37 -13.37 -3.21
C GLU A 15 -5.72 -12.84 -3.66
N GLY A 16 -5.74 -12.21 -4.83
CA GLY A 16 -6.98 -11.66 -5.35
C GLY A 16 -6.75 -10.72 -6.52
N ILE A 17 -7.71 -10.68 -7.45
CA ILE A 17 -7.62 -9.82 -8.62
C ILE A 17 -7.31 -8.37 -8.21
N PRO A 18 -6.67 -7.59 -9.09
CA PRO A 18 -6.30 -6.20 -8.81
C PRO A 18 -7.42 -5.38 -8.20
N TRP A 19 -8.65 -5.61 -8.64
CA TRP A 19 -9.80 -4.85 -8.13
C TRP A 19 -10.18 -5.27 -6.71
N THR A 20 -9.82 -6.49 -6.32
CA THR A 20 -10.14 -6.99 -4.99
C THR A 20 -9.57 -6.07 -3.91
N LYS A 21 -10.42 -5.65 -2.97
CA LYS A 21 -9.99 -4.79 -1.88
C LYS A 21 -9.02 -5.52 -0.96
N VAL A 22 -7.89 -4.89 -0.68
CA VAL A 22 -6.88 -5.49 0.19
C VAL A 22 -6.60 -4.60 1.39
N THR A 23 -6.74 -5.17 2.58
CA THR A 23 -6.51 -4.43 3.82
C THR A 23 -5.02 -4.24 4.07
N ILE A 24 -4.57 -3.00 4.06
CA ILE A 24 -3.17 -2.69 4.31
C ILE A 24 -2.86 -2.66 5.80
N ARG A 25 -1.75 -3.26 6.18
CA ARG A 25 -1.34 -3.31 7.58
C ARG A 25 0.17 -3.15 7.71
N GLY A 26 0.59 -2.29 8.62
CA GLY A 26 2.00 -2.05 8.81
C GLY A 26 2.29 -1.21 10.04
N GLU A 27 3.16 -0.21 9.90
CA GLU A 27 3.52 0.65 11.02
C GLU A 27 3.88 2.06 10.53
N ASN A 28 3.31 3.06 11.18
CA ASN A 28 3.58 4.46 10.86
C ASN A 28 3.21 4.82 9.42
N LEU A 29 2.02 4.39 8.97
CA LEU A 29 1.57 4.70 7.61
C LEU A 29 0.98 6.10 7.54
N GLY A 30 1.74 7.08 8.03
CA GLY A 30 1.28 8.46 8.01
C GLY A 30 0.21 8.72 9.07
N THR A 31 0.44 9.73 9.89
CA THR A 31 -0.51 10.08 10.95
C THR A 31 -1.53 11.11 10.47
N GLY A 32 -2.03 10.93 9.27
CA GLY A 32 -3.01 11.86 8.72
C GLY A 32 -3.32 11.60 7.26
N PRO A 33 -4.58 11.82 6.82
CA PRO A 33 -4.98 11.62 5.43
C PRO A 33 -4.13 12.44 4.47
N THR A 34 -3.96 13.71 4.81
CA THR A 34 -3.16 14.63 4.00
C THR A 34 -1.72 14.17 3.91
N ASP A 35 -1.21 13.60 5.00
CA ASP A 35 0.16 13.11 5.04
C ASP A 35 0.42 12.10 3.93
N LEU A 36 -0.59 11.29 3.63
CA LEU A 36 -0.48 10.26 2.59
C LEU A 36 -0.56 10.92 1.20
N ILE A 37 0.40 11.80 0.91
CA ILE A 37 0.43 12.48 -0.38
C ILE A 37 0.77 11.51 -1.51
N GLY A 38 1.71 10.61 -1.25
CA GLY A 38 2.11 9.64 -2.26
C GLY A 38 1.67 8.23 -1.95
N LEU A 39 1.23 7.51 -2.97
CA LEU A 39 0.79 6.13 -2.80
C LEU A 39 1.08 5.33 -4.07
N THR A 40 1.68 4.15 -3.89
CA THR A 40 2.02 3.28 -5.02
C THR A 40 1.99 1.81 -4.63
N ILE A 41 1.49 0.99 -5.55
CA ILE A 41 1.42 -0.45 -5.35
C ILE A 41 1.85 -1.16 -6.62
N CYS A 42 2.82 -2.06 -6.50
CA CYS A 42 3.33 -2.79 -7.64
C CYS A 42 3.86 -1.83 -8.70
N GLY A 43 4.49 -0.76 -8.22
CA GLY A 43 5.05 0.25 -9.11
C GLY A 43 3.98 1.00 -9.89
N HIS A 44 2.77 1.06 -9.33
CA HIS A 44 1.67 1.77 -9.97
C HIS A 44 0.97 2.68 -8.98
N ASN A 45 0.86 3.97 -9.31
CA ASN A 45 0.20 4.92 -8.43
C ASN A 45 -1.27 4.56 -8.24
N CYS A 46 -1.74 4.67 -7.00
CA CYS A 46 -3.13 4.36 -6.69
C CYS A 46 -3.64 5.23 -5.54
N LEU A 47 -3.23 6.50 -5.55
CA LEU A 47 -3.63 7.44 -4.51
C LEU A 47 -5.12 7.79 -4.62
N LEU A 48 -5.58 8.04 -5.84
CA LEU A 48 -6.97 8.39 -6.08
C LEU A 48 -7.92 7.40 -5.41
N THR A 49 -7.62 6.11 -5.54
CA THR A 49 -8.44 5.06 -4.96
C THR A 49 -8.12 4.89 -3.48
N ALA A 50 -6.84 5.00 -3.13
CA ALA A 50 -6.40 4.84 -1.75
C ALA A 50 -7.05 5.87 -0.84
N GLU A 51 -7.60 5.39 0.28
CA GLU A 51 -8.24 6.25 1.26
C GLU A 51 -7.66 6.01 2.64
N TRP A 52 -7.27 7.09 3.32
CA TRP A 52 -6.70 6.99 4.65
C TRP A 52 -7.73 6.46 5.63
N MET A 53 -7.28 5.68 6.61
CA MET A 53 -8.17 5.11 7.62
C MET A 53 -7.53 5.15 9.00
N SER A 54 -6.26 4.74 9.07
CA SER A 54 -5.52 4.72 10.33
C SER A 54 -4.03 4.60 10.08
N ALA A 55 -3.22 4.97 11.07
CA ALA A 55 -1.77 4.89 10.95
C ALA A 55 -1.27 3.46 11.01
N SER A 56 -2.13 2.52 10.59
CA SER A 56 -1.81 1.10 10.58
C SER A 56 -2.86 0.34 9.79
N LYS A 57 -3.61 1.06 8.96
CA LYS A 57 -4.65 0.47 8.14
C LYS A 57 -5.08 1.43 7.04
N ILE A 58 -5.14 0.93 5.81
CA ILE A 58 -5.53 1.76 4.67
C ILE A 58 -6.25 0.92 3.61
N VAL A 59 -7.50 1.25 3.33
CA VAL A 59 -8.28 0.55 2.32
C VAL A 59 -8.00 1.10 0.93
N CYS A 60 -7.80 0.21 -0.04
CA CYS A 60 -7.52 0.63 -1.40
C CYS A 60 -7.55 -0.56 -2.36
N ARG A 61 -7.87 -0.29 -3.62
CA ARG A 61 -7.92 -1.34 -4.63
C ARG A 61 -6.52 -1.58 -5.18
N VAL A 62 -6.17 -2.86 -5.32
CA VAL A 62 -4.85 -3.24 -5.81
C VAL A 62 -4.57 -2.64 -7.18
N GLY A 63 -3.36 -2.11 -7.34
CA GLY A 63 -2.96 -1.52 -8.61
C GLY A 63 -2.80 -2.57 -9.69
N GLN A 64 -1.56 -2.81 -10.11
CA GLN A 64 -1.26 -3.80 -11.14
C GLN A 64 0.23 -4.10 -11.17
N ALA A 65 0.56 -5.38 -11.35
CA ALA A 65 1.94 -5.83 -11.37
C ALA A 65 2.73 -5.19 -12.52
N LYS A 66 3.13 -3.93 -12.34
CA LYS A 66 3.88 -3.21 -13.35
C LYS A 66 5.26 -3.83 -13.53
N ASN A 67 5.97 -4.01 -12.42
CA ASN A 67 7.31 -4.60 -12.45
C ASN A 67 7.24 -6.11 -12.62
N ASP A 68 6.81 -6.80 -11.58
CA ASP A 68 6.68 -8.26 -11.61
C ASP A 68 6.22 -8.80 -10.26
N LYS A 69 6.84 -8.34 -9.17
CA LYS A 69 6.49 -8.78 -7.83
C LYS A 69 5.21 -8.09 -7.35
N GLY A 70 5.28 -7.40 -6.21
CA GLY A 70 4.12 -6.72 -5.68
C GLY A 70 4.40 -6.02 -4.36
N ASP A 71 5.56 -5.38 -4.25
CA ASP A 71 5.94 -4.68 -3.03
C ASP A 71 5.03 -3.48 -2.78
N ILE A 72 4.51 -3.37 -1.57
CA ILE A 72 3.64 -2.27 -1.20
C ILE A 72 4.47 -1.05 -0.77
N ILE A 73 4.14 0.11 -1.30
CA ILE A 73 4.87 1.33 -0.98
C ILE A 73 3.92 2.44 -0.54
N VAL A 74 4.33 3.20 0.48
CA VAL A 74 3.53 4.30 1.00
C VAL A 74 4.41 5.50 1.33
N THR A 75 4.13 6.62 0.68
CA THR A 75 4.89 7.84 0.92
C THR A 75 4.22 8.71 1.98
N THR A 76 5.02 9.36 2.82
CA THR A 76 4.51 10.21 3.88
C THR A 76 5.31 11.50 3.98
N LYS A 77 4.59 12.62 4.12
CA LYS A 77 5.23 13.93 4.22
C LYS A 77 6.24 13.95 5.36
N SER A 78 5.82 13.52 6.54
CA SER A 78 6.70 13.49 7.71
C SER A 78 7.79 12.46 7.51
N GLY A 79 7.39 11.22 7.23
CA GLY A 79 8.34 10.15 7.01
C GLY A 79 8.93 10.19 5.62
N GLY A 80 8.83 9.09 4.89
CA GLY A 80 9.37 9.03 3.55
C GLY A 80 8.87 7.82 2.78
N LYS A 81 9.75 7.22 1.98
CA LYS A 81 9.39 6.05 1.20
C LYS A 81 9.02 4.88 2.10
N GLY A 82 7.86 4.27 1.84
CA GLY A 82 7.43 3.14 2.64
C GLY A 82 8.04 1.83 2.19
N THR A 83 8.62 1.09 3.13
CA THR A 83 9.24 -0.20 2.82
C THR A 83 8.36 -1.35 3.28
N SER A 84 8.40 -2.47 2.57
CA SER A 84 7.60 -3.63 2.93
C SER A 84 8.23 -4.92 2.44
N THR A 85 8.38 -5.87 3.35
CA THR A 85 8.95 -7.18 3.03
C THR A 85 7.92 -8.05 2.33
N VAL A 86 6.65 -7.86 2.71
CA VAL A 86 5.55 -8.63 2.14
C VAL A 86 5.06 -8.01 0.84
N SER A 87 4.58 -8.85 -0.07
CA SER A 87 4.08 -8.39 -1.35
C SER A 87 2.81 -9.16 -1.74
N PHE A 88 1.85 -8.45 -2.31
CA PHE A 88 0.59 -9.05 -2.71
C PHE A 88 0.69 -9.68 -4.09
N LYS A 89 0.22 -10.91 -4.22
CA LYS A 89 0.24 -11.62 -5.49
C LYS A 89 -0.97 -11.26 -6.33
N LEU A 90 -0.72 -10.74 -7.53
CA LEU A 90 -1.80 -10.35 -8.44
C LEU A 90 -2.41 -11.56 -9.13
N LEU A 91 -3.74 -11.64 -9.11
CA LEU A 91 -4.45 -12.75 -9.76
C LEU A 91 -5.15 -12.26 -11.02
N LYS A 92 -5.06 -13.05 -12.08
CA LYS A 92 -5.69 -12.70 -13.36
C LYS A 92 -7.22 -12.59 -13.20
N PRO A 93 -7.80 -11.47 -13.66
CA PRO A 93 -9.25 -11.24 -13.55
C PRO A 93 -10.06 -12.35 -14.24
N GLU A 94 -11.05 -12.87 -13.53
CA GLU A 94 -11.91 -13.91 -14.09
C GLU A 94 -12.82 -13.34 -15.16
N LYS A 95 -12.63 -13.79 -16.40
CA LYS A 95 -13.44 -13.32 -17.52
C LYS A 95 -13.11 -14.09 -18.79
#